data_2W75
#
_entry.id   2W75
#
_cell.length_a   193.794
_cell.length_b   129.526
_cell.length_c   140.952
_cell.angle_alpha   90.00
_cell.angle_beta   130.57
_cell.angle_gamma   90.00
#
_symmetry.space_group_name_H-M   'C 1 2 1'
#
loop_
_entity.id
_entity.type
_entity.pdbx_description
1 polymer 'FERRIPYOVERDINE RECEPTOR'
2 non-polymer 3,6,9,12,15-PENTAOXATRICOSAN-1-OL
3 non-polymer 'PHOSPHATE ION'
#
_entity_poly.entity_id   1
_entity_poly.type   'polypeptide(L)'
_entity_poly.pdbx_seq_one_letter_code
;QEVEFDIPPQALGSALQEFGRQADIQVLYRPEEVRNKRSSAIKGKLEPNQAITELLRGTGASVDFQGNAITISVAEAADS
SVDLGATMITSNQLGTITEDSGSYTPGTIATATRLVLTPRETPQSITVVTRQNMDDFGLNNIDDVMRHTPGITVSAYDTD
RNNYYARGFSINNFQYDGIPSTARNVGYSAGNTLSDMAIYDRVEVLKGATGLLTGAGSLGATINLIRKKPTHEFKGHVEL
GAGSWDNYRSELDVSGPLTESGNVRGRAVAAYQDKHSFMDHYERKTSVYYGILEFDLNPDTMLTVGADYQDNDPKGSGWS
GSFPLFDSQGNRNDVSRSFNNGAKWSSWEQYTRTVFANLEHNFANGWVGKVQLDHKINGYHAPLGAIMGDWPAPDNSAKI
VAQKYTGETKSNSLDIYLTGPFQFLGREHELVVGTSASFSHWEGKSYWNLRNYDNTTDDFINWDGDIGKPDWGTPSQYID
DKTRQLGSYMTARFNVTDDLNLFLGGRVVDYRVTGLNPTIRESGRFIPYVGAVYDLNDTYSVYASYTDIFMPQDSWYRDS
SNKLLEPDEGQNYEIGIKGEYLDGRLNTSLAYFEIHEENRAEEDALYNSKPTNPAITYAYKGIKAKTKGYEAEISGELAP
GWQVQAGYTHKIIRDDSGKKVSTWEPQDQLSLYTSYKFKGALDKLTVGGGARWQGKSWQMVYNNPRSRWEKFSQEDYWLV
DLMARYQITDKLSASVNVNNVFDKTYYTNIGFYTSASYGDPRNLMFSTRWDF
;
_entity_poly.pdbx_strand_id   A,B
#
# COMPACT_ATOMS: atom_id res chain seq x y z
N GLN A 1 7.65 -25.74 -2.00
CA GLN A 1 9.02 -25.58 -2.58
C GLN A 1 10.03 -26.43 -1.78
N GLU A 2 11.31 -26.42 -2.20
CA GLU A 2 12.28 -27.42 -1.75
C GLU A 2 12.47 -27.59 -0.21
N VAL A 3 11.79 -28.56 0.40
CA VAL A 3 11.99 -28.91 1.84
C VAL A 3 13.14 -29.89 2.17
N GLU A 4 13.67 -29.80 3.41
CA GLU A 4 14.69 -30.74 3.96
C GLU A 4 14.08 -32.05 4.47
N PHE A 5 14.35 -33.18 3.84
CA PHE A 5 13.77 -34.43 4.34
C PHE A 5 14.69 -35.40 5.03
N ASP A 6 14.09 -36.26 5.86
CA ASP A 6 14.78 -37.36 6.53
C ASP A 6 13.78 -38.43 7.02
N ILE A 7 13.24 -39.27 6.13
CA ILE A 7 12.37 -40.38 6.58
C ILE A 7 12.94 -41.80 6.34
N PRO A 8 13.45 -42.44 7.43
CA PRO A 8 13.97 -43.78 7.22
C PRO A 8 12.87 -44.82 6.97
N PRO A 9 13.24 -45.98 6.40
CA PRO A 9 12.20 -46.98 6.08
C PRO A 9 11.51 -47.53 7.35
N GLN A 10 10.19 -47.62 7.30
CA GLN A 10 9.35 -48.00 8.44
C GLN A 10 7.97 -48.32 7.92
N ALA A 11 7.08 -48.75 8.81
CA ALA A 11 5.64 -48.91 8.47
C ALA A 11 5.21 -47.77 7.59
N LEU A 12 4.47 -48.07 6.52
CA LEU A 12 4.04 -47.02 5.61
C LEU A 12 3.18 -45.98 6.31
N GLY A 13 2.37 -46.39 7.28
CA GLY A 13 1.61 -45.46 8.12
C GLY A 13 2.55 -44.46 8.78
N SER A 14 3.52 -44.97 9.52
CA SER A 14 4.43 -44.10 10.18
C SER A 14 5.09 -43.23 9.18
N ALA A 15 5.41 -43.74 8.02
CA ALA A 15 6.13 -42.84 7.12
C ALA A 15 5.26 -41.65 6.72
N LEU A 16 4.00 -41.94 6.41
CA LEU A 16 3.06 -40.96 5.95
C LEU A 16 2.79 -39.92 7.01
N GLN A 17 2.64 -40.35 8.26
CA GLN A 17 2.53 -39.38 9.34
C GLN A 17 3.80 -38.59 9.46
N GLU A 18 4.96 -39.24 9.36
CA GLU A 18 6.23 -38.51 9.45
C GLU A 18 6.35 -37.53 8.28
N PHE A 19 5.91 -37.92 7.09
CA PHE A 19 5.98 -37.04 5.92
C PHE A 19 5.14 -35.75 6.11
N GLY A 20 3.89 -35.93 6.54
CA GLY A 20 2.93 -34.82 6.68
C GLY A 20 3.54 -33.69 7.48
N ARG A 21 4.14 -34.12 8.59
CA ARG A 21 4.84 -33.25 9.52
C ARG A 21 6.01 -32.51 8.81
N GLN A 22 7.07 -33.23 8.43
CA GLN A 22 8.20 -32.65 7.65
C GLN A 22 7.82 -31.81 6.42
N ALA A 23 6.72 -32.14 5.74
CA ALA A 23 6.36 -31.45 4.49
C ALA A 23 5.43 -30.25 4.69
N ASP A 24 4.91 -30.10 5.90
CA ASP A 24 3.82 -29.15 6.22
C ASP A 24 2.60 -29.39 5.36
N ILE A 25 2.25 -30.67 5.19
CA ILE A 25 1.18 -31.04 4.29
C ILE A 25 0.28 -32.03 5.01
N GLN A 26 -1.00 -32.04 4.67
CA GLN A 26 -1.74 -33.10 5.22
C GLN A 26 -1.82 -34.34 4.35
N VAL A 27 -1.49 -35.46 5.03
CA VAL A 27 -1.49 -36.75 4.36
C VAL A 27 -2.68 -37.54 4.86
N LEU A 28 -3.49 -38.04 3.93
CA LEU A 28 -4.64 -38.89 4.25
C LEU A 28 -4.38 -40.21 3.58
N TYR A 29 -4.56 -41.32 4.30
CA TYR A 29 -4.42 -42.67 3.70
C TYR A 29 -5.40 -43.56 4.45
N ARG A 30 -5.79 -44.67 3.82
CA ARG A 30 -6.66 -45.66 4.42
C ARG A 30 -5.83 -46.78 5.08
N PRO A 31 -6.01 -46.93 6.39
CA PRO A 31 -5.22 -47.88 7.18
C PRO A 31 -5.17 -49.27 6.55
N GLU A 32 -6.32 -49.86 6.24
CA GLU A 32 -6.25 -51.23 5.73
C GLU A 32 -5.45 -51.31 4.43
N GLU A 33 -5.24 -50.19 3.76
CA GLU A 33 -4.45 -50.23 2.51
C GLU A 33 -2.92 -50.26 2.69
N VAL A 34 -2.44 -49.62 3.75
CA VAL A 34 -1.02 -49.40 3.97
C VAL A 34 -0.41 -50.28 5.04
N ARG A 35 -1.08 -51.37 5.41
CA ARG A 35 -0.86 -51.93 6.74
C ARG A 35 0.23 -52.96 6.76
N ASN A 36 0.56 -53.45 5.61
CA ASN A 36 1.50 -54.55 5.61
C ASN A 36 2.49 -54.12 4.58
N LYS A 37 2.79 -52.83 4.58
CA LYS A 37 3.75 -52.23 3.64
C LYS A 37 4.75 -51.35 4.40
N ARG A 38 5.91 -51.08 3.78
CA ARG A 38 6.93 -50.14 4.34
C ARG A 38 7.35 -49.03 3.34
N SER A 39 7.88 -47.92 3.86
CA SER A 39 8.32 -46.85 3.01
C SER A 39 9.68 -47.16 2.44
N SER A 40 10.00 -46.62 1.27
CA SER A 40 11.37 -46.61 0.84
C SER A 40 12.10 -45.35 1.39
N ALA A 41 13.42 -45.42 1.62
CA ALA A 41 14.19 -44.35 2.36
C ALA A 41 14.25 -43.04 1.60
N ILE A 42 14.09 -41.90 2.27
CA ILE A 42 14.41 -40.59 1.63
C ILE A 42 15.27 -39.71 2.53
N LYS A 43 16.25 -39.03 1.93
CA LYS A 43 17.14 -38.14 2.66
C LYS A 43 17.56 -36.93 1.81
N GLY A 44 17.37 -35.72 2.37
CA GLY A 44 17.96 -34.48 1.82
C GLY A 44 16.96 -33.39 1.42
N LYS A 45 17.49 -32.23 1.00
CA LYS A 45 16.70 -31.16 0.41
C LYS A 45 16.03 -31.66 -0.89
N LEU A 46 14.69 -31.67 -0.91
CA LEU A 46 13.88 -32.11 -2.06
C LEU A 46 12.60 -31.32 -2.20
N GLU A 47 11.99 -31.39 -3.37
CA GLU A 47 10.64 -30.84 -3.55
C GLU A 47 9.62 -31.96 -3.15
N PRO A 48 8.57 -31.60 -2.39
CA PRO A 48 7.70 -32.56 -1.75
C PRO A 48 7.03 -33.53 -2.71
N ASN A 49 6.68 -33.09 -3.93
CA ASN A 49 6.14 -34.01 -4.91
C ASN A 49 7.20 -35.04 -5.38
N GLN A 50 8.44 -34.63 -5.61
CA GLN A 50 9.47 -35.63 -5.90
C GLN A 50 9.63 -36.54 -4.67
N ALA A 51 10.00 -35.95 -3.53
CA ALA A 51 10.00 -36.63 -2.24
C ALA A 51 8.93 -37.74 -2.00
N ILE A 52 7.66 -37.46 -2.26
CA ILE A 52 6.66 -38.44 -1.85
C ILE A 52 6.70 -39.65 -2.77
N THR A 53 6.83 -39.47 -4.09
CA THR A 53 6.85 -40.64 -4.99
C THR A 53 8.10 -41.52 -4.73
N GLU A 54 9.15 -40.90 -4.21
CA GLU A 54 10.36 -41.62 -3.84
C GLU A 54 10.10 -42.43 -2.56
N LEU A 55 9.35 -41.84 -1.63
CA LEU A 55 8.93 -42.52 -0.41
C LEU A 55 8.00 -43.71 -0.72
N LEU A 56 7.18 -43.56 -1.75
CA LEU A 56 6.21 -44.58 -2.05
C LEU A 56 6.70 -45.70 -2.98
N ARG A 57 7.95 -45.58 -3.42
CA ARG A 57 8.58 -46.52 -4.33
C ARG A 57 8.47 -47.91 -3.73
N GLY A 58 7.92 -48.82 -4.51
CA GLY A 58 7.80 -50.19 -4.08
C GLY A 58 6.49 -50.55 -3.40
N THR A 59 5.67 -49.57 -3.03
CA THR A 59 4.44 -49.77 -2.24
C THR A 59 3.15 -49.96 -3.05
N GLY A 60 3.21 -49.63 -4.33
CA GLY A 60 2.03 -49.71 -5.21
C GLY A 60 0.95 -48.68 -4.94
N ALA A 61 1.31 -47.54 -4.39
CA ALA A 61 0.33 -46.51 -4.10
C ALA A 61 0.45 -45.29 -5.02
N SER A 62 -0.67 -44.56 -5.14
CA SER A 62 -0.80 -43.38 -6.03
C SER A 62 -0.97 -42.20 -5.15
N VAL A 63 -0.62 -41.03 -5.64
CA VAL A 63 -0.75 -39.83 -4.82
C VAL A 63 -1.78 -39.03 -5.55
N ASP A 64 -2.71 -38.43 -4.81
CA ASP A 64 -3.62 -37.39 -5.32
C ASP A 64 -3.24 -35.98 -4.78
N PHE A 65 -2.59 -35.17 -5.60
CA PHE A 65 -2.23 -33.82 -5.10
C PHE A 65 -3.47 -32.90 -4.94
N GLN A 66 -3.75 -32.47 -3.73
CA GLN A 66 -4.85 -31.54 -3.53
C GLN A 66 -4.54 -30.34 -2.60
N GLY A 67 -3.83 -29.35 -3.13
CA GLY A 67 -3.61 -28.08 -2.43
C GLY A 67 -2.71 -28.33 -1.26
N ASN A 68 -3.18 -28.03 -0.05
CA ASN A 68 -2.36 -28.38 1.11
C ASN A 68 -2.61 -29.83 1.62
N ALA A 69 -3.13 -30.69 0.75
CA ALA A 69 -3.27 -32.07 1.16
C ALA A 69 -2.85 -33.01 0.03
N ILE A 70 -2.33 -34.18 0.46
CA ILE A 70 -2.16 -35.29 -0.46
C ILE A 70 -3.00 -36.49 0.08
N THR A 71 -3.77 -37.13 -0.78
CA THR A 71 -4.32 -38.37 -0.34
C THR A 71 -3.66 -39.49 -1.09
N ILE A 72 -3.28 -40.51 -0.34
CA ILE A 72 -2.61 -41.73 -0.82
C ILE A 72 -3.65 -42.84 -1.00
N SER A 73 -3.64 -43.53 -2.15
CA SER A 73 -4.61 -44.61 -2.41
C SER A 73 -3.85 -45.82 -2.90
N VAL A 74 -4.37 -47.03 -2.76
CA VAL A 74 -3.66 -48.21 -3.35
C VAL A 74 -4.63 -48.91 -4.28
N ALA A 75 -4.54 -48.60 -5.56
CA ALA A 75 -5.46 -49.17 -6.53
C ALA A 75 -5.28 -50.72 -6.79
N GLU A 76 -6.39 -51.45 -6.96
CA GLU A 76 -6.37 -52.90 -7.26
C GLU A 76 -6.92 -53.12 -8.65
N ALA A 77 -6.61 -54.23 -9.32
CA ALA A 77 -7.20 -54.50 -10.61
C ALA A 77 -8.67 -54.81 -10.44
N ALA A 78 -9.04 -55.20 -9.21
CA ALA A 78 -10.45 -55.44 -8.79
C ALA A 78 -11.36 -54.15 -8.65
N ASP A 79 -11.86 -53.81 -7.46
CA ASP A 79 -12.84 -52.69 -7.25
C ASP A 79 -14.25 -52.99 -7.77
N SER A 80 -15.25 -52.87 -6.90
CA SER A 80 -16.62 -53.34 -7.25
C SER A 80 -17.65 -52.19 -7.25
N SER A 81 -17.10 -51.00 -6.97
CA SER A 81 -17.78 -49.72 -6.77
C SER A 81 -17.04 -49.15 -5.54
N VAL A 82 -16.98 -47.83 -5.45
CA VAL A 82 -15.97 -47.26 -4.61
C VAL A 82 -16.54 -46.84 -3.25
N ASP A 83 -15.68 -46.77 -2.24
CA ASP A 83 -16.03 -46.41 -0.88
C ASP A 83 -15.63 -44.94 -0.72
N LEU A 84 -16.46 -44.02 -1.20
CA LEU A 84 -16.04 -42.64 -1.28
C LEU A 84 -15.70 -42.06 0.05
N GLY A 85 -16.49 -42.42 1.07
CA GLY A 85 -16.20 -42.04 2.43
C GLY A 85 -15.57 -43.12 3.30
N ALA A 86 -14.61 -43.89 2.76
CA ALA A 86 -13.80 -44.84 3.53
C ALA A 86 -13.02 -44.20 4.68
N THR A 87 -12.86 -44.92 5.79
CA THR A 87 -12.06 -44.48 6.95
C THR A 87 -10.68 -43.98 6.51
N MET A 88 -10.37 -42.74 6.86
CA MET A 88 -9.09 -42.18 6.49
C MET A 88 -8.36 -41.62 7.69
N ILE A 89 -7.13 -42.09 7.86
CA ILE A 89 -6.30 -41.62 8.94
C ILE A 89 -5.49 -40.52 8.35
N THR A 90 -5.15 -39.56 9.18
CA THR A 90 -4.79 -38.26 8.78
C THR A 90 -3.52 -37.83 9.52
N SER A 91 -2.72 -36.95 8.97
CA SER A 91 -1.47 -36.54 9.66
C SER A 91 -1.56 -35.26 10.48
N ASN A 92 -2.61 -34.45 10.30
CA ASN A 92 -2.87 -33.29 11.14
C ASN A 92 -4.28 -33.30 11.79
N GLN A 93 -4.31 -33.38 13.13
CA GLN A 93 -5.51 -33.60 13.91
C GLN A 93 -6.51 -32.47 13.88
N LEU A 94 -6.10 -31.31 13.37
CA LEU A 94 -7.06 -30.18 13.33
C LEU A 94 -7.68 -29.94 11.94
N GLY A 95 -7.15 -30.65 10.94
CA GLY A 95 -7.61 -30.44 9.58
C GLY A 95 -6.47 -30.02 8.67
N THR A 96 -6.83 -29.68 7.41
CA THR A 96 -5.93 -29.14 6.42
C THR A 96 -5.72 -27.66 6.63
N ILE A 97 -4.49 -27.18 6.47
CA ILE A 97 -4.22 -25.75 6.68
C ILE A 97 -4.75 -24.97 5.46
N THR A 98 -5.47 -23.86 5.68
CA THR A 98 -5.95 -23.07 4.56
C THR A 98 -4.90 -22.03 4.10
N GLU A 99 -4.06 -21.51 4.99
CA GLU A 99 -2.96 -20.64 4.54
C GLU A 99 -2.32 -21.16 3.23
N ASP A 100 -2.23 -20.31 2.22
CA ASP A 100 -1.72 -20.66 0.85
C ASP A 100 -2.57 -21.64 0.03
N SER A 101 -3.74 -21.99 0.52
CA SER A 101 -4.55 -22.84 -0.30
C SER A 101 -5.00 -22.17 -1.58
N GLY A 102 -5.17 -20.83 -1.54
CA GLY A 102 -5.72 -20.10 -2.67
C GLY A 102 -7.24 -20.23 -2.77
N SER A 103 -7.89 -20.67 -1.70
CA SER A 103 -9.26 -21.17 -1.74
C SER A 103 -10.18 -20.62 -0.64
N TYR A 104 -11.48 -20.58 -0.94
CA TYR A 104 -12.50 -20.16 0.01
C TYR A 104 -13.29 -21.37 0.55
N THR A 105 -12.83 -22.58 0.28
CA THR A 105 -13.45 -23.81 0.79
C THR A 105 -12.46 -24.57 1.68
N PRO A 106 -12.94 -25.16 2.75
CA PRO A 106 -11.97 -25.81 3.61
C PRO A 106 -11.54 -27.12 3.02
N GLY A 107 -10.60 -27.81 3.64
CA GLY A 107 -10.06 -29.05 3.18
C GLY A 107 -10.70 -30.11 4.06
N THR A 108 -10.21 -30.31 5.29
CA THR A 108 -10.79 -31.32 6.19
C THR A 108 -10.90 -30.67 7.51
N ILE A 109 -11.79 -31.18 8.34
CA ILE A 109 -12.20 -30.44 9.49
C ILE A 109 -12.39 -31.44 10.65
N ALA A 110 -12.19 -31.01 11.91
CA ALA A 110 -12.35 -31.90 13.04
C ALA A 110 -13.36 -31.36 14.07
N THR A 111 -14.06 -30.29 13.69
CA THR A 111 -14.98 -29.59 14.57
C THR A 111 -16.17 -30.49 15.00
N ALA A 112 -16.53 -31.45 14.16
CA ALA A 112 -17.72 -32.22 14.47
C ALA A 112 -17.45 -33.19 15.60
N THR A 113 -16.47 -34.10 15.48
CA THR A 113 -16.47 -35.28 16.35
C THR A 113 -15.10 -35.58 16.91
N ARG A 114 -14.11 -34.78 16.49
CA ARG A 114 -12.65 -34.92 16.76
C ARG A 114 -12.00 -35.71 15.62
N LEU A 115 -12.83 -36.46 14.87
CA LEU A 115 -12.39 -37.22 13.69
C LEU A 115 -12.13 -36.31 12.50
N VAL A 116 -10.95 -36.42 11.88
CA VAL A 116 -10.63 -35.60 10.70
C VAL A 116 -11.43 -35.97 9.43
N LEU A 117 -12.38 -35.11 9.09
CA LEU A 117 -13.35 -35.40 8.00
C LEU A 117 -13.54 -34.24 7.06
N THR A 118 -13.98 -34.56 5.84
CA THR A 118 -14.24 -33.51 4.82
C THR A 118 -15.63 -33.02 5.08
N PRO A 119 -15.96 -31.79 4.68
CA PRO A 119 -17.37 -31.30 4.77
C PRO A 119 -18.36 -32.34 4.20
N ARG A 120 -18.03 -32.94 3.07
CA ARG A 120 -18.97 -33.93 2.52
C ARG A 120 -19.20 -35.13 3.50
N GLU A 121 -18.17 -35.45 4.30
CA GLU A 121 -18.22 -36.57 5.24
C GLU A 121 -18.90 -36.23 6.61
N THR A 122 -19.19 -34.96 6.86
CA THR A 122 -19.60 -34.52 8.18
C THR A 122 -21.12 -34.34 8.23
N PRO A 123 -21.81 -35.02 9.14
CA PRO A 123 -23.27 -34.94 9.07
C PRO A 123 -23.84 -33.81 9.87
N GLN A 124 -23.22 -32.65 9.73
CA GLN A 124 -23.71 -31.41 10.34
C GLN A 124 -23.46 -30.24 9.37
N SER A 125 -24.05 -29.09 9.67
CA SER A 125 -23.80 -27.95 8.84
C SER A 125 -22.50 -27.35 9.29
N ILE A 126 -21.45 -27.36 8.47
CA ILE A 126 -20.15 -26.77 8.89
C ILE A 126 -19.72 -25.68 7.88
N THR A 127 -19.67 -24.40 8.30
CA THR A 127 -19.15 -23.33 7.42
C THR A 127 -17.73 -22.92 7.86
N VAL A 128 -16.83 -22.60 6.95
CA VAL A 128 -15.47 -22.17 7.34
C VAL A 128 -15.05 -20.89 6.60
N VAL A 129 -14.52 -19.88 7.33
CA VAL A 129 -13.90 -18.77 6.63
C VAL A 129 -12.44 -19.02 6.56
N THR A 130 -11.91 -19.14 5.35
CA THR A 130 -10.50 -19.50 5.16
C THR A 130 -9.57 -18.30 5.21
N ARG A 131 -8.29 -18.57 5.46
CA ARG A 131 -7.20 -17.60 5.46
C ARG A 131 -7.19 -16.66 4.27
N GLN A 132 -7.42 -17.16 3.05
CA GLN A 132 -7.46 -16.27 1.89
C GLN A 132 -8.64 -15.35 1.83
N ASN A 133 -9.83 -15.87 2.20
CA ASN A 133 -11.08 -15.06 2.38
C ASN A 133 -10.75 -13.87 3.30
N MET A 134 -10.11 -14.20 4.44
CA MET A 134 -9.75 -13.22 5.41
C MET A 134 -8.81 -12.16 4.80
N ASP A 135 -7.77 -12.61 4.13
CA ASP A 135 -6.83 -11.71 3.48
C ASP A 135 -7.49 -10.84 2.40
N ASP A 136 -8.39 -11.42 1.57
CA ASP A 136 -8.87 -10.70 0.41
C ASP A 136 -9.77 -9.56 0.82
N PHE A 137 -10.63 -9.86 1.80
CA PHE A 137 -11.61 -8.92 2.28
C PHE A 137 -11.23 -8.16 3.53
N GLY A 138 -9.99 -8.30 3.97
CA GLY A 138 -9.49 -7.52 5.13
C GLY A 138 -10.24 -7.79 6.43
N LEU A 139 -10.67 -9.01 6.60
CA LEU A 139 -11.35 -9.36 7.80
C LEU A 139 -10.35 -9.47 8.95
N ASN A 140 -10.17 -8.42 9.73
CA ASN A 140 -9.07 -8.47 10.66
C ASN A 140 -9.45 -8.88 12.08
N ASN A 141 -10.73 -9.11 12.34
CA ASN A 141 -11.07 -9.64 13.64
C ASN A 141 -12.28 -10.51 13.58
N ILE A 142 -12.71 -10.99 14.72
CA ILE A 142 -13.74 -11.99 14.71
C ILE A 142 -15.08 -11.38 14.32
N ASP A 143 -15.30 -10.10 14.67
CA ASP A 143 -16.48 -9.38 14.20
C ASP A 143 -16.52 -9.29 12.68
N ASP A 144 -15.43 -8.87 12.05
CA ASP A 144 -15.36 -8.86 10.57
C ASP A 144 -15.68 -10.24 9.93
N VAL A 145 -15.11 -11.31 10.53
CA VAL A 145 -15.32 -12.67 10.06
C VAL A 145 -16.75 -13.11 10.21
N MET A 146 -17.40 -12.83 11.36
CA MET A 146 -18.84 -13.17 11.51
C MET A 146 -19.67 -12.38 10.52
N ARG A 147 -19.46 -11.08 10.38
CA ARG A 147 -20.21 -10.37 9.32
C ARG A 147 -20.13 -11.02 7.95
N HIS A 148 -18.99 -11.69 7.63
CA HIS A 148 -18.78 -12.45 6.33
C HIS A 148 -19.11 -13.94 6.35
N THR A 149 -19.72 -14.40 7.43
CA THR A 149 -20.02 -15.81 7.58
C THR A 149 -21.46 -16.13 7.24
N PRO A 150 -21.65 -16.84 6.13
CA PRO A 150 -23.01 -17.10 5.69
C PRO A 150 -23.82 -17.74 6.84
N GLY A 151 -24.99 -17.18 7.15
CA GLY A 151 -25.88 -17.79 8.15
C GLY A 151 -25.74 -17.19 9.53
N ILE A 152 -24.76 -16.31 9.70
CA ILE A 152 -24.60 -15.54 10.93
C ILE A 152 -25.11 -14.12 10.75
N THR A 153 -25.62 -13.58 11.83
CA THR A 153 -26.05 -12.20 11.87
C THR A 153 -25.29 -11.49 13.00
N VAL A 154 -24.69 -10.34 12.71
CA VAL A 154 -23.97 -9.62 13.77
C VAL A 154 -24.82 -8.42 14.20
N SER A 155 -25.26 -8.42 15.46
CA SER A 155 -25.89 -7.21 16.06
C SER A 155 -25.14 -6.63 17.24
N ALA A 156 -25.34 -5.32 17.44
CA ALA A 156 -24.52 -4.57 18.44
C ALA A 156 -25.21 -4.59 19.79
N TYR A 157 -24.42 -4.82 20.86
CA TYR A 157 -24.83 -4.47 22.25
C TYR A 157 -24.34 -3.05 22.55
N ASP A 158 -23.05 -2.81 22.28
CA ASP A 158 -22.43 -1.50 22.36
C ASP A 158 -21.12 -1.51 21.60
N THR A 159 -20.38 -0.41 21.70
CA THR A 159 -19.24 -0.20 20.80
C THR A 159 -18.25 -1.29 20.99
N ASP A 160 -18.35 -2.05 22.07
CA ASP A 160 -17.31 -3.03 22.36
C ASP A 160 -17.80 -4.45 22.60
N ARG A 161 -19.08 -4.72 22.29
CA ARG A 161 -19.56 -6.13 22.29
C ARG A 161 -20.60 -6.39 21.22
N ASN A 162 -20.39 -7.40 20.40
CA ASN A 162 -21.40 -7.74 19.38
C ASN A 162 -22.10 -9.04 19.74
N ASN A 163 -23.17 -9.39 19.04
CA ASN A 163 -23.90 -10.63 19.31
C ASN A 163 -23.88 -11.37 18.00
N TYR A 164 -23.68 -12.69 18.09
CA TYR A 164 -23.68 -13.54 16.87
C TYR A 164 -24.88 -14.50 16.89
N TYR A 165 -25.84 -14.41 15.96
CA TYR A 165 -26.94 -15.40 15.97
C TYR A 165 -26.70 -16.47 14.93
N ALA A 166 -27.24 -17.64 15.16
CA ALA A 166 -27.46 -18.59 14.09
C ALA A 166 -28.78 -19.23 14.49
N ARG A 167 -29.64 -19.52 13.53
CA ARG A 167 -30.77 -20.46 13.71
C ARG A 167 -31.66 -20.10 14.90
N GLY A 168 -31.59 -18.81 15.28
CA GLY A 168 -32.42 -18.23 16.37
C GLY A 168 -31.75 -17.98 17.72
N PHE A 169 -30.45 -18.27 17.80
CA PHE A 169 -29.79 -18.26 19.06
C PHE A 169 -28.60 -17.39 19.06
N SER A 170 -28.30 -16.76 20.21
CA SER A 170 -26.98 -16.14 20.37
C SER A 170 -25.99 -17.24 20.59
N ILE A 171 -24.94 -17.24 19.77
CA ILE A 171 -23.77 -18.08 19.90
C ILE A 171 -23.02 -17.62 21.12
N ASN A 172 -22.65 -18.57 21.97
CA ASN A 172 -21.85 -18.30 23.14
C ASN A 172 -20.82 -19.36 23.41
N ASN A 173 -20.53 -20.15 22.38
CA ASN A 173 -19.51 -21.17 22.37
C ASN A 173 -18.30 -20.70 21.57
N PHE A 174 -17.15 -20.61 22.24
CA PHE A 174 -15.91 -20.35 21.54
C PHE A 174 -14.93 -21.42 21.92
N GLN A 175 -14.30 -22.03 20.93
CA GLN A 175 -13.09 -22.85 21.14
C GLN A 175 -11.83 -22.24 20.48
N TYR A 176 -10.69 -22.68 20.99
CA TYR A 176 -9.44 -22.33 20.34
C TYR A 176 -8.71 -23.66 20.18
N ASP A 177 -8.29 -23.94 18.93
CA ASP A 177 -7.73 -25.23 18.50
C ASP A 177 -8.52 -26.37 19.09
N GLY A 178 -9.85 -26.27 19.02
CA GLY A 178 -10.73 -27.32 19.52
C GLY A 178 -10.89 -27.47 21.02
N ILE A 179 -10.49 -26.51 21.82
CA ILE A 179 -10.61 -26.59 23.27
C ILE A 179 -11.58 -25.49 23.63
N PRO A 180 -12.75 -25.87 24.20
CA PRO A 180 -13.76 -24.88 24.68
C PRO A 180 -13.29 -23.95 25.81
N SER A 181 -13.67 -22.68 25.73
CA SER A 181 -13.51 -21.83 26.86
C SER A 181 -14.80 -21.80 27.74
N THR A 182 -14.70 -21.16 28.90
CA THR A 182 -15.91 -20.94 29.64
C THR A 182 -16.50 -19.59 29.18
N ALA A 183 -17.77 -19.61 28.78
CA ALA A 183 -18.46 -18.34 28.44
C ALA A 183 -19.82 -18.15 29.11
N ARG A 184 -19.99 -18.67 30.32
CA ARG A 184 -21.20 -18.50 31.15
C ARG A 184 -21.87 -17.13 31.07
N ASN A 185 -21.06 -16.08 31.10
CA ASN A 185 -21.52 -14.71 30.89
C ASN A 185 -20.33 -13.86 30.50
N VAL A 186 -20.59 -12.57 30.33
CA VAL A 186 -19.55 -11.63 29.96
C VAL A 186 -18.38 -11.44 30.99
N GLY A 187 -18.58 -11.89 32.24
CA GLY A 187 -17.49 -11.93 33.20
C GLY A 187 -16.42 -12.86 32.67
N TYR A 188 -16.81 -14.10 32.36
CA TYR A 188 -15.88 -15.14 31.97
C TYR A 188 -15.16 -14.91 30.62
N SER A 189 -15.71 -13.94 29.88
CA SER A 189 -15.77 -14.02 28.42
C SER A 189 -15.19 -12.77 27.73
N ALA A 190 -14.68 -11.83 28.53
CA ALA A 190 -13.92 -10.66 28.05
C ALA A 190 -13.16 -10.94 26.79
N GLY A 191 -13.28 -10.05 25.81
CA GLY A 191 -12.46 -10.16 24.62
C GLY A 191 -12.88 -11.17 23.54
N ASN A 192 -13.88 -12.02 23.81
CA ASN A 192 -14.23 -13.07 22.87
C ASN A 192 -14.79 -12.58 21.51
N THR A 193 -15.44 -11.43 21.56
CA THR A 193 -16.07 -10.77 20.44
C THR A 193 -15.01 -10.03 19.60
N LEU A 194 -13.77 -9.93 20.10
CA LEU A 194 -12.80 -8.99 19.56
C LEU A 194 -11.46 -9.57 19.11
N SER A 195 -11.26 -10.91 19.19
CA SER A 195 -9.94 -11.49 18.82
C SER A 195 -9.45 -11.08 17.44
N ASP A 196 -8.23 -10.58 17.33
CA ASP A 196 -7.57 -10.26 16.03
C ASP A 196 -7.22 -11.53 15.19
N MET A 197 -7.42 -11.48 13.87
CA MET A 197 -7.20 -12.64 13.00
C MET A 197 -5.72 -12.90 12.70
N ALA A 198 -4.86 -12.02 13.21
CA ALA A 198 -3.44 -12.13 12.92
C ALA A 198 -2.79 -13.47 13.30
N ILE A 199 -3.35 -14.17 14.27
CA ILE A 199 -2.66 -15.35 14.78
C ILE A 199 -3.40 -16.58 14.29
N TYR A 200 -4.50 -16.42 13.52
CA TYR A 200 -5.34 -17.59 13.15
C TYR A 200 -5.23 -17.91 11.71
N ASP A 201 -5.22 -19.20 11.42
CA ASP A 201 -5.38 -19.74 10.10
C ASP A 201 -6.81 -19.69 9.51
N ARG A 202 -7.86 -19.93 10.31
CA ARG A 202 -9.24 -19.98 9.76
C ARG A 202 -10.20 -19.98 10.92
N VAL A 203 -11.42 -19.59 10.76
CA VAL A 203 -12.33 -19.84 11.86
C VAL A 203 -13.35 -20.80 11.29
N GLU A 204 -13.62 -21.85 12.04
CA GLU A 204 -14.62 -22.77 11.56
C GLU A 204 -15.89 -22.75 12.41
N VAL A 205 -17.06 -22.52 11.76
CA VAL A 205 -18.34 -22.50 12.49
C VAL A 205 -19.28 -23.71 12.30
N LEU A 206 -19.61 -24.37 13.42
CA LEU A 206 -20.42 -25.59 13.41
C LEU A 206 -21.78 -25.22 13.91
N LYS A 207 -22.79 -25.33 13.07
CA LYS A 207 -24.08 -24.77 13.38
C LYS A 207 -25.00 -25.89 13.79
N GLY A 208 -25.88 -25.69 14.78
CA GLY A 208 -26.86 -26.71 15.15
C GLY A 208 -26.86 -26.75 16.66
N ALA A 209 -26.72 -27.96 17.23
CA ALA A 209 -26.51 -28.14 18.69
C ALA A 209 -25.21 -28.85 18.88
N THR A 210 -24.23 -28.24 19.53
CA THR A 210 -22.93 -28.87 19.44
C THR A 210 -22.35 -29.46 20.74
N GLY A 211 -23.19 -30.14 21.50
CA GLY A 211 -22.73 -30.61 22.83
C GLY A 211 -21.54 -31.58 22.82
N LEU A 212 -21.46 -32.35 21.78
CA LEU A 212 -20.52 -33.43 21.73
C LEU A 212 -19.08 -33.04 22.08
N LEU A 213 -18.64 -31.88 21.60
CA LEU A 213 -17.29 -31.41 21.92
C LEU A 213 -17.24 -30.18 22.76
N THR A 214 -18.32 -29.41 22.81
CA THR A 214 -18.35 -28.18 23.63
C THR A 214 -18.62 -28.49 25.09
N GLY A 215 -19.45 -29.51 25.34
CA GLY A 215 -20.01 -29.70 26.67
C GLY A 215 -21.13 -28.73 26.91
N ALA A 216 -21.38 -28.35 28.15
CA ALA A 216 -22.26 -27.20 28.46
C ALA A 216 -22.07 -26.06 27.48
N GLY A 217 -23.16 -25.68 26.81
CA GLY A 217 -23.18 -24.46 26.02
C GLY A 217 -24.53 -24.04 25.46
N SER A 218 -24.47 -23.07 24.54
CA SER A 218 -25.69 -22.51 23.94
C SER A 218 -26.06 -23.31 22.72
N LEU A 219 -27.31 -23.17 22.28
CA LEU A 219 -27.72 -23.68 20.95
C LEU A 219 -27.21 -22.69 19.87
N GLY A 220 -27.39 -23.02 18.59
CA GLY A 220 -27.00 -22.10 17.50
C GLY A 220 -25.71 -22.55 16.82
N ALA A 221 -24.58 -22.48 17.53
CA ALA A 221 -23.29 -22.85 16.94
C ALA A 221 -22.09 -22.85 17.88
N THR A 222 -20.98 -23.40 17.42
CA THR A 222 -19.72 -23.19 18.10
C THR A 222 -18.85 -22.55 17.11
N ILE A 223 -18.04 -21.62 17.60
CA ILE A 223 -17.05 -20.97 16.77
C ILE A 223 -15.69 -21.52 17.14
N ASN A 224 -14.97 -22.07 16.18
CA ASN A 224 -13.69 -22.68 16.52
C ASN A 224 -12.55 -21.98 15.79
N LEU A 225 -11.62 -21.41 16.54
CA LEU A 225 -10.52 -20.61 15.96
C LEU A 225 -9.21 -21.44 15.94
N ILE A 226 -8.62 -21.63 14.78
CA ILE A 226 -7.47 -22.53 14.70
C ILE A 226 -6.26 -21.64 14.66
N ARG A 227 -5.24 -21.84 15.50
CA ARG A 227 -4.09 -20.94 15.49
C ARG A 227 -3.11 -21.20 14.35
N LYS A 228 -2.36 -20.19 13.93
CA LYS A 228 -1.19 -20.38 12.99
C LYS A 228 -0.12 -21.23 13.68
N LYS A 229 0.56 -22.04 12.87
CA LYS A 229 1.55 -22.98 13.37
C LYS A 229 2.89 -22.81 12.68
N PRO A 230 3.97 -23.33 13.29
CA PRO A 230 5.30 -23.17 12.73
C PRO A 230 5.42 -24.08 11.53
N THR A 231 6.37 -23.76 10.66
CA THR A 231 6.57 -24.37 9.36
C THR A 231 8.03 -24.72 9.28
N HIS A 232 8.38 -25.68 8.40
CA HIS A 232 9.76 -26.18 8.20
C HIS A 232 10.66 -25.41 7.25
N GLU A 233 10.10 -24.47 6.50
CA GLU A 233 10.86 -23.54 5.65
C GLU A 233 10.60 -22.20 6.27
N PHE A 234 11.60 -21.32 6.20
CA PHE A 234 11.48 -19.94 6.67
C PHE A 234 10.46 -19.17 5.86
N LYS A 235 9.63 -18.37 6.48
CA LYS A 235 8.83 -17.42 5.73
C LYS A 235 8.08 -16.47 6.65
N GLY A 236 7.73 -15.31 6.10
CA GLY A 236 6.80 -14.42 6.76
C GLY A 236 6.50 -13.17 5.97
N HIS A 237 5.74 -12.27 6.60
CA HIS A 237 5.46 -10.99 5.98
C HIS A 237 5.32 -9.84 6.98
N VAL A 238 5.22 -8.62 6.49
CA VAL A 238 4.91 -7.47 7.30
C VAL A 238 3.72 -6.99 6.56
N GLU A 239 2.78 -6.37 7.26
CA GLU A 239 1.67 -5.70 6.57
C GLU A 239 1.44 -4.29 7.13
N LEU A 240 1.14 -3.34 6.26
CA LEU A 240 0.75 -1.99 6.69
C LEU A 240 -0.58 -1.74 6.03
N GLY A 241 -1.47 -1.06 6.72
CA GLY A 241 -2.79 -0.76 6.16
C GLY A 241 -3.26 0.55 6.69
N ALA A 242 -3.93 1.37 5.89
CA ALA A 242 -4.43 2.67 6.36
C ALA A 242 -5.88 2.89 5.90
N GLY A 243 -6.80 3.07 6.86
CA GLY A 243 -8.22 3.22 6.56
C GLY A 243 -9.00 4.48 7.01
N SER A 244 -10.27 4.53 6.61
CA SER A 244 -11.17 5.60 6.97
C SER A 244 -11.12 5.77 8.45
N TRP A 245 -11.29 7.05 8.84
CA TRP A 245 -11.28 7.47 10.23
C TRP A 245 -10.01 7.07 10.97
N ASP A 246 -8.90 7.41 10.35
CA ASP A 246 -7.62 7.36 11.04
C ASP A 246 -7.35 5.99 11.57
N ASN A 247 -7.66 5.03 10.70
CA ASN A 247 -7.50 3.64 10.98
C ASN A 247 -6.17 3.06 10.45
N TYR A 248 -5.33 2.74 11.41
CA TYR A 248 -3.92 2.30 11.15
C TYR A 248 -3.63 0.89 11.70
N ARG A 249 -3.11 0.05 10.84
CA ARG A 249 -2.82 -1.32 11.28
C ARG A 249 -1.41 -1.72 10.83
N SER A 250 -0.69 -2.44 11.68
CA SER A 250 0.57 -3.03 11.23
C SER A 250 0.64 -4.40 11.75
N GLU A 251 1.47 -5.23 11.14
CA GLU A 251 1.48 -6.67 11.48
C GLU A 251 2.71 -7.41 10.97
N LEU A 252 3.33 -8.20 11.86
CA LEU A 252 4.51 -8.99 11.56
C LEU A 252 4.25 -10.43 11.86
N ASP A 253 4.73 -11.31 10.99
CA ASP A 253 4.42 -12.75 11.05
C ASP A 253 5.69 -13.52 10.53
N VAL A 254 6.30 -14.36 11.39
CA VAL A 254 7.61 -14.98 11.15
C VAL A 254 7.59 -16.41 11.59
N SER A 255 8.08 -17.27 10.73
CA SER A 255 7.93 -18.68 10.95
C SER A 255 9.14 -19.47 10.42
N GLY A 256 9.50 -20.55 11.10
CA GLY A 256 10.52 -21.40 10.52
C GLY A 256 11.30 -22.31 11.45
N PRO A 257 12.24 -23.12 10.91
CA PRO A 257 13.13 -23.89 11.78
C PRO A 257 14.09 -22.99 12.51
N LEU A 258 14.44 -23.45 13.71
CA LEU A 258 15.26 -22.72 14.67
C LEU A 258 16.53 -23.50 14.93
N THR A 259 16.62 -24.72 14.43
CA THR A 259 17.87 -25.46 14.46
C THR A 259 18.21 -26.04 13.08
N GLU A 260 19.52 -26.18 12.80
CA GLU A 260 20.01 -26.69 11.51
C GLU A 260 19.28 -27.98 10.98
N SER A 261 18.82 -28.82 11.91
CA SER A 261 18.10 -30.05 11.62
C SER A 261 16.64 -29.76 11.28
N GLY A 262 15.98 -29.00 12.14
CA GLY A 262 14.54 -28.79 11.94
C GLY A 262 13.67 -29.31 13.07
N ASN A 263 14.33 -29.72 14.17
CA ASN A 263 13.65 -30.39 15.26
C ASN A 263 13.11 -29.42 16.32
N VAL A 264 13.59 -28.18 16.28
CA VAL A 264 12.80 -27.14 16.90
C VAL A 264 12.44 -26.01 15.90
N ARG A 265 11.23 -25.45 16.05
CA ARG A 265 10.58 -24.70 15.01
C ARG A 265 9.70 -23.70 15.70
N GLY A 266 9.55 -22.49 15.14
CA GLY A 266 8.81 -21.43 15.83
C GLY A 266 8.04 -20.49 14.95
N ARG A 267 7.03 -19.86 15.54
CA ARG A 267 6.29 -18.86 14.79
C ARG A 267 5.95 -17.68 15.68
N ALA A 268 6.12 -16.46 15.17
CA ALA A 268 5.86 -15.28 16.01
C ALA A 268 5.01 -14.30 15.26
N VAL A 269 4.07 -13.72 15.97
CA VAL A 269 3.30 -12.65 15.38
C VAL A 269 2.98 -11.52 16.33
N ALA A 270 3.03 -10.30 15.82
CA ALA A 270 2.73 -9.09 16.58
C ALA A 270 1.88 -8.24 15.64
N ALA A 271 0.81 -7.68 16.16
CA ALA A 271 -0.10 -6.88 15.35
C ALA A 271 -0.50 -5.70 16.24
N TYR A 272 -0.69 -4.51 15.67
CA TYR A 272 -1.02 -3.30 16.43
C TYR A 272 -1.94 -2.51 15.52
N GLN A 273 -3.08 -2.06 16.04
CA GLN A 273 -4.06 -1.26 15.30
C GLN A 273 -4.52 -0.10 16.17
N ASP A 274 -4.52 1.11 15.63
CA ASP A 274 -4.98 2.30 16.35
C ASP A 274 -5.98 2.88 15.39
N LYS A 275 -7.24 2.91 15.78
CA LYS A 275 -8.24 3.46 14.89
C LYS A 275 -9.18 4.44 15.59
N HIS A 276 -9.56 5.54 14.91
CA HIS A 276 -10.68 6.35 15.38
C HIS A 276 -11.88 5.72 14.71
N SER A 277 -12.89 6.49 14.28
CA SER A 277 -14.20 5.93 13.89
C SER A 277 -15.20 6.96 13.39
N PHE A 278 -16.17 6.50 12.62
CA PHE A 278 -17.19 7.36 12.11
C PHE A 278 -17.89 7.92 13.29
N MET A 279 -17.97 7.11 14.35
CA MET A 279 -18.59 7.55 15.59
C MET A 279 -17.75 8.63 16.23
N ASP A 280 -18.39 9.67 16.69
CA ASP A 280 -17.66 10.69 17.39
C ASP A 280 -16.91 10.27 18.72
N HIS A 281 -15.76 10.90 18.99
CA HIS A 281 -14.96 10.62 20.17
C HIS A 281 -14.93 9.14 20.56
N TYR A 282 -14.83 8.24 19.60
CA TYR A 282 -14.47 6.86 19.91
C TYR A 282 -13.12 6.52 19.26
N GLU A 283 -12.13 6.10 20.05
CA GLU A 283 -10.91 5.54 19.50
C GLU A 283 -10.66 4.22 20.17
N ARG A 284 -9.83 3.34 19.58
CA ARG A 284 -9.53 2.01 20.19
C ARG A 284 -8.20 1.39 19.76
N LYS A 285 -7.24 1.22 20.68
CA LYS A 285 -5.92 0.67 20.30
C LYS A 285 -5.96 -0.81 20.54
N THR A 286 -5.55 -1.64 19.60
CA THR A 286 -5.47 -3.04 19.94
C THR A 286 -4.04 -3.59 19.74
N SER A 287 -3.56 -4.43 20.67
CA SER A 287 -2.21 -5.02 20.59
C SER A 287 -2.28 -6.51 20.58
N VAL A 288 -1.50 -7.18 19.74
CA VAL A 288 -1.43 -8.62 19.88
C VAL A 288 -0.03 -9.17 19.70
N TYR A 289 0.32 -10.14 20.53
CA TYR A 289 1.57 -10.88 20.38
C TYR A 289 1.23 -12.35 20.47
N TYR A 290 2.03 -13.15 19.77
CA TYR A 290 1.83 -14.59 19.73
C TYR A 290 3.14 -15.31 19.41
N GLY A 291 3.37 -16.44 20.05
CA GLY A 291 4.61 -17.19 19.83
C GLY A 291 4.34 -18.62 20.16
N ILE A 292 4.94 -19.52 19.39
CA ILE A 292 4.73 -20.95 19.56
C ILE A 292 5.98 -21.65 19.06
N LEU A 293 6.50 -22.59 19.85
CA LEU A 293 7.62 -23.45 19.50
C LEU A 293 7.12 -24.89 19.44
N GLU A 294 7.54 -25.62 18.41
CA GLU A 294 7.32 -27.06 18.37
C GLU A 294 8.65 -27.85 18.54
N PHE A 295 8.70 -28.80 19.47
CA PHE A 295 9.95 -29.61 19.66
C PHE A 295 9.67 -31.09 19.33
N ASP A 296 10.46 -31.68 18.44
CA ASP A 296 10.43 -33.13 18.23
C ASP A 296 11.29 -33.85 19.23
N LEU A 297 10.68 -34.23 20.35
CA LEU A 297 11.27 -35.19 21.27
C LEU A 297 11.81 -36.45 20.56
N ASN A 298 11.06 -37.00 19.61
CA ASN A 298 11.56 -38.00 18.62
C ASN A 298 10.63 -38.06 17.38
N PRO A 299 10.96 -38.88 16.37
CA PRO A 299 10.15 -38.81 15.12
C PRO A 299 8.64 -39.07 15.26
N ASP A 300 8.16 -39.45 16.43
CA ASP A 300 6.68 -39.67 16.59
C ASP A 300 6.10 -39.15 17.93
N THR A 301 6.80 -38.22 18.57
CA THR A 301 6.33 -37.53 19.77
C THR A 301 6.71 -36.06 19.64
N MET A 302 5.74 -35.15 19.62
CA MET A 302 6.04 -33.72 19.48
C MET A 302 5.46 -32.92 20.63
N LEU A 303 6.24 -31.98 21.16
CA LEU A 303 5.81 -31.11 22.25
C LEU A 303 5.66 -29.70 21.72
N THR A 304 4.56 -29.05 22.03
CA THR A 304 4.32 -27.66 21.62
C THR A 304 4.15 -26.80 22.86
N VAL A 305 4.86 -25.68 22.97
CA VAL A 305 4.42 -24.70 23.94
C VAL A 305 4.15 -23.40 23.20
N GLY A 306 3.15 -22.65 23.65
CA GLY A 306 2.94 -21.37 23.03
C GLY A 306 2.20 -20.46 23.95
N ALA A 307 2.22 -19.19 23.59
CA ALA A 307 1.49 -18.13 24.32
C ALA A 307 0.95 -17.08 23.33
N ASP A 308 -0.18 -16.48 23.75
CA ASP A 308 -0.76 -15.39 23.01
C ASP A 308 -1.33 -14.36 23.97
N TYR A 309 -1.57 -13.16 23.43
CA TYR A 309 -1.89 -11.98 24.23
C TYR A 309 -2.63 -11.02 23.33
N GLN A 310 -3.75 -10.50 23.82
CA GLN A 310 -4.53 -9.47 23.10
C GLN A 310 -5.09 -8.46 24.05
N ASP A 311 -4.72 -7.20 23.83
CA ASP A 311 -5.29 -6.08 24.63
C ASP A 311 -6.20 -5.21 23.71
N ASN A 312 -7.42 -4.97 24.19
CA ASN A 312 -8.32 -4.10 23.48
C ASN A 312 -8.64 -2.97 24.44
N ASP A 313 -8.31 -1.76 24.00
CA ASP A 313 -8.25 -0.57 24.85
C ASP A 313 -8.93 0.66 24.18
N PRO A 314 -10.24 0.85 24.43
CA PRO A 314 -10.98 1.92 23.76
C PRO A 314 -11.15 3.17 24.64
N LYS A 315 -11.56 4.29 24.04
CA LYS A 315 -12.06 5.43 24.75
C LYS A 315 -13.39 5.72 24.13
N GLY A 316 -14.28 6.34 24.88
CA GLY A 316 -15.62 6.62 24.36
C GLY A 316 -16.54 5.41 24.22
N SER A 317 -16.40 4.46 25.12
CA SER A 317 -17.23 3.27 25.08
C SER A 317 -18.66 3.63 25.47
N GLY A 318 -19.62 2.94 24.88
CA GLY A 318 -20.94 3.06 25.41
C GLY A 318 -21.24 1.88 26.28
N TRP A 319 -22.31 2.00 27.05
CA TRP A 319 -22.79 0.97 27.96
C TRP A 319 -23.76 0.15 27.09
N SER A 320 -24.73 0.82 26.47
CA SER A 320 -25.77 0.17 25.65
C SER A 320 -26.22 0.97 24.39
N GLY A 321 -25.82 0.57 23.19
CA GLY A 321 -26.28 1.26 22.00
C GLY A 321 -25.70 2.65 21.88
N SER A 322 -25.84 3.30 20.73
CA SER A 322 -25.20 4.62 20.51
C SER A 322 -26.02 5.85 21.00
N PHE A 323 -27.34 5.68 21.03
CA PHE A 323 -28.23 6.75 21.43
C PHE A 323 -29.59 6.23 21.87
N PRO A 324 -30.29 7.00 22.73
CA PRO A 324 -31.61 6.56 23.16
C PRO A 324 -32.64 6.70 22.06
N LEU A 325 -33.52 5.71 21.95
CA LEU A 325 -34.58 5.77 20.97
C LEU A 325 -35.53 6.96 21.16
N PHE A 326 -36.02 7.16 22.38
CA PHE A 326 -37.06 8.15 22.59
C PHE A 326 -36.55 9.26 23.45
N ASP A 327 -37.01 10.48 23.21
CA ASP A 327 -36.63 11.65 24.01
C ASP A 327 -37.44 11.68 25.33
N SER A 328 -37.27 12.71 26.15
CA SER A 328 -37.96 12.73 27.42
C SER A 328 -39.47 12.66 27.26
N GLN A 329 -39.98 13.23 26.17
CA GLN A 329 -41.45 13.26 26.00
C GLN A 329 -42.02 12.22 25.00
N GLY A 330 -41.18 11.34 24.49
CA GLY A 330 -41.70 10.20 23.80
C GLY A 330 -41.56 10.12 22.29
N ASN A 331 -40.97 11.16 21.68
CA ASN A 331 -40.76 11.22 20.22
C ASN A 331 -39.51 10.47 19.84
N ARG A 332 -39.50 9.88 18.67
CA ARG A 332 -38.30 9.21 18.22
C ARG A 332 -37.19 10.26 18.04
N ASN A 333 -35.97 9.95 18.47
CA ASN A 333 -34.80 10.82 18.25
C ASN A 333 -34.27 10.66 16.85
N ASP A 334 -34.03 11.77 16.19
CA ASP A 334 -33.28 11.73 14.96
C ASP A 334 -31.81 12.25 15.15
N VAL A 335 -30.81 11.39 14.98
CA VAL A 335 -29.45 11.86 15.23
C VAL A 335 -28.53 11.39 14.14
N SER A 336 -27.45 12.12 13.84
CA SER A 336 -26.45 11.63 12.87
C SER A 336 -25.83 10.29 13.23
N ARG A 337 -25.37 9.59 12.19
CA ARG A 337 -24.60 8.38 12.37
C ARG A 337 -23.36 8.56 13.25
N SER A 338 -22.92 9.80 13.46
CA SER A 338 -21.72 10.01 14.25
C SER A 338 -22.05 10.07 15.74
N PHE A 339 -23.32 10.10 16.09
CA PHE A 339 -23.69 10.24 17.48
C PHE A 339 -23.20 9.12 18.44
N ASN A 340 -22.61 9.50 19.55
CA ASN A 340 -22.05 8.54 20.48
C ASN A 340 -22.34 8.94 21.89
N ASN A 341 -23.22 8.21 22.54
CA ASN A 341 -23.57 8.64 23.88
C ASN A 341 -22.54 8.27 24.94
N GLY A 342 -21.43 7.61 24.55
CA GLY A 342 -20.31 7.39 25.45
C GLY A 342 -19.67 8.66 25.97
N ALA A 343 -19.19 8.66 27.22
CA ALA A 343 -18.35 9.77 27.67
C ALA A 343 -16.92 9.68 27.12
N LYS A 344 -16.19 10.81 27.10
CA LYS A 344 -14.83 10.82 26.55
C LYS A 344 -13.91 9.80 27.21
N TRP A 345 -13.92 9.78 28.55
CA TRP A 345 -13.17 8.83 29.42
C TRP A 345 -13.74 7.38 29.51
N SER A 346 -14.98 7.17 29.06
CA SER A 346 -15.64 5.87 29.20
C SER A 346 -14.88 4.79 28.44
N SER A 347 -14.57 3.67 29.10
CA SER A 347 -13.84 2.59 28.42
C SER A 347 -14.20 1.18 28.85
N TRP A 348 -14.49 0.29 27.91
CA TRP A 348 -14.60 -1.09 28.27
C TRP A 348 -13.38 -1.82 27.69
N GLU A 349 -12.21 -1.58 28.27
CA GLU A 349 -11.06 -2.39 27.87
C GLU A 349 -11.14 -3.87 28.31
N GLN A 350 -10.67 -4.73 27.42
CA GLN A 350 -10.87 -6.15 27.52
C GLN A 350 -9.57 -6.82 27.12
N TYR A 351 -9.11 -7.78 27.94
CA TYR A 351 -7.87 -8.44 27.55
C TYR A 351 -7.91 -9.98 27.65
N THR A 352 -7.00 -10.67 26.95
CA THR A 352 -6.95 -12.14 26.91
C THR A 352 -5.53 -12.58 26.73
N ARG A 353 -5.16 -13.65 27.43
CA ARG A 353 -3.86 -14.34 27.28
C ARG A 353 -3.94 -15.81 27.62
N THR A 354 -3.19 -16.57 26.85
CA THR A 354 -3.17 -18.00 27.03
C THR A 354 -1.73 -18.45 27.11
N VAL A 355 -1.48 -19.36 28.03
CA VAL A 355 -0.30 -20.17 27.99
C VAL A 355 -0.76 -21.59 27.81
N PHE A 356 -0.09 -22.34 26.92
CA PHE A 356 -0.58 -23.69 26.57
C PHE A 356 0.50 -24.66 26.13
N ALA A 357 0.26 -25.93 26.36
CA ALA A 357 1.23 -26.96 25.99
C ALA A 357 0.53 -28.20 25.49
N ASN A 358 1.04 -28.79 24.43
CA ASN A 358 0.52 -30.05 23.92
C ASN A 358 1.58 -31.14 23.87
N LEU A 359 1.11 -32.38 23.84
CA LEU A 359 1.98 -33.52 23.61
C LEU A 359 1.16 -34.36 22.68
N GLU A 360 1.76 -34.75 21.57
CA GLU A 360 1.11 -35.60 20.57
C GLU A 360 2.04 -36.73 20.22
N HIS A 361 1.51 -37.94 20.25
CA HIS A 361 2.30 -39.13 20.05
C HIS A 361 1.56 -40.03 19.04
N ASN A 362 2.33 -40.65 18.14
CA ASN A 362 1.81 -41.66 17.21
C ASN A 362 2.16 -43.07 17.64
N PHE A 363 1.14 -43.87 17.89
CA PHE A 363 1.33 -45.27 18.26
C PHE A 363 1.42 -46.00 16.95
N ALA A 364 2.40 -46.91 16.78
CA ALA A 364 2.54 -47.65 15.49
C ALA A 364 1.30 -48.51 15.10
N ASN A 365 0.29 -48.57 15.97
CA ASN A 365 -1.09 -48.93 15.64
C ASN A 365 -1.63 -48.18 14.44
N GLY A 366 -1.13 -46.96 14.22
CA GLY A 366 -1.88 -45.93 13.45
C GLY A 366 -2.78 -45.05 14.32
N TRP A 367 -2.85 -45.36 15.61
CA TRP A 367 -3.55 -44.53 16.60
C TRP A 367 -2.71 -43.32 17.06
N VAL A 368 -3.35 -42.17 17.21
CA VAL A 368 -2.65 -41.01 17.74
C VAL A 368 -3.27 -40.63 19.09
N GLY A 369 -2.41 -40.21 20.04
CA GLY A 369 -2.83 -39.64 21.34
C GLY A 369 -2.37 -38.19 21.56
N LYS A 370 -3.18 -37.39 22.22
CA LYS A 370 -2.85 -36.00 22.37
C LYS A 370 -3.35 -35.47 23.71
N VAL A 371 -2.46 -34.84 24.47
CA VAL A 371 -2.78 -34.13 25.73
C VAL A 371 -2.65 -32.63 25.51
N GLN A 372 -3.68 -31.87 25.90
CA GLN A 372 -3.74 -30.39 25.79
C GLN A 372 -3.98 -29.67 27.14
N LEU A 373 -2.96 -28.93 27.61
CA LEU A 373 -2.96 -28.16 28.92
C LEU A 373 -3.04 -26.64 28.72
N ASP A 374 -4.01 -25.96 29.34
CA ASP A 374 -4.22 -24.51 29.14
C ASP A 374 -4.34 -23.65 30.36
N HIS A 375 -3.70 -22.51 30.27
CA HIS A 375 -3.91 -21.47 31.25
C HIS A 375 -4.48 -20.32 30.47
N LYS A 376 -5.75 -20.02 30.72
CA LYS A 376 -6.32 -18.85 30.07
C LYS A 376 -6.64 -17.69 31.01
N ILE A 377 -6.44 -16.46 30.55
CA ILE A 377 -6.93 -15.31 31.29
C ILE A 377 -7.78 -14.38 30.47
N ASN A 378 -8.94 -14.04 31.02
CA ASN A 378 -9.89 -13.07 30.43
C ASN A 378 -10.16 -11.97 31.40
N GLY A 379 -9.64 -10.78 31.11
CA GLY A 379 -9.71 -9.64 32.00
C GLY A 379 -10.37 -8.43 31.35
N TYR A 380 -10.96 -7.60 32.20
CA TYR A 380 -11.70 -6.42 31.80
C TYR A 380 -11.46 -5.28 32.80
N HIS A 381 -11.55 -4.04 32.32
CA HIS A 381 -11.30 -2.81 33.08
C HIS A 381 -12.24 -1.80 32.43
N ALA A 382 -13.34 -1.54 33.11
CA ALA A 382 -14.54 -0.93 32.52
C ALA A 382 -15.11 0.21 33.33
N PRO A 383 -14.47 1.38 33.25
CA PRO A 383 -15.08 2.63 33.70
C PRO A 383 -16.05 3.18 32.64
N LEU A 384 -17.33 2.94 32.80
CA LEU A 384 -18.23 3.28 31.76
C LEU A 384 -19.04 4.52 32.14
N GLY A 385 -19.51 5.27 31.14
CA GLY A 385 -20.34 6.46 31.33
C GLY A 385 -21.00 6.83 30.01
N ALA A 386 -22.29 6.97 30.06
CA ALA A 386 -22.98 7.01 28.80
C ALA A 386 -24.36 7.57 29.04
N ILE A 387 -24.83 8.50 28.18
CA ILE A 387 -26.19 9.00 28.28
C ILE A 387 -27.08 7.78 28.21
N MET A 388 -28.06 7.71 29.10
CA MET A 388 -29.02 6.61 29.10
C MET A 388 -30.27 7.04 29.74
N GLY A 389 -31.37 6.54 29.24
CA GLY A 389 -32.68 7.06 29.62
C GLY A 389 -33.40 7.84 28.53
N ASP A 390 -34.61 8.27 28.84
CA ASP A 390 -35.44 9.01 27.87
C ASP A 390 -34.98 10.45 27.81
N TRP A 391 -34.10 10.74 26.84
CA TRP A 391 -33.41 12.06 26.69
C TRP A 391 -33.14 12.39 25.23
N PRO A 392 -33.05 13.69 24.89
CA PRO A 392 -32.99 14.88 25.71
C PRO A 392 -34.30 15.22 26.39
N ALA A 393 -34.25 16.21 27.28
CA ALA A 393 -35.44 16.88 27.80
C ALA A 393 -35.74 18.14 26.94
N PRO A 394 -36.88 18.82 27.19
CA PRO A 394 -37.17 20.02 26.37
C PRO A 394 -36.05 21.09 26.30
N ASP A 395 -35.37 21.32 27.42
CA ASP A 395 -34.23 22.23 27.45
C ASP A 395 -32.91 21.55 26.98
N ASN A 396 -32.98 20.52 26.15
CA ASN A 396 -31.76 19.90 25.65
C ASN A 396 -30.78 19.26 26.69
N SER A 397 -31.22 18.97 27.91
CA SER A 397 -30.30 18.40 28.89
C SER A 397 -30.40 16.91 28.84
N ALA A 398 -29.48 16.22 29.51
CA ALA A 398 -29.46 14.76 29.50
C ALA A 398 -28.82 14.22 30.80
N LYS A 399 -28.99 12.95 31.06
CA LYS A 399 -28.43 12.35 32.25
C LYS A 399 -27.60 11.10 31.95
N ILE A 400 -26.47 11.00 32.64
CA ILE A 400 -25.48 9.95 32.39
C ILE A 400 -25.61 8.85 33.40
N VAL A 401 -25.38 7.63 32.97
CA VAL A 401 -25.25 6.57 33.91
C VAL A 401 -23.81 6.20 33.90
N ALA A 402 -23.23 6.07 35.08
CA ALA A 402 -21.85 5.63 35.20
C ALA A 402 -21.66 4.51 36.23
N GLN A 403 -21.01 3.43 35.82
CA GLN A 403 -20.58 2.38 36.76
C GLN A 403 -19.24 1.84 36.28
N LYS A 404 -18.53 1.17 37.18
CA LYS A 404 -17.17 0.74 36.90
C LYS A 404 -17.07 -0.69 37.28
N TYR A 405 -16.75 -1.56 36.33
CA TYR A 405 -16.46 -2.92 36.69
C TYR A 405 -15.01 -3.20 36.32
N THR A 406 -14.26 -3.80 37.24
CA THR A 406 -12.98 -4.43 36.91
C THR A 406 -13.04 -5.91 37.26
N GLY A 407 -12.19 -6.71 36.64
CA GLY A 407 -12.04 -8.10 37.03
C GLY A 407 -11.21 -8.96 36.11
N GLU A 408 -10.95 -10.18 36.57
CA GLU A 408 -10.13 -11.16 35.84
C GLU A 408 -10.77 -12.50 36.00
N THR A 409 -10.72 -13.32 34.96
CA THR A 409 -11.08 -14.74 35.10
C THR A 409 -9.85 -15.58 34.75
N LYS A 410 -9.48 -16.50 35.65
CA LYS A 410 -8.42 -17.48 35.45
C LYS A 410 -8.99 -18.88 35.15
N SER A 411 -8.56 -19.47 34.03
CA SER A 411 -8.98 -20.79 33.62
C SER A 411 -7.86 -21.83 33.52
N ASN A 412 -8.10 -23.05 33.98
CA ASN A 412 -7.17 -24.16 33.66
C ASN A 412 -7.85 -25.31 32.98
N SER A 413 -7.27 -25.86 31.91
CA SER A 413 -7.87 -26.96 31.11
C SER A 413 -6.95 -28.12 30.86
N LEU A 414 -7.47 -29.34 30.97
CA LEU A 414 -6.78 -30.56 30.60
C LEU A 414 -7.68 -31.19 29.62
N ASP A 415 -7.20 -31.47 28.42
CA ASP A 415 -8.01 -32.27 27.46
C ASP A 415 -7.22 -33.48 27.00
N ILE A 416 -7.67 -34.71 27.21
CA ILE A 416 -6.90 -35.80 26.62
C ILE A 416 -7.75 -36.78 25.78
N TYR A 417 -7.23 -37.18 24.61
CA TYR A 417 -8.01 -38.07 23.71
C TYR A 417 -7.17 -39.04 22.83
N LEU A 418 -7.68 -40.26 22.60
CA LEU A 418 -7.09 -41.23 21.66
C LEU A 418 -7.99 -41.36 20.48
N THR A 419 -7.38 -41.49 19.29
CA THR A 419 -8.14 -41.68 18.04
C THR A 419 -7.41 -42.72 17.17
N GLY A 420 -8.16 -43.61 16.50
CA GLY A 420 -7.54 -44.69 15.71
C GLY A 420 -8.57 -45.50 14.96
N PRO A 421 -8.13 -46.33 14.00
CA PRO A 421 -8.97 -47.24 13.21
C PRO A 421 -9.10 -48.64 13.81
N PHE A 422 -10.17 -49.36 13.43
CA PHE A 422 -10.38 -50.73 13.87
C PHE A 422 -11.21 -51.56 12.89
N GLN A 423 -10.91 -52.86 12.81
CA GLN A 423 -11.68 -53.80 12.00
C GLN A 423 -12.85 -54.33 12.78
N PHE A 424 -14.01 -54.49 12.15
CA PHE A 424 -15.10 -55.15 12.85
C PHE A 424 -15.72 -56.24 12.05
N LEU A 425 -16.67 -55.90 11.20
CA LEU A 425 -17.33 -56.96 10.45
C LEU A 425 -16.75 -57.01 9.04
N GLY A 426 -15.44 -57.28 8.94
CA GLY A 426 -14.73 -57.21 7.70
C GLY A 426 -14.42 -55.79 7.23
N ARG A 427 -14.77 -54.74 7.97
CA ARG A 427 -14.50 -53.40 7.42
C ARG A 427 -13.79 -52.39 8.37
N GLU A 428 -13.28 -51.30 7.81
CA GLU A 428 -12.57 -50.34 8.65
C GLU A 428 -13.43 -49.20 9.17
N HIS A 429 -13.42 -49.08 10.50
CA HIS A 429 -14.10 -48.03 11.19
C HIS A 429 -13.02 -47.27 11.97
N GLU A 430 -13.38 -46.12 12.57
CA GLU A 430 -12.53 -45.36 13.49
C GLU A 430 -13.30 -44.87 14.72
N LEU A 431 -12.59 -44.43 15.77
CA LEU A 431 -13.16 -44.13 17.08
C LEU A 431 -12.31 -43.06 17.78
N VAL A 432 -12.93 -42.23 18.61
CA VAL A 432 -12.25 -41.21 19.40
C VAL A 432 -12.77 -41.46 20.80
N VAL A 433 -11.88 -41.51 21.78
CA VAL A 433 -12.34 -41.54 23.14
C VAL A 433 -11.54 -40.44 23.90
N GLY A 434 -12.24 -39.52 24.57
CA GLY A 434 -11.52 -38.46 25.24
C GLY A 434 -12.12 -38.18 26.60
N THR A 435 -11.40 -37.48 27.46
CA THR A 435 -11.94 -37.03 28.70
C THR A 435 -11.42 -35.63 28.80
N SER A 436 -12.12 -34.75 29.53
CA SER A 436 -11.69 -33.36 29.69
C SER A 436 -12.03 -32.71 31.08
N ALA A 437 -11.25 -31.72 31.51
CA ALA A 437 -11.56 -31.03 32.76
C ALA A 437 -11.22 -29.53 32.71
N SER A 438 -12.15 -28.68 33.10
CA SER A 438 -11.80 -27.26 33.17
C SER A 438 -12.31 -26.61 34.44
N PHE A 439 -11.49 -25.75 35.03
CA PHE A 439 -11.82 -25.10 36.27
C PHE A 439 -11.60 -23.72 35.88
N SER A 440 -12.55 -22.83 36.14
CA SER A 440 -12.30 -21.41 35.87
C SER A 440 -12.94 -20.58 36.95
N HIS A 441 -12.24 -19.49 37.29
CA HIS A 441 -12.49 -18.71 38.51
C HIS A 441 -12.53 -17.21 38.23
N TRP A 442 -13.72 -16.62 38.25
CA TRP A 442 -13.93 -15.21 37.95
C TRP A 442 -13.88 -14.42 39.27
N GLU A 443 -13.00 -13.40 39.34
CA GLU A 443 -12.83 -12.52 40.55
C GLU A 443 -12.99 -11.07 40.15
N GLY A 444 -13.78 -10.29 40.89
CA GLY A 444 -14.15 -8.99 40.34
C GLY A 444 -14.53 -7.92 41.33
N LYS A 445 -14.41 -6.68 40.91
CA LYS A 445 -14.85 -5.55 41.72
C LYS A 445 -15.89 -4.81 40.90
N SER A 446 -16.94 -4.34 41.56
CA SER A 446 -17.86 -3.44 40.91
C SER A 446 -18.01 -2.09 41.70
N TYR A 447 -18.37 -1.02 41.02
CA TYR A 447 -18.58 0.25 41.69
C TYR A 447 -19.79 0.92 41.07
N TRP A 448 -20.76 1.27 41.91
CA TRP A 448 -21.90 2.06 41.48
C TRP A 448 -22.24 3.13 42.48
N ASN A 449 -21.62 3.08 43.66
CA ASN A 449 -22.02 4.03 44.70
C ASN A 449 -21.23 5.32 44.57
N LEU A 450 -21.53 6.06 43.49
CA LEU A 450 -20.80 7.29 43.14
C LEU A 450 -20.99 8.31 44.23
N ARG A 451 -19.87 8.91 44.63
CA ARG A 451 -19.85 9.93 45.67
C ARG A 451 -19.86 11.30 44.99
N ASN A 452 -20.91 12.07 45.27
CA ASN A 452 -20.99 13.50 44.94
C ASN A 452 -20.82 13.86 43.49
N TYR A 453 -21.37 13.05 42.60
CA TYR A 453 -21.32 13.32 41.16
C TYR A 453 -22.61 14.00 40.65
N ASP A 454 -22.41 14.84 39.64
CA ASP A 454 -23.48 15.58 38.99
C ASP A 454 -23.66 14.99 37.60
N ASN A 455 -24.58 14.03 37.47
CA ASN A 455 -24.57 13.26 36.26
C ASN A 455 -25.38 13.85 35.09
N THR A 456 -25.77 15.13 35.22
CA THR A 456 -26.50 15.84 34.16
C THR A 456 -25.55 16.58 33.19
N THR A 457 -25.89 16.60 31.91
CA THR A 457 -25.18 17.33 30.85
C THR A 457 -26.05 18.44 30.27
N ASP A 458 -25.47 19.60 30.01
CA ASP A 458 -26.25 20.79 29.62
C ASP A 458 -26.77 20.67 28.17
N ASP A 459 -26.08 19.88 27.33
CA ASP A 459 -26.37 19.88 25.87
C ASP A 459 -26.34 18.53 25.08
N PHE A 460 -27.51 17.93 24.83
CA PHE A 460 -27.65 16.67 24.06
C PHE A 460 -27.35 16.73 22.54
N ILE A 461 -27.94 17.69 21.84
CA ILE A 461 -27.87 17.71 20.38
C ILE A 461 -26.41 17.76 19.99
N ASN A 462 -25.60 18.37 20.86
CA ASN A 462 -24.21 18.61 20.55
C ASN A 462 -23.30 17.86 21.49
N TRP A 463 -23.87 16.93 22.23
CA TRP A 463 -23.07 16.04 23.02
C TRP A 463 -21.78 15.62 22.36
N ASP A 464 -20.75 15.66 23.17
CA ASP A 464 -19.38 15.52 22.77
C ASP A 464 -18.68 14.35 23.44
N GLY A 465 -19.26 13.86 24.55
CA GLY A 465 -18.56 13.11 25.60
C GLY A 465 -17.95 13.98 26.69
N ASP A 466 -18.03 15.31 26.57
CA ASP A 466 -17.24 16.21 27.40
C ASP A 466 -17.94 16.38 28.70
N ILE A 467 -17.94 15.30 29.48
CA ILE A 467 -18.48 15.33 30.82
C ILE A 467 -17.36 14.93 31.80
N GLY A 468 -17.46 15.44 33.05
CA GLY A 468 -16.62 14.96 34.16
C GLY A 468 -16.72 13.46 34.45
N LYS A 469 -15.76 12.94 35.24
CA LYS A 469 -15.62 11.54 35.62
C LYS A 469 -15.93 11.41 37.13
N PRO A 470 -16.65 10.35 37.55
CA PRO A 470 -17.13 10.49 38.93
C PRO A 470 -16.09 10.00 39.97
N ASP A 471 -16.38 10.16 41.24
CA ASP A 471 -15.62 9.49 42.26
C ASP A 471 -16.38 8.17 42.41
N TRP A 472 -15.69 7.10 42.07
CA TRP A 472 -16.31 5.78 42.08
C TRP A 472 -16.63 5.30 43.49
N GLY A 473 -16.03 5.90 44.52
CA GLY A 473 -16.27 5.44 45.87
C GLY A 473 -15.61 4.12 46.10
N THR A 474 -16.12 3.35 47.07
CA THR A 474 -15.54 2.05 47.46
C THR A 474 -16.21 0.87 46.74
N PRO A 475 -15.59 -0.31 46.72
CA PRO A 475 -16.37 -1.31 45.95
C PRO A 475 -17.78 -1.53 46.50
N SER A 476 -18.75 -1.54 45.59
CA SER A 476 -20.11 -1.97 45.89
C SER A 476 -20.24 -3.47 46.02
N GLN A 477 -19.36 -4.23 45.38
CA GLN A 477 -19.50 -5.68 45.32
C GLN A 477 -18.19 -6.41 45.04
N TYR A 478 -18.06 -7.62 45.60
CA TYR A 478 -16.98 -8.52 45.21
C TYR A 478 -17.62 -9.78 44.56
N ILE A 479 -17.18 -10.09 43.35
CA ILE A 479 -17.53 -11.32 42.67
C ILE A 479 -16.52 -12.44 42.98
N ASP A 480 -17.03 -13.65 43.03
CA ASP A 480 -16.22 -14.85 43.16
C ASP A 480 -17.08 -16.01 42.66
N ASP A 481 -17.00 -16.29 41.36
CA ASP A 481 -17.69 -17.41 40.77
C ASP A 481 -16.62 -18.44 40.35
N LYS A 482 -16.90 -19.72 40.54
CA LYS A 482 -16.01 -20.80 40.11
C LYS A 482 -16.83 -21.83 39.33
N THR A 483 -16.45 -22.11 38.09
CA THR A 483 -17.09 -23.16 37.31
C THR A 483 -16.18 -24.40 37.11
N ARG A 484 -16.69 -25.60 37.31
CA ARG A 484 -15.88 -26.74 37.03
C ARG A 484 -16.64 -27.57 36.00
N GLN A 485 -16.06 -27.86 34.84
CA GLN A 485 -16.73 -28.73 33.83
C GLN A 485 -15.92 -29.99 33.76
N LEU A 486 -16.53 -31.17 33.73
CA LEU A 486 -15.74 -32.38 33.47
C LEU A 486 -16.45 -33.19 32.37
N GLY A 487 -15.72 -33.58 31.31
CA GLY A 487 -16.31 -34.40 30.25
C GLY A 487 -15.67 -35.75 29.96
N SER A 488 -16.45 -36.69 29.43
CA SER A 488 -15.97 -37.93 28.74
C SER A 488 -16.84 -38.18 27.51
N TYR A 489 -16.20 -38.40 26.37
CA TYR A 489 -16.88 -38.48 25.09
C TYR A 489 -16.19 -39.52 24.25
N MET A 490 -16.94 -40.03 23.28
CA MET A 490 -16.64 -41.28 22.52
C MET A 490 -17.51 -41.21 21.28
N THR A 491 -16.93 -41.44 20.14
CA THR A 491 -17.71 -41.43 18.92
C THR A 491 -17.19 -42.52 18.01
N ALA A 492 -18.05 -43.32 17.43
CA ALA A 492 -17.54 -44.30 16.49
C ALA A 492 -18.01 -43.93 15.10
N ARG A 493 -17.18 -44.16 14.10
CA ARG A 493 -17.60 -43.93 12.73
C ARG A 493 -17.55 -45.23 11.91
N PHE A 494 -18.69 -45.90 11.75
CA PHE A 494 -18.71 -47.25 11.15
C PHE A 494 -18.95 -47.17 9.67
N ASN A 495 -18.01 -47.69 8.88
CA ASN A 495 -18.18 -47.83 7.46
C ASN A 495 -19.03 -49.09 7.19
N VAL A 496 -20.35 -48.94 7.14
CA VAL A 496 -21.29 -50.05 7.22
C VAL A 496 -21.39 -50.77 5.87
N THR A 497 -21.63 -50.00 4.80
CA THR A 497 -21.50 -50.51 3.44
C THR A 497 -20.51 -49.61 2.74
N ASP A 498 -20.52 -49.60 1.41
CA ASP A 498 -19.57 -48.80 0.66
C ASP A 498 -20.19 -47.43 0.45
N ASP A 499 -21.47 -47.30 0.76
CA ASP A 499 -22.04 -45.96 0.66
C ASP A 499 -22.65 -45.50 1.97
N LEU A 500 -22.46 -46.22 3.08
CA LEU A 500 -23.15 -45.75 4.30
C LEU A 500 -22.22 -45.60 5.49
N ASN A 501 -22.25 -44.45 6.15
CA ASN A 501 -21.38 -44.28 7.32
C ASN A 501 -22.21 -43.82 8.46
N LEU A 502 -22.05 -44.49 9.58
CA LEU A 502 -22.96 -44.32 10.70
C LEU A 502 -22.14 -43.79 11.85
N PHE A 503 -22.69 -42.80 12.54
CA PHE A 503 -22.01 -42.14 13.62
C PHE A 503 -22.78 -42.44 14.88
N LEU A 504 -22.09 -42.92 15.88
CA LEU A 504 -22.74 -43.24 17.14
C LEU A 504 -21.81 -42.76 18.19
N GLY A 505 -22.23 -41.74 18.93
CA GLY A 505 -21.38 -41.10 19.92
C GLY A 505 -22.10 -40.54 21.13
N GLY A 506 -21.34 -39.83 21.95
CA GLY A 506 -21.87 -39.26 23.16
C GLY A 506 -20.85 -38.65 24.09
N ARG A 507 -21.32 -37.74 24.94
CA ARG A 507 -20.51 -37.10 25.95
C ARG A 507 -21.28 -37.33 27.28
N VAL A 508 -20.60 -37.72 28.35
CA VAL A 508 -21.19 -37.60 29.70
C VAL A 508 -20.53 -36.41 30.42
N VAL A 509 -21.33 -35.61 31.14
CA VAL A 509 -20.91 -34.29 31.65
C VAL A 509 -21.22 -34.12 33.15
N ASP A 510 -20.25 -33.51 33.84
CA ASP A 510 -20.40 -33.15 35.23
C ASP A 510 -20.04 -31.66 35.35
N TYR A 511 -20.97 -30.83 35.80
CA TYR A 511 -20.85 -29.37 35.76
C TYR A 511 -21.24 -28.77 37.09
N ARG A 512 -20.34 -27.98 37.68
CA ARG A 512 -20.55 -27.43 39.04
C ARG A 512 -20.16 -25.95 39.01
N VAL A 513 -21.06 -25.07 39.46
CA VAL A 513 -20.74 -23.65 39.56
C VAL A 513 -20.89 -23.19 41.00
N THR A 514 -19.85 -22.53 41.48
CA THR A 514 -19.65 -22.42 42.91
C THR A 514 -19.35 -20.99 43.26
N GLY A 515 -19.66 -20.58 44.49
CA GLY A 515 -19.27 -19.26 44.94
C GLY A 515 -20.32 -18.48 45.68
N LEU A 516 -20.61 -17.25 45.28
CA LEU A 516 -21.53 -16.42 46.06
C LEU A 516 -22.99 -16.81 45.85
N ASN A 517 -23.27 -17.45 44.71
CA ASN A 517 -24.61 -17.95 44.45
C ASN A 517 -24.81 -19.35 45.04
N PRO A 518 -26.09 -19.75 45.28
CA PRO A 518 -26.34 -21.16 45.66
C PRO A 518 -25.74 -22.06 44.59
N THR A 519 -24.88 -22.98 45.02
CA THR A 519 -24.27 -24.00 44.17
C THR A 519 -25.19 -24.62 43.07
N ILE A 520 -24.72 -24.59 41.83
CA ILE A 520 -25.46 -25.15 40.74
C ILE A 520 -24.75 -26.40 40.29
N ARG A 521 -25.46 -27.54 40.33
CA ARG A 521 -24.87 -28.85 40.09
C ARG A 521 -25.63 -29.67 39.08
N GLU A 522 -24.90 -30.19 38.08
CA GLU A 522 -25.39 -31.26 37.17
C GLU A 522 -24.42 -32.46 37.14
N SER A 523 -24.87 -33.63 37.55
CA SER A 523 -24.06 -34.87 37.55
C SER A 523 -24.52 -35.90 36.52
N GLY A 524 -23.54 -36.54 35.88
CA GLY A 524 -23.83 -37.60 34.91
C GLY A 524 -24.85 -37.33 33.80
N ARG A 525 -24.97 -36.11 33.33
CA ARG A 525 -25.84 -35.84 32.18
C ARG A 525 -25.27 -36.38 30.87
N PHE A 526 -26.11 -37.10 30.11
CA PHE A 526 -25.70 -37.71 28.85
C PHE A 526 -26.02 -36.85 27.61
N ILE A 527 -25.10 -36.77 26.66
CA ILE A 527 -25.38 -35.94 25.51
C ILE A 527 -25.23 -36.79 24.26
N PRO A 528 -26.35 -37.13 23.56
CA PRO A 528 -26.26 -38.14 22.50
C PRO A 528 -25.83 -37.59 21.14
N TYR A 529 -25.17 -38.41 20.36
CA TYR A 529 -24.83 -37.96 19.04
C TYR A 529 -25.11 -39.09 18.12
N VAL A 530 -26.09 -38.93 17.21
CA VAL A 530 -26.42 -39.94 16.19
C VAL A 530 -26.36 -39.30 14.80
N GLY A 531 -25.58 -39.86 13.88
CA GLY A 531 -25.51 -39.32 12.53
C GLY A 531 -25.33 -40.38 11.45
N ALA A 532 -25.70 -40.02 10.21
CA ALA A 532 -25.56 -40.92 9.04
C ALA A 532 -25.21 -40.19 7.73
N VAL A 533 -24.28 -40.71 6.96
CA VAL A 533 -24.07 -40.19 5.59
C VAL A 533 -24.19 -41.27 4.46
N TYR A 534 -25.10 -41.04 3.52
CA TYR A 534 -25.37 -41.95 2.40
C TYR A 534 -24.87 -41.42 1.05
N ASP A 535 -23.92 -42.11 0.45
CA ASP A 535 -23.41 -41.74 -0.87
C ASP A 535 -24.42 -42.08 -1.96
N LEU A 536 -24.57 -41.17 -2.91
CA LEU A 536 -25.59 -41.23 -3.96
C LEU A 536 -24.91 -41.36 -5.33
N ASN A 537 -23.97 -40.49 -5.66
CA ASN A 537 -23.04 -40.70 -6.80
C ASN A 537 -21.63 -40.36 -6.37
N ASP A 538 -20.72 -40.43 -7.35
CA ASP A 538 -19.45 -39.77 -7.28
C ASP A 538 -19.54 -38.34 -6.71
N THR A 539 -20.71 -37.69 -6.83
CA THR A 539 -20.89 -36.27 -6.46
C THR A 539 -21.74 -35.99 -5.19
N TYR A 540 -22.90 -36.62 -5.06
CA TYR A 540 -23.81 -36.17 -3.99
C TYR A 540 -23.90 -37.23 -2.89
N SER A 541 -24.10 -36.74 -1.65
CA SER A 541 -24.45 -37.60 -0.52
C SER A 541 -25.62 -36.98 0.27
N VAL A 542 -26.49 -37.81 0.84
CA VAL A 542 -27.43 -37.30 1.83
C VAL A 542 -26.92 -37.60 3.23
N TYR A 543 -27.42 -36.83 4.21
CA TYR A 543 -27.10 -37.03 5.60
C TYR A 543 -28.30 -36.67 6.52
N ALA A 544 -28.39 -37.37 7.66
CA ALA A 544 -29.24 -36.98 8.76
C ALA A 544 -28.42 -37.04 10.04
N SER A 545 -28.74 -36.18 11.01
CA SER A 545 -28.12 -36.29 12.35
C SER A 545 -29.08 -35.80 13.42
N TYR A 546 -28.89 -36.31 14.65
CA TYR A 546 -29.63 -35.92 15.83
C TYR A 546 -28.54 -35.53 16.82
N THR A 547 -28.63 -34.32 17.34
CA THR A 547 -27.58 -33.79 18.22
C THR A 547 -28.22 -32.97 19.33
N ASP A 548 -27.41 -32.64 20.35
CA ASP A 548 -27.90 -32.10 21.60
C ASP A 548 -26.93 -31.10 22.25
N ILE A 549 -27.46 -30.25 23.12
CA ILE A 549 -26.65 -29.45 24.03
C ILE A 549 -27.52 -28.98 25.20
N PHE A 550 -26.85 -28.60 26.28
CA PHE A 550 -27.47 -27.94 27.43
C PHE A 550 -26.56 -26.90 28.11
N MET A 551 -27.18 -26.00 28.86
CA MET A 551 -26.41 -25.08 29.71
C MET A 551 -27.11 -24.96 31.07
N PRO A 552 -26.42 -25.26 32.15
CA PRO A 552 -27.14 -24.99 33.35
C PRO A 552 -27.39 -23.50 33.48
N GLN A 553 -28.53 -23.18 34.11
CA GLN A 553 -29.13 -21.85 34.02
C GLN A 553 -28.35 -20.86 34.86
N ASP A 554 -28.40 -19.56 34.60
CA ASP A 554 -27.81 -18.61 35.59
C ASP A 554 -28.57 -18.57 36.89
N SER A 555 -27.87 -18.30 37.98
CA SER A 555 -28.45 -18.54 39.27
C SER A 555 -29.61 -17.61 39.62
N TRP A 556 -29.77 -16.53 38.86
CA TRP A 556 -30.89 -15.66 39.12
C TRP A 556 -32.16 -16.11 38.41
N TYR A 557 -32.08 -17.18 37.63
CA TYR A 557 -33.22 -17.68 36.92
C TYR A 557 -33.92 -18.78 37.70
N ARG A 558 -34.59 -18.41 38.79
CA ARG A 558 -35.31 -19.31 39.68
C ARG A 558 -36.79 -19.14 39.39
N ASP A 559 -37.62 -20.08 39.83
CA ASP A 559 -39.06 -20.06 39.58
C ASP A 559 -39.93 -19.69 40.77
N SER A 560 -41.24 -19.86 40.57
CA SER A 560 -42.29 -19.52 41.51
C SER A 560 -42.03 -19.96 42.93
N SER A 561 -41.22 -21.00 43.02
CA SER A 561 -41.06 -21.80 44.20
C SER A 561 -39.67 -21.54 44.73
N ASN A 562 -38.93 -20.63 44.08
CA ASN A 562 -37.55 -20.29 44.43
C ASN A 562 -36.73 -21.54 44.21
N LYS A 563 -36.78 -22.03 42.97
CA LYS A 563 -36.10 -23.24 42.53
C LYS A 563 -35.50 -23.00 41.15
N LEU A 564 -34.23 -23.35 41.00
CA LEU A 564 -33.51 -23.01 39.81
C LEU A 564 -34.15 -23.76 38.70
N LEU A 565 -34.18 -23.10 37.53
CA LEU A 565 -34.78 -23.67 36.35
C LEU A 565 -33.93 -24.78 35.93
N GLU A 566 -34.56 -25.88 35.52
CA GLU A 566 -33.83 -26.92 34.77
C GLU A 566 -32.89 -26.35 33.65
N PRO A 567 -31.82 -27.09 33.29
CA PRO A 567 -30.93 -26.50 32.26
C PRO A 567 -31.59 -26.18 30.91
N ASP A 568 -31.25 -25.03 30.36
CA ASP A 568 -31.56 -24.67 28.98
C ASP A 568 -30.95 -25.62 27.95
N GLU A 569 -31.81 -26.31 27.20
CA GLU A 569 -31.47 -27.54 26.49
C GLU A 569 -32.06 -27.45 25.10
N GLY A 570 -31.42 -28.04 24.10
CA GLY A 570 -32.08 -28.21 22.80
C GLY A 570 -31.54 -29.34 21.95
N GLN A 571 -32.36 -29.81 21.02
CA GLN A 571 -31.90 -30.82 20.07
C GLN A 571 -32.04 -30.26 18.65
N ASN A 572 -31.01 -30.52 17.84
CA ASN A 572 -31.00 -30.15 16.45
C ASN A 572 -31.38 -31.40 15.66
N TYR A 573 -32.32 -31.24 14.72
CA TYR A 573 -32.71 -32.31 13.77
C TYR A 573 -32.37 -31.82 12.36
N GLU A 574 -31.58 -32.58 11.63
CA GLU A 574 -31.14 -32.13 10.37
C GLU A 574 -31.20 -33.28 9.36
N ILE A 575 -31.73 -32.99 8.18
CA ILE A 575 -31.57 -33.86 7.00
C ILE A 575 -31.04 -32.98 5.82
N GLY A 576 -30.14 -33.54 4.99
CA GLY A 576 -29.59 -32.74 3.87
C GLY A 576 -28.90 -33.49 2.76
N ILE A 577 -28.55 -32.78 1.69
CA ILE A 577 -27.68 -33.29 0.60
C ILE A 577 -26.42 -32.41 0.52
N LYS A 578 -25.26 -33.03 0.30
CA LYS A 578 -23.98 -32.27 0.13
C LYS A 578 -23.32 -32.73 -1.15
N GLY A 579 -22.78 -31.77 -1.91
CA GLY A 579 -22.12 -32.07 -3.18
C GLY A 579 -20.65 -31.80 -3.13
N GLU A 580 -19.88 -32.61 -3.84
CA GLU A 580 -18.43 -32.41 -3.94
C GLU A 580 -18.01 -32.34 -5.43
N TYR A 581 -17.31 -31.28 -5.86
CA TYR A 581 -16.86 -31.15 -7.26
C TYR A 581 -15.34 -30.94 -7.38
N LEU A 582 -14.76 -31.23 -8.55
CA LEU A 582 -13.33 -30.93 -8.91
C LEU A 582 -12.36 -31.40 -7.84
N ASP A 583 -12.46 -32.69 -7.52
CA ASP A 583 -11.63 -33.34 -6.51
C ASP A 583 -11.53 -32.54 -5.22
N GLY A 584 -12.69 -32.13 -4.70
CA GLY A 584 -12.76 -31.35 -3.44
C GLY A 584 -12.48 -29.83 -3.47
N ARG A 585 -12.17 -29.29 -4.63
CA ARG A 585 -11.99 -27.85 -4.82
C ARG A 585 -13.31 -27.01 -4.79
N LEU A 586 -14.47 -27.65 -4.91
CA LEU A 586 -15.77 -26.94 -4.77
C LEU A 586 -16.83 -27.78 -4.02
N ASN A 587 -17.42 -27.19 -2.99
CA ASN A 587 -18.42 -27.86 -2.13
C ASN A 587 -19.79 -27.20 -2.21
N THR A 588 -20.85 -27.98 -2.32
CA THR A 588 -22.18 -27.43 -2.10
C THR A 588 -22.95 -28.16 -1.01
N SER A 589 -23.88 -27.46 -0.39
CA SER A 589 -24.76 -28.08 0.58
C SER A 589 -26.11 -27.38 0.60
N LEU A 590 -27.15 -28.16 0.80
CA LEU A 590 -28.54 -27.72 0.95
C LEU A 590 -29.10 -28.53 2.13
N ALA A 591 -29.51 -27.86 3.20
CA ALA A 591 -29.95 -28.53 4.46
C ALA A 591 -31.33 -28.06 4.95
N TYR A 592 -32.13 -28.99 5.47
CA TYR A 592 -33.30 -28.63 6.31
C TYR A 592 -33.05 -29.03 7.78
N PHE A 593 -33.39 -28.12 8.68
CA PHE A 593 -33.12 -28.31 10.13
C PHE A 593 -34.18 -27.76 11.08
N GLU A 594 -34.28 -28.42 12.24
CA GLU A 594 -35.26 -28.04 13.25
C GLU A 594 -34.64 -28.14 14.62
N ILE A 595 -34.56 -27.00 15.32
CA ILE A 595 -34.10 -26.96 16.73
C ILE A 595 -35.30 -27.05 17.70
N HIS A 596 -35.28 -28.02 18.60
CA HIS A 596 -36.29 -28.06 19.67
C HIS A 596 -35.58 -27.71 20.97
N GLU A 597 -35.91 -26.52 21.48
CA GLU A 597 -35.43 -26.05 22.78
C GLU A 597 -36.39 -26.44 23.89
N GLU A 598 -35.83 -26.70 25.06
CA GLU A 598 -36.67 -26.83 26.23
C GLU A 598 -35.99 -26.23 27.50
N ASN A 599 -36.84 -25.81 28.45
CA ASN A 599 -36.44 -25.00 29.61
C ASN A 599 -35.81 -23.66 29.22
N ARG A 600 -36.41 -22.96 28.27
CA ARG A 600 -35.93 -21.61 27.90
C ARG A 600 -36.46 -20.62 28.96
N ALA A 601 -35.54 -19.99 29.71
CA ALA A 601 -35.92 -19.03 30.74
C ALA A 601 -36.76 -17.95 30.12
N GLU A 602 -37.83 -17.61 30.82
CA GLU A 602 -38.75 -16.54 30.45
C GLU A 602 -39.36 -15.88 31.71
N GLU A 603 -39.69 -14.60 31.59
CA GLU A 603 -40.10 -13.74 32.70
C GLU A 603 -41.14 -14.29 33.74
N ASP A 604 -42.22 -14.88 33.31
CA ASP A 604 -43.29 -15.25 34.29
C ASP A 604 -44.09 -14.04 34.77
N ALA A 605 -44.86 -13.48 33.84
CA ALA A 605 -45.57 -12.27 34.04
C ALA A 605 -46.71 -12.39 35.09
N LEU A 606 -47.43 -13.51 35.12
CA LEU A 606 -48.52 -13.66 36.07
C LEU A 606 -48.10 -13.65 37.56
N TYR A 607 -46.96 -14.25 37.90
CA TYR A 607 -46.34 -14.13 39.23
C TYR A 607 -45.80 -12.71 39.40
N ASN A 608 -44.93 -12.30 38.47
CA ASN A 608 -44.33 -10.98 38.55
C ASN A 608 -45.29 -9.77 38.78
N SER A 609 -46.57 -9.90 38.53
CA SER A 609 -47.41 -8.74 38.71
C SER A 609 -47.69 -8.37 40.14
N LYS A 610 -47.28 -9.23 41.08
CA LYS A 610 -47.59 -9.12 42.52
C LYS A 610 -47.13 -10.43 43.10
N PRO A 611 -45.87 -10.45 43.58
CA PRO A 611 -45.21 -11.64 44.08
C PRO A 611 -45.81 -12.04 45.37
N THR A 612 -45.69 -13.32 45.72
CA THR A 612 -46.51 -13.92 46.76
C THR A 612 -45.69 -14.95 47.53
N ASN A 613 -44.49 -15.25 47.02
CA ASN A 613 -43.57 -16.02 47.78
C ASN A 613 -42.61 -15.01 48.33
N PRO A 614 -42.48 -14.92 49.69
CA PRO A 614 -41.49 -14.03 50.32
C PRO A 614 -40.11 -14.47 49.84
N ALA A 615 -39.95 -15.78 49.60
CA ALA A 615 -38.66 -16.27 49.15
C ALA A 615 -38.21 -15.53 47.91
N ILE A 616 -39.03 -15.46 46.85
CA ILE A 616 -38.60 -14.78 45.60
C ILE A 616 -39.46 -13.56 45.32
N THR A 617 -38.82 -12.65 44.61
CA THR A 617 -39.33 -11.33 44.34
C THR A 617 -39.56 -11.22 42.82
N TYR A 618 -38.79 -11.97 42.02
CA TYR A 618 -38.91 -11.98 40.59
C TYR A 618 -38.53 -13.33 39.96
N ALA A 619 -39.53 -14.23 39.89
CA ALA A 619 -39.41 -15.55 39.26
C ALA A 619 -39.36 -15.54 37.73
N TYR A 620 -38.76 -16.61 37.16
CA TYR A 620 -38.83 -16.96 35.74
C TYR A 620 -39.53 -18.31 35.56
N LYS A 621 -39.72 -18.68 34.29
CA LYS A 621 -40.67 -19.70 33.81
C LYS A 621 -39.78 -20.41 32.77
N GLY A 622 -39.76 -21.75 32.80
CA GLY A 622 -39.02 -22.58 31.83
C GLY A 622 -39.88 -23.15 30.68
N ILE A 623 -39.78 -22.56 29.48
CA ILE A 623 -40.65 -22.90 28.31
C ILE A 623 -39.91 -23.56 27.19
N LYS A 624 -40.68 -24.14 26.27
CA LYS A 624 -40.21 -24.82 25.07
C LYS A 624 -40.17 -23.79 23.94
N ALA A 625 -39.26 -23.93 22.98
CA ALA A 625 -39.26 -23.12 21.75
C ALA A 625 -38.76 -23.95 20.55
N LYS A 626 -39.09 -23.53 19.34
CA LYS A 626 -38.74 -24.30 18.14
C LYS A 626 -38.00 -23.41 17.13
N THR A 627 -37.03 -23.96 16.41
CA THR A 627 -36.62 -23.33 15.16
C THR A 627 -36.93 -24.23 14.00
N LYS A 628 -37.57 -23.69 12.98
CA LYS A 628 -37.73 -24.42 11.72
C LYS A 628 -36.99 -23.54 10.71
N GLY A 629 -36.25 -24.14 9.76
CA GLY A 629 -35.42 -23.38 8.78
C GLY A 629 -34.68 -24.27 7.81
N TYR A 630 -34.23 -23.67 6.72
CA TYR A 630 -33.43 -24.40 5.74
C TYR A 630 -32.26 -23.55 5.34
N GLU A 631 -31.19 -24.19 4.81
CA GLU A 631 -29.95 -23.45 4.47
C GLU A 631 -29.20 -24.03 3.26
N ALA A 632 -28.71 -23.19 2.37
CA ALA A 632 -27.91 -23.61 1.16
C ALA A 632 -26.65 -22.80 1.05
N GLU A 633 -25.57 -23.46 0.61
CA GLU A 633 -24.27 -22.81 0.48
C GLU A 633 -23.38 -23.42 -0.56
N ILE A 634 -22.38 -22.64 -0.96
CA ILE A 634 -21.40 -23.05 -1.96
C ILE A 634 -20.10 -22.35 -1.55
N SER A 635 -18.97 -23.04 -1.73
CA SER A 635 -17.65 -22.45 -1.49
C SER A 635 -16.62 -23.22 -2.26
N GLY A 636 -15.64 -22.49 -2.81
CA GLY A 636 -14.60 -23.08 -3.63
C GLY A 636 -14.49 -22.50 -5.02
N GLU A 637 -14.10 -23.32 -5.99
CA GLU A 637 -13.78 -22.88 -7.32
C GLU A 637 -14.98 -22.98 -8.24
N LEU A 638 -15.39 -21.87 -8.85
CA LEU A 638 -16.38 -21.94 -9.90
C LEU A 638 -15.77 -22.14 -11.30
N ALA A 639 -14.55 -21.65 -11.50
CA ALA A 639 -13.77 -21.88 -12.74
C ALA A 639 -12.33 -21.58 -12.35
N PRO A 640 -11.36 -21.90 -13.24
CA PRO A 640 -9.96 -21.75 -12.84
C PRO A 640 -9.58 -20.48 -12.05
N GLY A 641 -9.68 -19.27 -12.50
CA GLY A 641 -9.30 -18.28 -11.43
C GLY A 641 -10.31 -17.75 -10.39
N TRP A 642 -11.39 -18.49 -10.17
CA TRP A 642 -12.66 -17.90 -9.68
C TRP A 642 -13.16 -18.61 -8.46
N GLN A 643 -13.10 -17.91 -7.32
CA GLN A 643 -13.45 -18.42 -5.99
C GLN A 643 -14.71 -17.77 -5.42
N VAL A 644 -15.57 -18.56 -4.79
CA VAL A 644 -16.70 -17.98 -4.03
C VAL A 644 -16.95 -18.60 -2.71
N GLN A 645 -17.60 -17.84 -1.84
CA GLN A 645 -18.36 -18.37 -0.74
C GLN A 645 -19.70 -17.68 -0.68
N ALA A 646 -20.76 -18.45 -0.51
CA ALA A 646 -22.11 -17.87 -0.60
C ALA A 646 -23.10 -18.71 0.19
N GLY A 647 -24.19 -18.13 0.63
CA GLY A 647 -25.08 -18.89 1.46
C GLY A 647 -26.46 -18.33 1.47
N TYR A 648 -27.41 -19.19 1.79
CA TYR A 648 -28.74 -18.74 1.97
C TYR A 648 -29.41 -19.44 3.15
N THR A 649 -29.84 -18.64 4.10
CA THR A 649 -30.53 -19.17 5.25
C THR A 649 -31.92 -18.56 5.49
N HIS A 650 -32.87 -19.46 5.71
CA HIS A 650 -34.24 -19.08 6.10
C HIS A 650 -34.51 -19.59 7.53
N LYS A 651 -35.05 -18.73 8.41
CA LYS A 651 -35.51 -19.20 9.71
C LYS A 651 -36.76 -18.53 10.26
N ILE A 652 -37.48 -19.25 11.12
CA ILE A 652 -38.44 -18.65 12.04
C ILE A 652 -38.29 -19.43 13.34
N ILE A 653 -38.03 -18.73 14.46
CA ILE A 653 -38.08 -19.36 15.79
C ILE A 653 -39.30 -18.89 16.63
N ARG A 654 -40.09 -19.86 17.10
CA ARG A 654 -41.30 -19.63 17.96
C ARG A 654 -41.12 -20.23 19.31
N ASP A 655 -41.75 -19.61 20.31
CA ASP A 655 -41.78 -20.17 21.69
C ASP A 655 -43.20 -20.56 22.07
N ASP A 656 -43.37 -21.07 23.29
CA ASP A 656 -44.60 -21.72 23.71
C ASP A 656 -45.73 -20.74 23.81
N SER A 657 -45.44 -19.47 23.57
CA SER A 657 -46.54 -18.54 23.32
C SER A 657 -47.08 -18.59 21.86
N GLY A 658 -46.28 -19.13 20.94
CA GLY A 658 -46.59 -19.18 19.50
C GLY A 658 -46.08 -17.94 18.80
N LYS A 659 -45.70 -16.95 19.59
CA LYS A 659 -45.15 -15.71 19.05
C LYS A 659 -43.71 -15.92 18.51
N LYS A 660 -43.40 -15.22 17.41
CA LYS A 660 -42.05 -15.16 16.86
C LYS A 660 -41.08 -14.62 17.87
N VAL A 661 -39.84 -15.06 17.75
CA VAL A 661 -38.83 -14.63 18.68
C VAL A 661 -37.52 -14.38 17.90
N SER A 662 -36.54 -13.71 18.53
CA SER A 662 -35.27 -13.35 17.88
C SER A 662 -35.59 -12.67 16.55
N THR A 663 -36.52 -11.73 16.65
CA THR A 663 -37.12 -11.09 15.51
C THR A 663 -36.24 -9.94 15.06
N TRP A 664 -35.15 -9.71 15.77
CA TRP A 664 -34.08 -8.85 15.26
C TRP A 664 -33.19 -9.57 14.26
N GLU A 665 -33.12 -10.90 14.35
CA GLU A 665 -32.43 -11.74 13.40
C GLU A 665 -33.37 -11.94 12.21
N PRO A 666 -32.93 -11.51 11.02
CA PRO A 666 -33.85 -11.49 9.87
C PRO A 666 -34.31 -12.86 9.57
N GLN A 667 -35.46 -13.00 8.90
CA GLN A 667 -36.03 -14.34 8.58
C GLN A 667 -35.41 -14.96 7.33
N ASP A 668 -34.71 -14.14 6.57
CA ASP A 668 -34.03 -14.58 5.37
C ASP A 668 -32.75 -13.79 5.30
N GLN A 669 -31.67 -14.43 4.84
CA GLN A 669 -30.41 -13.72 4.54
C GLN A 669 -29.62 -14.46 3.44
N LEU A 670 -28.79 -13.70 2.73
CA LEU A 670 -27.93 -14.16 1.65
C LEU A 670 -26.59 -13.51 1.90
N SER A 671 -25.51 -14.26 1.61
CA SER A 671 -24.15 -13.75 1.49
C SER A 671 -23.55 -14.27 0.22
N LEU A 672 -22.72 -13.48 -0.45
CA LEU A 672 -21.96 -13.97 -1.63
C LEU A 672 -20.65 -13.21 -1.68
N TYR A 673 -19.54 -13.88 -1.51
CA TYR A 673 -18.29 -13.18 -1.73
C TYR A 673 -17.48 -13.83 -2.81
N THR A 674 -16.85 -13.05 -3.65
CA THR A 674 -16.10 -13.65 -4.72
C THR A 674 -14.91 -12.79 -5.11
N SER A 675 -13.85 -13.47 -5.61
CA SER A 675 -12.72 -12.77 -6.25
C SER A 675 -12.32 -13.52 -7.50
N TYR A 676 -11.67 -12.83 -8.44
CA TYR A 676 -11.21 -13.44 -9.68
C TYR A 676 -9.77 -13.06 -9.94
N LYS A 677 -8.95 -14.06 -10.28
CA LYS A 677 -7.53 -13.89 -10.58
C LYS A 677 -7.37 -13.92 -12.11
N PHE A 678 -7.11 -12.79 -12.77
CA PHE A 678 -6.91 -12.78 -14.24
C PHE A 678 -5.76 -13.66 -14.73
N LYS A 679 -5.72 -13.98 -16.02
CA LYS A 679 -4.56 -14.66 -16.60
C LYS A 679 -4.01 -13.98 -17.87
N GLY A 680 -2.76 -14.32 -18.24
CA GLY A 680 -2.05 -13.65 -19.34
C GLY A 680 -1.63 -12.23 -18.95
N ALA A 681 -1.79 -11.27 -19.87
CA ALA A 681 -1.32 -9.90 -19.63
C ALA A 681 -1.54 -9.39 -18.16
N LEU A 682 -2.62 -9.81 -17.51
CA LEU A 682 -2.94 -9.31 -16.19
C LEU A 682 -3.02 -10.38 -15.08
N ASP A 683 -2.06 -11.31 -15.08
CA ASP A 683 -2.11 -12.39 -14.09
C ASP A 683 -1.78 -11.96 -12.67
N LYS A 684 -1.27 -10.73 -12.54
CA LYS A 684 -0.85 -10.13 -11.25
C LYS A 684 -2.01 -9.42 -10.50
N LEU A 685 -3.10 -9.13 -11.22
CA LEU A 685 -4.31 -8.47 -10.66
C LEU A 685 -5.35 -9.44 -10.09
N THR A 686 -5.79 -9.21 -8.87
CA THR A 686 -6.94 -9.93 -8.35
C THR A 686 -8.07 -8.96 -8.05
N VAL A 687 -9.21 -9.21 -8.67
CA VAL A 687 -10.38 -8.33 -8.53
C VAL A 687 -11.49 -9.02 -7.73
N GLY A 688 -12.21 -8.30 -6.90
CA GLY A 688 -13.21 -8.98 -6.11
C GLY A 688 -14.37 -8.16 -5.62
N GLY A 689 -15.45 -8.84 -5.26
CA GLY A 689 -16.62 -8.13 -4.83
C GLY A 689 -17.42 -8.97 -3.89
N GLY A 690 -18.43 -8.36 -3.30
CA GLY A 690 -19.31 -9.10 -2.39
C GLY A 690 -20.63 -8.42 -2.11
N ALA A 691 -21.62 -9.24 -1.77
CA ALA A 691 -22.94 -8.69 -1.32
C ALA A 691 -23.52 -9.43 -0.17
N ARG A 692 -24.14 -8.71 0.72
CA ARG A 692 -24.90 -9.32 1.77
C ARG A 692 -26.26 -8.61 1.74
N TRP A 693 -27.31 -9.40 1.60
CA TRP A 693 -28.69 -8.93 1.76
C TRP A 693 -29.33 -9.55 2.98
N GLN A 694 -30.17 -8.78 3.67
CA GLN A 694 -31.11 -9.40 4.62
C GLN A 694 -32.48 -8.74 4.61
N GLY A 695 -33.51 -9.55 4.87
CA GLY A 695 -34.89 -9.12 4.86
C GLY A 695 -35.33 -8.46 6.15
N LYS A 696 -36.58 -8.01 6.20
CA LYS A 696 -37.14 -7.29 7.37
C LYS A 696 -36.68 -7.89 8.70
N SER A 697 -36.31 -6.98 9.59
CA SER A 697 -36.10 -7.30 11.00
C SER A 697 -36.78 -6.26 11.87
N TRP A 698 -37.14 -6.63 13.10
CA TRP A 698 -37.83 -5.71 13.98
C TRP A 698 -37.70 -5.97 15.49
N GLN A 699 -38.13 -5.02 16.32
CA GLN A 699 -38.22 -5.20 17.78
C GLN A 699 -39.41 -4.50 18.40
N MET A 700 -40.07 -5.17 19.32
CA MET A 700 -41.01 -4.47 20.17
C MET A 700 -40.20 -3.82 21.30
N VAL A 701 -40.32 -2.49 21.43
CA VAL A 701 -39.71 -1.77 22.51
C VAL A 701 -40.77 -0.86 23.11
N TYR A 702 -40.58 -0.49 24.40
CA TYR A 702 -41.65 0.14 25.19
C TYR A 702 -41.36 1.61 25.34
N ASN A 703 -42.30 2.46 24.93
CA ASN A 703 -42.11 3.86 24.97
C ASN A 703 -42.65 4.33 26.28
N ASN A 704 -41.75 4.52 27.24
CA ASN A 704 -42.16 4.81 28.60
C ASN A 704 -43.08 6.05 28.75
N PRO A 705 -42.59 7.26 28.34
CA PRO A 705 -43.32 8.55 28.40
C PRO A 705 -44.70 8.56 27.79
N ARG A 706 -45.00 7.59 26.94
CA ARG A 706 -46.29 7.49 26.32
C ARG A 706 -47.05 6.24 26.74
N SER A 707 -46.35 5.35 27.46
CA SER A 707 -46.95 4.16 28.05
C SER A 707 -47.50 3.21 27.01
N ARG A 708 -46.70 2.87 26.01
CA ARG A 708 -47.25 2.08 24.90
C ARG A 708 -46.15 1.28 24.24
N TRP A 709 -46.44 0.11 23.70
CA TRP A 709 -45.44 -0.61 22.97
C TRP A 709 -45.37 -0.05 21.51
N GLU A 710 -44.18 -0.02 20.91
CA GLU A 710 -44.03 0.30 19.48
C GLU A 710 -43.27 -0.81 18.83
N LYS A 711 -43.46 -0.98 17.52
CA LYS A 711 -42.68 -1.90 16.69
C LYS A 711 -41.58 -1.12 16.00
N PHE A 712 -40.31 -1.48 16.16
CA PHE A 712 -39.30 -0.78 15.37
C PHE A 712 -38.84 -1.69 14.28
N SER A 713 -38.92 -1.25 13.02
CA SER A 713 -38.42 -2.06 11.88
C SER A 713 -37.11 -1.58 11.22
N GLN A 714 -36.42 -2.53 10.60
CA GLN A 714 -35.39 -2.28 9.63
C GLN A 714 -35.89 -2.95 8.31
N GLU A 715 -36.36 -2.15 7.34
CA GLU A 715 -36.61 -2.64 6.00
C GLU A 715 -35.37 -3.38 5.42
N ASP A 716 -35.60 -4.43 4.61
CA ASP A 716 -34.52 -5.24 4.06
C ASP A 716 -33.56 -4.30 3.38
N TYR A 717 -32.29 -4.69 3.32
CA TYR A 717 -31.27 -3.86 2.69
C TYR A 717 -30.08 -4.67 2.20
N TRP A 718 -29.33 -4.10 1.27
CA TRP A 718 -28.09 -4.69 0.73
C TRP A 718 -26.86 -3.94 1.26
N LEU A 719 -25.76 -4.65 1.49
CA LEU A 719 -24.48 -4.03 1.65
C LEU A 719 -23.52 -4.53 0.58
N VAL A 720 -22.81 -3.64 -0.12
CA VAL A 720 -21.91 -4.10 -1.21
C VAL A 720 -20.43 -3.90 -0.82
N ASP A 721 -19.61 -4.91 -1.07
CA ASP A 721 -18.16 -4.80 -0.87
C ASP A 721 -17.44 -4.96 -2.21
N LEU A 722 -16.27 -4.28 -2.32
CA LEU A 722 -15.37 -4.42 -3.50
C LEU A 722 -13.99 -4.43 -2.99
N MET A 723 -13.07 -4.85 -3.84
CA MET A 723 -11.77 -5.34 -3.45
C MET A 723 -10.89 -5.45 -4.69
N ALA A 724 -9.64 -5.05 -4.61
CA ALA A 724 -8.68 -5.34 -5.68
C ALA A 724 -7.29 -5.56 -5.10
N ARG A 725 -6.52 -6.48 -5.67
CA ARG A 725 -5.11 -6.60 -5.28
C ARG A 725 -4.15 -6.60 -6.49
N TYR A 726 -2.97 -6.01 -6.39
CA TYR A 726 -2.01 -6.10 -7.52
C TYR A 726 -0.68 -6.56 -7.00
N GLN A 727 -0.24 -7.72 -7.44
CA GLN A 727 1.04 -8.25 -7.05
C GLN A 727 2.08 -7.59 -7.95
N ILE A 728 2.66 -6.47 -7.49
CA ILE A 728 3.55 -5.67 -8.35
C ILE A 728 4.86 -6.39 -8.51
N THR A 729 5.22 -7.09 -7.43
CA THR A 729 6.52 -7.70 -7.30
C THR A 729 6.40 -9.08 -6.66
N ASP A 730 7.33 -10.00 -6.96
CA ASP A 730 7.38 -11.35 -6.32
C ASP A 730 7.07 -11.22 -4.81
N LYS A 731 7.61 -10.18 -4.18
CA LYS A 731 7.65 -10.08 -2.74
C LYS A 731 6.70 -9.01 -2.19
N LEU A 732 6.18 -8.16 -3.08
CA LEU A 732 5.34 -7.08 -2.63
C LEU A 732 4.04 -6.83 -3.41
N SER A 733 2.92 -6.75 -2.68
CA SER A 733 1.62 -6.38 -3.25
C SER A 733 0.86 -5.17 -2.63
N ALA A 734 -0.05 -4.55 -3.40
CA ALA A 734 -0.99 -3.52 -2.89
C ALA A 734 -2.53 -3.86 -2.94
N SER A 735 -3.31 -3.33 -1.99
CA SER A 735 -4.74 -3.58 -1.94
C SER A 735 -5.61 -2.35 -1.61
N VAL A 736 -6.85 -2.41 -2.06
CA VAL A 736 -7.84 -1.48 -1.68
C VAL A 736 -9.09 -2.33 -1.33
N ASN A 737 -9.72 -2.01 -0.21
CA ASN A 737 -11.05 -2.53 0.05
C ASN A 737 -11.99 -1.36 0.24
N VAL A 738 -13.00 -1.30 -0.61
CA VAL A 738 -14.10 -0.42 -0.34
C VAL A 738 -15.24 -1.27 0.25
N ASN A 739 -15.76 -0.83 1.41
CA ASN A 739 -16.87 -1.49 2.15
C ASN A 739 -18.12 -0.67 2.21
N ASN A 740 -19.28 -1.30 2.05
CA ASN A 740 -20.57 -0.57 1.93
C ASN A 740 -20.50 0.49 0.79
N VAL A 741 -20.31 0.02 -0.43
CA VAL A 741 -20.12 0.90 -1.61
C VAL A 741 -21.19 1.98 -1.75
N PHE A 742 -22.45 1.61 -1.50
CA PHE A 742 -23.59 2.52 -1.69
C PHE A 742 -23.92 3.28 -0.42
N ASP A 743 -23.01 3.23 0.54
CA ASP A 743 -23.13 4.00 1.81
C ASP A 743 -24.50 3.87 2.44
N LYS A 744 -25.10 2.70 2.31
CA LYS A 744 -26.38 2.41 2.97
C LYS A 744 -26.37 2.80 4.42
N THR A 745 -27.37 3.51 4.88
CA THR A 745 -27.42 3.73 6.33
C THR A 745 -28.50 2.76 6.90
N TYR A 746 -28.13 1.99 7.92
CA TYR A 746 -28.98 0.95 8.49
C TYR A 746 -28.61 0.82 9.94
N TYR A 747 -29.34 -0.08 10.63
CA TYR A 747 -29.23 -0.32 12.10
C TYR A 747 -28.67 -1.70 12.42
N THR A 748 -27.81 -1.79 13.43
CA THR A 748 -27.25 -3.07 13.82
C THR A 748 -27.77 -3.42 15.18
N ASN A 749 -28.52 -2.49 15.77
CA ASN A 749 -29.18 -2.64 17.07
C ASN A 749 -30.32 -1.63 17.17
N ILE A 750 -31.53 -2.15 17.40
CA ILE A 750 -32.69 -1.31 17.79
C ILE A 750 -33.37 -1.98 18.98
N GLY A 751 -33.40 -1.28 20.11
CA GLY A 751 -34.14 -1.83 21.21
C GLY A 751 -33.36 -2.49 22.32
N PHE A 752 -32.04 -2.73 22.12
CA PHE A 752 -31.17 -3.10 23.26
C PHE A 752 -31.14 -2.04 24.37
N TYR A 753 -31.84 -2.31 25.48
CA TYR A 753 -32.15 -1.33 26.50
C TYR A 753 -32.65 0.01 25.95
N THR A 754 -33.45 -0.05 24.86
CA THR A 754 -34.19 1.15 24.42
C THR A 754 -33.23 2.14 23.79
N SER A 755 -32.35 1.59 22.98
CA SER A 755 -31.29 2.36 22.35
C SER A 755 -31.12 1.88 20.89
N ALA A 756 -30.18 2.46 20.15
CA ALA A 756 -29.92 2.05 18.78
C ALA A 756 -28.48 2.25 18.38
N SER A 757 -28.03 1.43 17.45
CA SER A 757 -26.70 1.54 16.87
C SER A 757 -26.74 1.48 15.36
N TYR A 758 -25.93 2.31 14.72
CA TYR A 758 -25.80 2.25 13.27
C TYR A 758 -24.75 1.24 12.83
N GLY A 759 -24.93 0.69 11.65
CA GLY A 759 -23.82 0.06 10.89
C GLY A 759 -22.80 0.99 10.24
N ASP A 760 -21.57 0.49 10.00
CA ASP A 760 -20.48 1.27 9.36
C ASP A 760 -20.93 1.97 8.06
N PRO A 761 -20.79 3.30 7.97
CA PRO A 761 -20.81 3.88 6.64
C PRO A 761 -19.71 3.31 5.67
N ARG A 762 -19.73 3.74 4.42
CA ARG A 762 -18.70 3.40 3.45
C ARG A 762 -17.38 3.74 4.09
N ASN A 763 -16.46 2.77 4.08
CA ASN A 763 -15.10 2.95 4.57
C ASN A 763 -14.07 2.32 3.64
N LEU A 764 -12.89 2.92 3.53
CA LEU A 764 -11.85 2.35 2.66
C LEU A 764 -10.73 1.77 3.50
N MET A 765 -10.00 0.83 2.90
CA MET A 765 -8.76 0.33 3.52
C MET A 765 -7.64 0.06 2.48
N PHE A 766 -6.51 0.71 2.66
CA PHE A 766 -5.40 0.49 1.76
C PHE A 766 -4.34 -0.29 2.51
N SER A 767 -3.78 -1.34 1.92
CA SER A 767 -2.67 -2.14 2.52
C SER A 767 -1.55 -2.43 1.56
N THR A 768 -0.32 -2.44 2.05
CA THR A 768 0.71 -3.20 1.38
C THR A 768 1.04 -4.42 2.21
N ARG A 769 1.39 -5.49 1.53
CA ARG A 769 1.92 -6.63 2.18
C ARG A 769 3.30 -6.99 1.53
N TRP A 770 4.28 -7.32 2.37
CA TRP A 770 5.60 -7.65 1.91
C TRP A 770 5.98 -9.04 2.43
N ASP A 771 6.13 -10.01 1.50
CA ASP A 771 6.57 -11.39 1.84
C ASP A 771 8.07 -11.54 1.69
N PHE A 772 8.74 -11.91 2.79
CA PHE A 772 10.17 -12.26 2.70
C PHE A 772 10.19 -13.67 2.10
N GLN B 1 -10.17 27.38 8.01
CA GLN B 1 -11.44 27.32 8.78
C GLN B 1 -11.17 27.48 10.28
N GLU B 2 -12.14 27.04 11.10
CA GLU B 2 -12.11 27.19 12.57
C GLU B 2 -11.45 25.99 13.25
N VAL B 3 -10.72 26.27 14.34
CA VAL B 3 -10.01 25.24 15.15
C VAL B 3 -10.48 25.22 16.62
N GLU B 4 -10.52 24.03 17.22
CA GLU B 4 -10.78 23.86 18.67
C GLU B 4 -9.53 24.17 19.52
N PHE B 5 -9.61 25.14 20.45
CA PHE B 5 -8.43 25.57 21.27
C PHE B 5 -8.54 25.40 22.78
N ASP B 6 -7.41 25.15 23.44
CA ASP B 6 -7.32 25.20 24.90
C ASP B 6 -5.91 25.56 25.44
N ILE B 7 -5.63 26.85 25.58
CA ILE B 7 -4.34 27.32 26.09
C ILE B 7 -4.46 28.25 27.33
N PRO B 8 -4.47 27.62 28.52
CA PRO B 8 -4.74 28.34 29.76
C PRO B 8 -3.54 29.26 30.02
N PRO B 9 -3.72 30.34 30.83
CA PRO B 9 -2.60 31.32 31.06
C PRO B 9 -1.27 30.67 31.57
N GLN B 10 -0.19 30.97 30.84
CA GLN B 10 1.15 30.39 31.10
C GLN B 10 2.25 31.26 30.51
N ALA B 11 3.49 30.84 30.71
CA ALA B 11 4.62 31.50 30.07
C ALA B 11 4.37 31.68 28.55
N LEU B 12 4.48 32.92 28.04
CA LEU B 12 4.24 33.15 26.63
C LEU B 12 5.00 32.14 25.71
N GLY B 13 6.22 31.76 26.11
CA GLY B 13 7.00 30.75 25.38
C GLY B 13 6.20 29.50 24.97
N SER B 14 5.74 28.76 25.99
CA SER B 14 5.15 27.45 25.76
C SER B 14 3.70 27.57 25.28
N ALA B 15 3.07 28.69 25.61
CA ALA B 15 1.81 29.02 24.99
C ALA B 15 1.99 29.02 23.45
N LEU B 16 2.94 29.84 22.99
CA LEU B 16 3.15 29.98 21.55
C LEU B 16 3.39 28.62 20.92
N GLN B 17 4.12 27.74 21.64
CA GLN B 17 4.52 26.43 21.16
C GLN B 17 3.35 25.48 21.13
N GLU B 18 2.49 25.57 22.15
CA GLU B 18 1.20 24.85 22.13
C GLU B 18 0.22 25.37 21.07
N PHE B 19 0.22 26.68 20.84
CA PHE B 19 -0.62 27.23 19.77
C PHE B 19 -0.33 26.57 18.45
N GLY B 20 0.96 26.45 18.14
CA GLY B 20 1.44 25.65 17.02
C GLY B 20 0.93 24.22 16.93
N ARG B 21 0.86 23.56 18.09
CA ARG B 21 0.35 22.18 18.16
C ARG B 21 -1.16 22.10 17.86
N GLN B 22 -1.94 23.04 18.37
CA GLN B 22 -3.39 22.94 18.25
C GLN B 22 -3.87 23.45 16.90
N ALA B 23 -3.09 24.31 16.25
CA ALA B 23 -3.52 24.97 15.01
C ALA B 23 -3.02 24.21 13.84
N ASP B 24 -1.93 23.47 14.07
CA ASP B 24 -1.20 22.85 12.97
C ASP B 24 -0.53 23.93 12.07
N ILE B 25 -0.10 25.03 12.68
CA ILE B 25 0.61 26.08 11.92
C ILE B 25 1.84 26.54 12.76
N GLN B 26 3.00 26.75 12.12
CA GLN B 26 4.25 27.06 12.80
C GLN B 26 4.32 28.51 13.25
N VAL B 27 4.91 28.70 14.45
CA VAL B 27 5.08 29.99 15.12
C VAL B 27 6.58 30.36 15.34
N LEU B 28 6.96 31.56 14.96
CA LEU B 28 8.33 31.99 15.03
C LEU B 28 8.42 33.12 16.03
N TYR B 29 9.52 33.18 16.77
CA TYR B 29 9.71 34.26 17.77
C TYR B 29 11.15 34.29 18.28
N ARG B 30 11.56 35.40 18.88
CA ARG B 30 12.84 35.47 19.54
C ARG B 30 12.59 35.07 20.99
N PRO B 31 13.19 33.95 21.48
CA PRO B 31 13.01 33.58 22.89
C PRO B 31 13.25 34.75 23.85
N GLU B 32 14.21 35.62 23.54
CA GLU B 32 14.53 36.83 24.33
C GLU B 32 13.38 37.88 24.47
N GLU B 33 12.63 38.09 23.39
CA GLU B 33 11.48 39.05 23.38
C GLU B 33 10.21 38.52 24.02
N VAL B 34 10.17 37.25 24.40
CA VAL B 34 8.99 36.68 25.05
C VAL B 34 9.30 36.17 26.49
N ARG B 35 10.58 36.07 26.84
CA ARG B 35 11.02 35.40 28.07
C ARG B 35 10.28 35.76 29.39
N ASN B 36 9.60 36.90 29.49
CA ASN B 36 8.92 37.16 30.76
C ASN B 36 7.53 37.68 30.61
N LYS B 37 6.71 36.92 29.89
CA LYS B 37 5.39 37.37 29.51
C LYS B 37 4.39 36.24 29.73
N ARG B 38 3.17 36.67 30.01
CA ARG B 38 2.02 35.82 30.27
C ARG B 38 1.11 35.77 29.02
N SER B 39 0.81 34.58 28.50
CA SER B 39 -0.31 34.41 27.57
C SER B 39 -1.67 34.64 28.26
N SER B 40 -2.68 35.15 27.56
CA SER B 40 -4.00 35.25 28.21
C SER B 40 -4.84 34.16 27.67
N ALA B 41 -5.83 33.73 28.44
CA ALA B 41 -6.55 32.50 28.15
C ALA B 41 -7.27 32.49 26.80
N ILE B 42 -7.10 31.40 26.04
CA ILE B 42 -8.03 31.07 24.94
C ILE B 42 -8.71 29.70 25.18
N LYS B 43 -10.01 29.60 24.83
CA LYS B 43 -10.84 28.40 24.98
C LYS B 43 -11.96 28.41 23.92
N GLY B 44 -12.35 27.22 23.46
CA GLY B 44 -13.47 27.07 22.55
C GLY B 44 -13.08 27.07 21.08
N LYS B 45 -14.10 26.94 20.22
CA LYS B 45 -13.90 26.93 18.78
C LYS B 45 -13.65 28.34 18.27
N LEU B 46 -12.39 28.64 17.90
CA LEU B 46 -12.01 29.96 17.38
C LEU B 46 -11.34 29.89 16.03
N GLU B 47 -11.40 31.00 15.31
CA GLU B 47 -10.57 31.20 14.14
C GLU B 47 -9.09 31.27 14.56
N PRO B 48 -8.17 30.72 13.74
CA PRO B 48 -6.76 30.80 14.15
C PRO B 48 -6.26 32.25 14.35
N ASN B 49 -6.66 33.18 13.48
CA ASN B 49 -6.27 34.60 13.63
C ASN B 49 -6.90 35.28 14.84
N GLN B 50 -8.15 34.93 15.16
CA GLN B 50 -8.83 35.45 16.34
C GLN B 50 -8.12 34.97 17.62
N ALA B 51 -7.71 33.71 17.60
CA ALA B 51 -7.15 33.04 18.77
C ALA B 51 -5.81 33.60 19.19
N ILE B 52 -4.88 33.69 18.23
CA ILE B 52 -3.50 34.14 18.49
C ILE B 52 -3.57 35.60 19.01
N THR B 53 -4.42 36.37 18.37
CA THR B 53 -4.67 37.71 18.76
C THR B 53 -5.00 37.78 20.24
N GLU B 54 -5.86 36.87 20.72
CA GLU B 54 -6.31 36.93 22.12
C GLU B 54 -5.28 36.45 23.16
N LEU B 55 -4.61 35.33 22.82
CA LEU B 55 -3.60 34.75 23.69
C LEU B 55 -2.43 35.76 23.92
N LEU B 56 -2.31 36.70 22.98
CA LEU B 56 -1.31 37.76 23.06
C LEU B 56 -1.75 39.06 23.78
N ARG B 57 -3.02 39.13 24.20
CA ARG B 57 -3.50 40.39 24.79
C ARG B 57 -2.57 40.69 25.97
N GLY B 58 -2.25 41.96 26.18
CA GLY B 58 -1.42 42.41 27.32
C GLY B 58 0.06 42.03 27.29
N THR B 59 0.48 41.22 26.30
CA THR B 59 1.90 40.99 26.03
C THR B 59 2.60 42.13 25.28
N GLY B 60 1.82 43.03 24.65
CA GLY B 60 2.36 44.10 23.78
C GLY B 60 3.03 43.61 22.50
N ALA B 61 2.60 42.44 22.05
CA ALA B 61 3.23 41.79 20.91
C ALA B 61 2.29 41.70 19.69
N SER B 62 2.88 41.73 18.50
CA SER B 62 2.12 41.66 17.25
C SER B 62 2.36 40.39 16.42
N VAL B 63 1.44 40.06 15.52
CA VAL B 63 1.64 38.89 14.67
C VAL B 63 1.64 39.34 13.25
N ASP B 64 2.56 38.79 12.47
CA ASP B 64 2.49 38.81 11.02
C ASP B 64 2.03 37.46 10.51
N PHE B 65 1.43 37.46 9.33
CA PHE B 65 0.91 36.20 8.76
C PHE B 65 1.58 35.85 7.45
N GLN B 66 2.71 36.50 7.14
CA GLN B 66 3.38 36.24 5.84
C GLN B 66 4.13 34.87 5.76
N GLY B 67 4.25 34.36 4.51
CA GLY B 67 4.66 32.96 4.24
C GLY B 67 3.59 31.98 4.75
N ASN B 68 4.03 30.80 5.21
CA ASN B 68 3.12 29.81 5.80
C ASN B 68 3.34 29.73 7.31
N ALA B 69 3.81 30.84 7.88
CA ALA B 69 4.17 30.90 9.30
C ALA B 69 3.79 32.22 9.93
N ILE B 70 3.26 32.12 11.14
CA ILE B 70 2.99 33.29 11.94
C ILE B 70 4.25 33.68 12.73
N THR B 71 4.70 34.90 12.55
CA THR B 71 5.86 35.40 13.25
C THR B 71 5.39 36.39 14.32
N ILE B 72 5.92 36.25 15.53
CA ILE B 72 5.64 37.18 16.62
C ILE B 72 6.87 38.07 16.86
N SER B 73 6.64 39.39 16.98
CA SER B 73 7.68 40.34 17.40
C SER B 73 7.22 41.33 18.49
N VAL B 74 8.04 42.37 18.75
CA VAL B 74 7.75 43.34 19.79
C VAL B 74 7.68 44.79 19.28
N GLN B 93 14.00 35.30 -6.28
CA GLN B 93 15.08 35.62 -7.26
C GLN B 93 15.18 34.66 -8.45
N LEU B 94 14.83 33.39 -8.20
CA LEU B 94 14.72 32.40 -9.23
C LEU B 94 13.27 32.28 -9.60
N GLY B 95 12.49 33.33 -9.34
CA GLY B 95 11.03 33.36 -9.60
C GLY B 95 10.24 32.71 -8.48
N THR B 96 8.93 32.43 -8.67
CA THR B 96 8.15 31.82 -7.56
C THR B 96 8.22 30.28 -7.49
N ILE B 97 8.30 29.77 -6.26
CA ILE B 97 8.32 28.32 -5.93
C ILE B 97 7.00 27.66 -6.34
N THR B 98 7.03 26.41 -6.80
CA THR B 98 5.79 25.73 -7.26
C THR B 98 5.18 24.69 -6.28
N GLU B 99 6.03 24.01 -5.52
CA GLU B 99 5.63 23.19 -4.36
C GLU B 99 4.51 23.91 -3.61
N ASP B 100 3.47 23.18 -3.23
CA ASP B 100 2.40 23.83 -2.40
C ASP B 100 1.43 24.79 -3.11
N SER B 101 1.66 25.09 -4.38
CA SER B 101 0.71 25.91 -5.11
C SER B 101 -0.40 25.06 -5.63
N GLY B 102 -0.16 23.74 -5.71
CA GLY B 102 -1.09 22.80 -6.31
C GLY B 102 -1.30 22.97 -7.81
N SER B 103 -0.47 23.76 -8.49
CA SER B 103 -0.74 24.07 -9.90
C SER B 103 0.28 23.52 -10.88
N TYR B 104 -0.16 23.43 -12.15
CA TYR B 104 0.68 23.01 -13.26
C TYR B 104 1.28 24.21 -14.00
N THR B 105 0.86 25.41 -13.63
CA THR B 105 1.45 26.61 -14.23
C THR B 105 2.53 27.24 -13.31
N PRO B 106 3.54 27.89 -13.92
CA PRO B 106 4.53 28.59 -13.14
C PRO B 106 3.96 29.88 -12.60
N GLY B 107 4.69 30.53 -11.73
CA GLY B 107 4.25 31.82 -11.25
C GLY B 107 5.13 32.78 -12.01
N THR B 108 6.33 32.98 -11.49
CA THR B 108 7.28 33.86 -12.12
C THR B 108 8.50 33.03 -12.34
N ILE B 109 9.33 33.49 -13.28
CA ILE B 109 10.57 32.84 -13.63
C ILE B 109 11.59 33.86 -14.05
N ALA B 110 12.86 33.50 -13.93
CA ALA B 110 13.97 34.35 -14.28
C ALA B 110 14.97 33.61 -15.20
N THR B 111 14.51 32.73 -16.07
CA THR B 111 15.42 31.89 -16.89
C THR B 111 16.11 32.64 -18.08
N ALA B 112 15.29 33.46 -18.75
CA ALA B 112 15.62 34.25 -19.91
C ALA B 112 16.64 35.39 -19.69
N THR B 113 16.36 36.32 -18.79
CA THR B 113 17.16 37.54 -18.66
C THR B 113 17.75 37.71 -17.27
N ARG B 114 17.38 36.81 -16.35
CA ARG B 114 17.72 36.90 -14.93
C ARG B 114 16.72 37.82 -14.21
N LEU B 115 16.04 38.70 -14.97
CA LEU B 115 14.90 39.44 -14.44
C LEU B 115 13.80 38.44 -14.06
N VAL B 116 13.19 38.68 -12.91
CA VAL B 116 12.09 37.85 -12.42
C VAL B 116 10.82 38.29 -13.15
N LEU B 117 10.42 37.53 -14.17
CA LEU B 117 9.19 37.88 -14.88
C LEU B 117 8.16 36.73 -14.92
N THR B 118 6.90 37.09 -15.14
CA THR B 118 5.86 36.12 -15.44
C THR B 118 6.10 35.60 -16.84
N PRO B 119 5.44 34.49 -17.23
CA PRO B 119 5.63 33.99 -18.64
C PRO B 119 5.11 34.94 -19.75
N ARG B 120 3.99 35.62 -19.52
CA ARG B 120 3.47 36.58 -20.48
C ARG B 120 4.47 37.73 -20.65
N GLU B 121 5.22 38.01 -19.60
CA GLU B 121 6.19 39.08 -19.65
C GLU B 121 7.50 38.71 -20.40
N THR B 122 7.79 37.41 -20.55
CA THR B 122 9.02 36.85 -21.18
C THR B 122 8.84 36.63 -22.70
N PRO B 123 9.72 37.26 -23.54
CA PRO B 123 9.53 37.29 -25.00
C PRO B 123 10.24 36.13 -25.61
N GLN B 124 10.07 34.97 -24.98
CA GLN B 124 10.71 33.71 -25.36
C GLN B 124 9.80 32.50 -25.11
N SER B 125 9.82 31.51 -25.99
CA SER B 125 9.15 30.23 -25.66
C SER B 125 9.70 29.60 -24.36
N ILE B 126 8.90 29.58 -23.29
CA ILE B 126 9.36 29.00 -21.99
C ILE B 126 8.36 28.00 -21.40
N THR B 127 8.81 26.79 -21.11
CA THR B 127 7.97 25.71 -20.57
C THR B 127 8.44 25.18 -19.21
N VAL B 128 7.54 25.06 -18.26
CA VAL B 128 7.95 24.54 -16.98
C VAL B 128 7.16 23.28 -16.60
N VAL B 129 7.86 22.27 -16.09
CA VAL B 129 7.21 21.24 -15.31
C VAL B 129 7.24 21.57 -13.78
N THR B 130 6.06 21.83 -13.19
CA THR B 130 5.93 22.19 -11.74
C THR B 130 5.93 20.98 -10.80
N ARG B 131 6.24 21.26 -9.54
CA ARG B 131 6.30 20.23 -8.47
C ARG B 131 5.06 19.32 -8.40
N GLN B 132 3.85 19.87 -8.50
CA GLN B 132 2.61 19.08 -8.50
C GLN B 132 2.51 18.13 -9.69
N ASN B 133 2.82 18.63 -10.90
CA ASN B 133 2.95 17.73 -12.08
C ASN B 133 3.79 16.50 -11.77
N MET B 134 5.02 16.75 -11.26
CA MET B 134 6.05 15.75 -10.91
C MET B 134 5.46 14.73 -9.97
N ASP B 135 4.84 15.25 -8.90
CA ASP B 135 4.17 14.41 -7.89
C ASP B 135 3.04 13.57 -8.46
N ASP B 136 2.06 14.22 -9.08
CA ASP B 136 0.90 13.51 -9.65
C ASP B 136 1.28 12.38 -10.63
N PHE B 137 2.32 12.52 -11.42
CA PHE B 137 2.66 11.49 -12.39
C PHE B 137 3.87 10.67 -12.03
N GLY B 138 4.35 10.79 -10.78
CA GLY B 138 5.56 10.12 -10.32
C GLY B 138 6.76 10.28 -11.26
N LEU B 139 6.92 11.47 -11.85
CA LEU B 139 8.14 11.74 -12.60
C LEU B 139 9.25 11.81 -11.57
N ASN B 140 10.14 10.83 -11.58
CA ASN B 140 11.10 10.78 -10.52
C ASN B 140 12.52 11.19 -10.87
N ASN B 141 12.83 11.20 -12.16
CA ASN B 141 14.10 11.78 -12.65
C ASN B 141 13.95 12.70 -13.86
N ILE B 142 15.08 13.19 -14.35
CA ILE B 142 15.08 14.14 -15.45
C ILE B 142 14.55 13.52 -16.75
N ASP B 143 14.79 12.26 -16.99
CA ASP B 143 14.17 11.62 -18.15
C ASP B 143 12.64 11.67 -18.06
N ASP B 144 12.09 11.01 -17.06
CA ASP B 144 10.66 11.19 -16.74
C ASP B 144 10.17 12.64 -17.01
N VAL B 145 10.86 13.65 -16.48
CA VAL B 145 10.37 15.00 -16.69
C VAL B 145 10.31 15.27 -18.21
N MET B 146 11.43 15.06 -18.89
CA MET B 146 11.58 15.38 -20.29
C MET B 146 10.50 14.70 -21.09
N ARG B 147 10.22 13.43 -20.79
CA ARG B 147 9.07 12.76 -21.44
C ARG B 147 7.69 13.46 -21.30
N HIS B 148 7.48 14.23 -20.22
CA HIS B 148 6.23 14.96 -20.05
C HIS B 148 6.31 16.43 -20.43
N THR B 149 7.41 16.81 -21.09
CA THR B 149 7.62 18.20 -21.33
C THR B 149 7.18 18.55 -22.75
N PRO B 150 6.36 19.58 -22.89
CA PRO B 150 5.88 19.90 -24.22
C PRO B 150 6.98 20.41 -25.08
N GLY B 151 7.13 19.84 -26.28
CA GLY B 151 8.06 20.30 -27.32
C GLY B 151 9.37 19.56 -27.31
N ILE B 152 9.45 18.58 -26.42
CA ILE B 152 10.67 17.82 -26.21
C ILE B 152 10.50 16.37 -26.56
N THR B 153 11.51 15.82 -27.23
CA THR B 153 11.45 14.43 -27.70
C THR B 153 12.56 13.64 -27.07
N VAL B 154 12.26 12.52 -26.48
CA VAL B 154 13.32 11.86 -25.79
C VAL B 154 13.66 10.57 -26.50
N SER B 155 14.89 10.49 -27.00
CA SER B 155 15.41 9.26 -27.63
C SER B 155 16.53 8.60 -26.83
N ALA B 156 16.87 7.35 -27.15
CA ALA B 156 17.95 6.64 -26.39
C ALA B 156 19.29 6.57 -27.09
N TYR B 157 20.38 6.70 -26.34
CA TYR B 157 21.70 6.26 -26.80
C TYR B 157 21.90 4.80 -26.28
N ASP B 158 21.72 4.60 -24.96
CA ASP B 158 21.85 3.28 -24.39
C ASP B 158 21.14 3.26 -23.05
N THR B 159 21.28 2.20 -22.28
CA THR B 159 20.45 2.04 -21.10
C THR B 159 20.66 3.17 -20.12
N ASP B 160 21.79 3.86 -20.20
CA ASP B 160 22.10 4.81 -19.16
C ASP B 160 22.33 6.21 -19.68
N ARG B 161 21.89 6.49 -20.90
CA ARG B 161 21.96 7.83 -21.47
C ARG B 161 20.87 8.06 -22.48
N ASN B 162 20.18 9.16 -22.32
CA ASN B 162 19.22 9.57 -23.30
C ASN B 162 19.60 10.87 -23.94
N ASN B 163 18.92 11.16 -25.04
CA ASN B 163 19.14 12.32 -25.82
C ASN B 163 17.90 13.17 -25.74
N TYR B 164 18.05 14.49 -25.70
CA TYR B 164 16.83 15.32 -25.71
C TYR B 164 16.80 16.31 -26.84
N TYR B 165 15.84 16.21 -27.75
CA TYR B 165 15.74 17.22 -28.81
C TYR B 165 14.69 18.29 -28.53
N ALA B 166 15.04 19.51 -28.92
CA ALA B 166 14.06 20.55 -29.15
C ALA B 166 14.34 21.25 -30.49
N ARG B 167 13.28 21.44 -31.28
CA ARG B 167 13.33 22.22 -32.50
C ARG B 167 14.44 21.84 -33.50
N GLY B 168 14.79 20.55 -33.53
CA GLY B 168 15.79 20.04 -34.46
C GLY B 168 17.20 19.92 -33.92
N PHE B 169 17.36 20.10 -32.61
CA PHE B 169 18.68 20.05 -31.97
C PHE B 169 18.73 19.24 -30.67
N SER B 170 19.84 18.50 -30.49
CA SER B 170 20.05 17.86 -29.21
C SER B 170 20.33 18.97 -28.25
N ILE B 171 19.58 18.96 -27.15
CA ILE B 171 19.86 19.79 -25.99
C ILE B 171 21.08 19.26 -25.29
N ASN B 172 22.05 20.13 -25.20
CA ASN B 172 23.28 19.85 -24.52
C ASN B 172 23.58 20.95 -23.44
N ASN B 173 22.56 21.70 -23.05
CA ASN B 173 22.66 22.80 -22.05
C ASN B 173 21.92 22.56 -20.73
N PHE B 174 22.66 22.33 -19.65
CA PHE B 174 22.04 22.05 -18.34
C PHE B 174 22.35 23.13 -17.31
N GLN B 175 21.33 23.74 -16.73
CA GLN B 175 21.56 24.71 -15.66
C GLN B 175 21.08 24.21 -14.30
N TYR B 176 21.81 24.57 -13.25
CA TYR B 176 21.42 24.24 -11.87
C TYR B 176 21.27 25.49 -11.01
N ASP B 177 20.03 25.86 -10.75
CA ASP B 177 19.73 27.06 -9.97
C ASP B 177 20.09 28.34 -10.74
N GLY B 178 19.97 28.26 -12.05
CA GLY B 178 20.45 29.32 -12.91
C GLY B 178 21.96 29.30 -13.19
N ILE B 179 22.69 28.31 -12.66
CA ILE B 179 24.12 28.20 -12.91
C ILE B 179 24.44 27.19 -14.05
N PRO B 180 25.15 27.67 -15.11
CA PRO B 180 25.39 26.86 -16.32
C PRO B 180 26.54 25.90 -16.10
N SER B 181 26.39 24.65 -16.48
CA SER B 181 27.48 23.69 -16.26
C SER B 181 28.08 23.29 -17.60
N THR B 182 29.32 22.82 -17.58
CA THR B 182 30.07 22.50 -18.80
C THR B 182 29.66 21.12 -19.32
N ALA B 183 29.43 21.04 -20.64
CA ALA B 183 28.93 19.80 -21.29
C ALA B 183 29.35 19.67 -22.74
N ARG B 184 30.61 20.01 -22.99
CA ARG B 184 31.38 19.61 -24.18
C ARG B 184 31.13 18.17 -24.66
N ASN B 185 31.13 17.20 -23.74
CA ASN B 185 30.86 15.78 -24.06
C ASN B 185 30.50 14.95 -22.82
N VAL B 186 30.21 13.67 -23.04
CA VAL B 186 29.85 12.73 -21.96
C VAL B 186 30.87 12.60 -20.80
N GLY B 187 32.11 13.06 -21.03
CA GLY B 187 33.13 13.06 -19.98
C GLY B 187 32.89 14.13 -18.92
N TYR B 188 32.54 15.32 -19.38
CA TYR B 188 32.22 16.45 -18.48
C TYR B 188 30.83 16.36 -17.88
N SER B 189 30.02 15.46 -18.43
CA SER B 189 28.60 15.60 -18.34
C SER B 189 27.89 14.46 -17.69
N ALA B 190 28.64 13.44 -17.25
CA ALA B 190 28.15 12.29 -16.50
C ALA B 190 27.00 12.59 -15.57
N GLY B 191 25.97 11.75 -15.57
CA GLY B 191 24.86 11.87 -14.65
C GLY B 191 23.92 12.98 -15.03
N ASN B 192 24.31 13.82 -15.96
CA ASN B 192 23.46 14.95 -16.38
C ASN B 192 22.10 14.63 -16.88
N THR B 193 21.99 13.41 -17.37
CA THR B 193 20.80 12.81 -17.93
C THR B 193 20.02 11.99 -16.86
N LEU B 194 20.53 11.89 -15.62
CA LEU B 194 19.97 10.99 -14.59
C LEU B 194 19.51 11.61 -13.24
N SER B 195 19.45 12.95 -13.17
CA SER B 195 19.16 13.67 -11.96
C SER B 195 17.81 13.28 -11.42
N ASP B 196 17.80 13.07 -10.11
CA ASP B 196 16.68 12.57 -9.43
C ASP B 196 15.95 13.76 -8.97
N MET B 197 14.65 13.75 -9.19
CA MET B 197 13.79 14.89 -8.94
C MET B 197 13.65 15.28 -7.48
N ALA B 198 14.09 14.40 -6.58
CA ALA B 198 13.78 14.55 -5.17
C ALA B 198 14.34 15.81 -4.56
N ILE B 199 15.29 16.44 -5.25
CA ILE B 199 15.92 17.60 -4.66
C ILE B 199 15.49 18.91 -5.32
N TYR B 200 14.53 18.81 -6.24
CA TYR B 200 14.14 19.94 -7.07
C TYR B 200 12.67 20.37 -6.92
N ASP B 201 12.47 21.67 -7.13
CA ASP B 201 11.13 22.23 -7.15
C ASP B 201 10.49 22.15 -8.53
N ARG B 202 11.26 22.33 -9.57
CA ARG B 202 10.68 22.38 -10.88
C ARG B 202 11.81 22.35 -11.89
N VAL B 203 11.48 22.08 -13.16
CA VAL B 203 12.45 22.18 -14.24
C VAL B 203 11.94 23.20 -15.26
N GLU B 204 12.76 24.18 -15.57
CA GLU B 204 12.35 25.20 -16.51
C GLU B 204 13.09 24.89 -17.81
N VAL B 205 12.37 24.77 -18.91
CA VAL B 205 13.03 24.51 -20.15
C VAL B 205 12.73 25.67 -21.05
N LEU B 206 13.75 26.44 -21.39
CA LEU B 206 13.59 27.66 -22.18
C LEU B 206 13.96 27.27 -23.58
N LYS B 207 13.11 27.55 -24.56
CA LYS B 207 13.40 26.99 -25.90
C LYS B 207 13.75 28.03 -26.95
N GLY B 208 14.81 27.76 -27.71
CA GLY B 208 15.24 28.60 -28.79
C GLY B 208 16.75 28.71 -28.83
N ALA B 209 17.24 29.95 -28.85
CA ALA B 209 18.66 30.27 -28.64
C ALA B 209 18.79 30.91 -27.25
N THR B 210 19.57 30.28 -26.37
CA THR B 210 19.58 30.65 -24.98
C THR B 210 20.94 31.11 -24.49
N GLY B 211 21.78 31.60 -25.38
CA GLY B 211 23.14 32.04 -25.03
C GLY B 211 23.30 33.24 -24.10
N LEU B 212 22.24 33.98 -23.84
CA LEU B 212 22.33 35.14 -22.96
C LEU B 212 22.83 34.75 -21.59
N LEU B 213 22.26 33.70 -21.05
CA LEU B 213 22.70 33.26 -19.75
C LEU B 213 23.47 31.94 -19.76
N THR B 214 23.44 31.23 -20.87
CA THR B 214 24.10 29.93 -20.95
C THR B 214 25.57 30.11 -21.32
N GLY B 215 25.85 31.22 -22.00
CA GLY B 215 27.06 31.34 -22.78
C GLY B 215 27.09 30.26 -23.86
N ALA B 216 28.28 29.75 -24.15
CA ALA B 216 28.49 28.75 -25.18
C ALA B 216 27.63 27.50 -24.91
N GLY B 217 27.10 26.91 -25.98
CA GLY B 217 26.14 25.86 -25.81
C GLY B 217 25.43 25.57 -27.11
N SER B 218 24.54 24.57 -27.05
CA SER B 218 23.85 24.03 -28.25
C SER B 218 22.60 24.80 -28.62
N LEU B 219 22.08 24.61 -29.84
CA LEU B 219 20.78 25.27 -30.15
C LEU B 219 19.67 24.51 -29.43
N GLY B 220 18.41 24.91 -29.61
CA GLY B 220 17.30 24.11 -29.09
C GLY B 220 16.76 24.61 -27.77
N ALA B 221 17.48 24.30 -26.69
CA ALA B 221 17.01 24.72 -25.36
C ALA B 221 18.10 24.77 -24.30
N THR B 222 17.75 25.39 -23.18
CA THR B 222 18.41 25.11 -21.93
C THR B 222 17.44 24.48 -20.97
N ILE B 223 17.96 23.52 -20.19
CA ILE B 223 17.22 22.89 -19.12
C ILE B 223 17.77 23.41 -17.76
N ASN B 224 16.90 24.06 -16.99
CA ASN B 224 17.23 24.64 -15.70
C ASN B 224 16.49 23.98 -14.56
N LEU B 225 17.26 23.38 -13.66
CA LEU B 225 16.68 22.66 -12.55
C LEU B 225 16.82 23.58 -11.40
N ILE B 226 15.74 23.79 -10.67
CA ILE B 226 15.76 24.67 -9.50
C ILE B 226 15.63 23.76 -8.27
N ARG B 227 16.55 23.93 -7.33
CA ARG B 227 16.58 23.09 -6.13
C ARG B 227 15.53 23.51 -5.16
N LYS B 228 14.93 22.53 -4.49
CA LYS B 228 14.23 22.73 -3.22
C LYS B 228 14.97 23.64 -2.19
N LYS B 229 14.19 24.48 -1.49
CA LYS B 229 14.72 25.44 -0.50
C LYS B 229 14.26 25.21 0.95
N PRO B 230 15.03 25.71 1.95
CA PRO B 230 14.54 25.61 3.32
C PRO B 230 13.30 26.48 3.49
N THR B 231 12.49 26.13 4.47
CA THR B 231 11.23 26.83 4.70
C THR B 231 11.16 27.37 6.13
N HIS B 232 10.40 28.42 6.29
CA HIS B 232 10.17 29.00 7.61
C HIS B 232 9.25 28.16 8.52
N GLU B 233 8.37 27.32 7.95
CA GLU B 233 7.54 26.34 8.74
C GLU B 233 8.07 24.90 8.66
N PHE B 234 7.80 24.09 9.70
CA PHE B 234 8.26 22.70 9.70
C PHE B 234 7.42 21.92 8.70
N LYS B 235 8.02 21.45 7.63
CA LYS B 235 7.29 20.52 6.79
C LYS B 235 8.16 19.38 6.34
N GLY B 236 7.56 18.22 6.09
CA GLY B 236 8.27 17.11 5.46
C GLY B 236 7.45 15.88 5.12
N HIS B 237 8.00 14.97 4.34
CA HIS B 237 7.30 13.73 4.03
C HIS B 237 8.23 12.52 3.87
N VAL B 238 7.66 11.34 4.09
CA VAL B 238 8.31 10.07 3.72
C VAL B 238 7.48 9.53 2.58
N GLU B 239 8.13 9.00 1.55
CA GLU B 239 7.40 8.32 0.48
C GLU B 239 8.03 6.96 0.20
N LEU B 240 7.22 5.91 0.13
CA LEU B 240 7.70 4.59 -0.26
C LEU B 240 6.96 4.14 -1.53
N GLY B 241 7.65 3.59 -2.51
CA GLY B 241 6.96 3.16 -3.73
C GLY B 241 7.55 1.89 -4.28
N ALA B 242 6.74 1.17 -5.08
CA ALA B 242 7.04 -0.18 -5.56
C ALA B 242 6.38 -0.27 -6.91
N GLY B 243 7.12 -0.65 -7.95
CA GLY B 243 6.53 -0.61 -9.29
C GLY B 243 7.00 -1.78 -10.13
N SER B 244 6.50 -1.85 -11.38
CA SER B 244 6.95 -2.86 -12.36
C SER B 244 8.47 -3.11 -12.51
N TRP B 245 8.76 -4.40 -12.59
CA TRP B 245 10.12 -5.01 -12.66
C TRP B 245 10.96 -4.68 -11.44
N ASP B 246 10.51 -5.16 -10.29
CA ASP B 246 11.17 -4.91 -9.02
C ASP B 246 11.71 -3.49 -8.85
N ASN B 247 10.88 -2.51 -9.15
CA ASN B 247 11.23 -1.10 -8.95
C ASN B 247 10.89 -0.60 -7.56
N TYR B 248 11.89 -0.56 -6.67
CA TYR B 248 11.70 -0.09 -5.27
C TYR B 248 12.23 1.31 -4.92
N ARG B 249 11.43 2.20 -4.38
CA ARG B 249 11.90 3.57 -4.12
C ARG B 249 11.57 4.13 -2.72
N SER B 250 12.51 4.83 -2.09
CA SER B 250 12.21 5.53 -0.83
C SER B 250 12.82 6.94 -0.76
N GLU B 251 12.11 7.86 -0.10
CA GLU B 251 12.48 9.25 -0.17
C GLU B 251 12.04 9.89 1.12
N LEU B 252 12.90 10.71 1.70
CA LEU B 252 12.67 11.39 2.96
C LEU B 252 13.12 12.79 2.69
N ASP B 253 12.28 13.74 3.09
CA ASP B 253 12.50 15.16 2.84
C ASP B 253 12.07 15.89 4.12
N VAL B 254 12.99 16.46 4.88
CA VAL B 254 12.59 17.20 6.09
C VAL B 254 12.96 18.66 5.91
N SER B 255 12.15 19.61 6.36
CA SER B 255 12.48 21.04 6.25
C SER B 255 11.94 21.96 7.39
N GLY B 256 12.69 22.96 7.83
CA GLY B 256 12.13 23.95 8.75
C GLY B 256 13.10 24.98 9.30
N PRO B 257 12.68 25.70 10.34
CA PRO B 257 13.60 26.48 11.17
C PRO B 257 14.46 25.62 12.09
N LEU B 258 15.72 26.04 12.25
CA LEU B 258 16.62 25.45 13.23
C LEU B 258 16.70 26.27 14.50
N THR B 259 16.62 27.60 14.39
CA THR B 259 16.40 28.49 15.56
C THR B 259 14.92 28.80 15.71
N GLU B 260 14.47 29.07 16.91
CA GLU B 260 13.03 29.29 17.12
C GLU B 260 12.52 30.62 16.51
N SER B 261 13.44 31.51 16.12
CA SER B 261 13.06 32.77 15.47
C SER B 261 13.02 32.55 13.97
N GLY B 262 13.79 31.61 13.48
CA GLY B 262 13.79 31.39 12.05
C GLY B 262 14.95 32.04 11.31
N ASN B 263 15.85 32.72 12.00
CA ASN B 263 16.99 33.34 11.34
C ASN B 263 17.91 32.31 10.69
N VAL B 264 17.85 31.08 11.19
CA VAL B 264 18.57 29.98 10.56
C VAL B 264 17.52 28.95 10.10
N ARG B 265 17.55 28.60 8.81
CA ARG B 265 16.62 27.62 8.22
C ARG B 265 17.35 26.47 7.49
N GLY B 266 16.71 25.31 7.35
CA GLY B 266 17.42 24.19 6.73
C GLY B 266 16.55 23.12 6.11
N ARG B 267 17.05 22.47 5.06
CA ARG B 267 16.36 21.33 4.46
C ARG B 267 17.29 20.15 4.19
N ALA B 268 16.81 18.92 4.42
CA ALA B 268 17.59 17.70 4.08
C ALA B 268 16.72 16.75 3.25
N VAL B 269 17.29 16.13 2.22
CA VAL B 269 16.55 15.15 1.40
C VAL B 269 17.44 13.94 1.15
N ALA B 270 16.98 12.76 1.52
CA ALA B 270 17.68 11.57 1.05
C ALA B 270 16.69 10.79 0.19
N ALA B 271 17.20 10.14 -0.87
CA ALA B 271 16.39 9.19 -1.67
C ALA B 271 17.19 7.93 -2.09
N TYR B 272 16.52 6.78 -2.19
CA TYR B 272 17.21 5.56 -2.62
C TYR B 272 16.32 4.89 -3.60
N GLN B 273 16.87 4.33 -4.66
CA GLN B 273 16.01 3.62 -5.61
C GLN B 273 16.74 2.40 -6.12
N ASP B 274 16.02 1.28 -6.26
CA ASP B 274 16.63 0.01 -6.72
C ASP B 274 15.62 -0.64 -7.66
N LYS B 275 16.00 -0.82 -8.92
CA LYS B 275 15.04 -1.30 -9.93
C LYS B 275 15.65 -2.26 -10.89
N HIS B 276 14.89 -3.25 -11.30
CA HIS B 276 15.35 -4.01 -12.45
C HIS B 276 14.59 -3.36 -13.57
N SER B 277 14.46 -4.04 -14.70
CA SER B 277 13.55 -3.57 -15.76
C SER B 277 12.99 -4.68 -16.65
N PHE B 278 12.24 -4.29 -17.68
CA PHE B 278 11.67 -5.24 -18.61
C PHE B 278 12.79 -5.91 -19.36
N MET B 279 13.93 -5.20 -19.44
CA MET B 279 15.14 -5.74 -20.03
C MET B 279 15.83 -6.71 -19.13
N ASP B 280 16.26 -7.80 -19.74
CA ASP B 280 16.91 -8.90 -19.08
C ASP B 280 18.17 -8.42 -18.39
N HIS B 281 18.44 -8.99 -17.22
CA HIS B 281 19.67 -8.76 -16.47
C HIS B 281 20.19 -7.31 -16.41
N TYR B 282 19.28 -6.33 -16.36
CA TYR B 282 19.67 -4.93 -16.14
C TYR B 282 19.10 -4.45 -14.86
N GLU B 283 19.93 -3.84 -14.01
CA GLU B 283 19.46 -3.34 -12.73
C GLU B 283 20.15 -2.03 -12.40
N ARG B 284 19.53 -1.18 -11.60
CA ARG B 284 20.18 0.10 -11.25
C ARG B 284 19.89 0.56 -9.84
N LYS B 285 20.96 0.84 -9.10
CA LYS B 285 20.83 1.36 -7.76
C LYS B 285 21.17 2.86 -7.76
N THR B 286 20.19 3.75 -7.51
CA THR B 286 20.47 5.20 -7.36
C THR B 286 20.30 5.73 -5.93
N SER B 287 21.22 6.57 -5.44
CA SER B 287 21.10 7.18 -4.08
C SER B 287 21.36 8.67 -4.16
N VAL B 288 20.52 9.47 -3.49
CA VAL B 288 20.74 10.93 -3.48
C VAL B 288 20.73 11.49 -2.05
N TYR B 289 21.68 12.34 -1.73
CA TYR B 289 21.58 13.16 -0.52
C TYR B 289 21.68 14.66 -0.88
N TYR B 290 21.08 15.51 -0.04
CA TYR B 290 21.04 16.93 -0.31
C TYR B 290 20.68 17.60 0.96
N GLY B 291 21.53 18.55 1.35
CA GLY B 291 21.36 19.32 2.57
C GLY B 291 21.73 20.74 2.24
N ILE B 292 20.89 21.67 2.73
CA ILE B 292 21.00 23.12 2.48
C ILE B 292 20.67 23.96 3.76
N LEU B 293 21.47 25.00 3.99
CA LEU B 293 21.32 25.88 5.16
C LEU B 293 21.14 27.30 4.68
N GLU B 294 20.17 27.98 5.25
CA GLU B 294 19.93 29.39 4.98
C GLU B 294 20.15 30.15 6.30
N PHE B 295 21.04 31.14 6.24
CA PHE B 295 21.35 31.97 7.41
C PHE B 295 20.97 33.43 7.15
N ASP B 296 20.34 34.07 8.13
CA ASP B 296 20.11 35.52 8.04
C ASP B 296 21.21 36.35 8.73
N LEU B 297 22.06 36.99 7.95
CA LEU B 297 23.17 37.78 8.52
C LEU B 297 22.66 39.04 9.17
N ASN B 298 21.71 39.71 8.52
CA ASN B 298 20.81 40.73 9.12
C ASN B 298 19.46 40.67 8.35
N PRO B 299 18.49 41.57 8.63
CA PRO B 299 17.23 41.43 7.86
C PRO B 299 17.43 41.66 6.35
N ASP B 300 18.64 42.02 5.97
CA ASP B 300 18.93 42.58 4.63
C ASP B 300 19.96 41.76 3.84
N THR B 301 20.54 40.75 4.50
CA THR B 301 21.59 39.92 3.90
C THR B 301 21.45 38.45 4.24
N MET B 302 21.61 37.59 3.23
CA MET B 302 21.36 36.14 3.41
C MET B 302 22.48 35.30 2.90
N LEU B 303 23.00 34.42 3.76
CA LEU B 303 24.03 33.46 3.38
C LEU B 303 23.42 32.08 3.28
N THR B 304 23.80 31.31 2.24
CA THR B 304 23.24 29.98 1.98
C THR B 304 24.39 29.00 1.65
N VAL B 305 24.57 27.96 2.45
CA VAL B 305 25.48 26.86 2.05
C VAL B 305 24.69 25.57 1.76
N GLY B 306 25.17 24.79 0.79
CA GLY B 306 24.53 23.54 0.41
C GLY B 306 25.49 22.53 -0.20
N ALA B 307 25.14 21.25 -0.05
CA ALA B 307 25.82 20.16 -0.74
C ALA B 307 24.75 19.25 -1.32
N ASP B 308 25.10 18.54 -2.38
CA ASP B 308 24.22 17.53 -2.96
C ASP B 308 25.02 16.40 -3.57
N TYR B 309 24.44 15.20 -3.62
CA TYR B 309 25.21 14.03 -3.98
C TYR B 309 24.29 13.03 -4.67
N GLN B 310 24.73 12.52 -5.81
CA GLN B 310 23.93 11.52 -6.58
C GLN B 310 24.68 10.37 -7.24
N ASP B 311 24.38 9.15 -6.82
CA ASP B 311 25.08 7.96 -7.31
C ASP B 311 24.15 7.03 -8.12
N ASN B 312 24.45 6.91 -9.42
CA ASN B 312 23.79 5.97 -10.35
C ASN B 312 24.71 4.82 -10.73
N ASP B 313 24.33 3.64 -10.27
CA ASP B 313 25.16 2.45 -10.29
C ASP B 313 24.46 1.25 -10.96
N PRO B 314 24.63 1.03 -12.28
CA PRO B 314 23.84 -0.05 -12.88
C PRO B 314 24.63 -1.38 -13.18
N LYS B 315 23.93 -2.43 -13.58
CA LYS B 315 24.55 -3.64 -14.09
C LYS B 315 23.79 -4.05 -15.36
N GLY B 316 24.49 -4.68 -16.30
CA GLY B 316 23.89 -5.00 -17.57
C GLY B 316 23.72 -3.76 -18.42
N SER B 317 24.67 -2.86 -18.35
CA SER B 317 24.58 -1.65 -19.13
C SER B 317 24.96 -1.91 -20.57
N GLY B 318 24.35 -1.17 -21.49
CA GLY B 318 24.74 -1.27 -22.87
C GLY B 318 25.62 -0.09 -23.22
N TRP B 319 26.21 -0.12 -24.40
CA TRP B 319 26.95 0.99 -24.90
C TRP B 319 26.15 1.73 -25.98
N SER B 320 25.65 0.95 -26.93
CA SER B 320 24.94 1.56 -28.01
C SER B 320 23.70 0.71 -28.28
N GLY B 321 22.57 1.20 -27.75
CA GLY B 321 21.29 0.57 -27.99
C GLY B 321 21.22 -0.83 -27.43
N SER B 322 20.10 -1.50 -27.61
CA SER B 322 19.87 -2.71 -26.86
C SER B 322 20.20 -4.02 -27.61
N PHE B 323 20.26 -3.94 -28.95
CA PHE B 323 20.60 -5.09 -29.85
C PHE B 323 20.92 -4.58 -31.24
N PRO B 324 21.86 -5.24 -31.92
CA PRO B 324 22.18 -4.88 -33.28
C PRO B 324 21.02 -5.11 -34.22
N LEU B 325 20.91 -4.23 -35.18
CA LEU B 325 19.81 -4.27 -36.13
C LEU B 325 19.99 -5.40 -37.11
N PHE B 326 21.25 -5.74 -37.43
CA PHE B 326 21.50 -6.83 -38.40
C PHE B 326 22.39 -8.02 -37.92
N ASP B 327 22.01 -9.25 -38.24
CA ASP B 327 22.90 -10.40 -38.08
C ASP B 327 24.10 -10.40 -39.04
N SER B 328 24.83 -11.51 -39.09
CA SER B 328 26.08 -11.55 -39.85
C SER B 328 25.83 -11.43 -41.34
N GLN B 329 24.58 -11.69 -41.72
CA GLN B 329 24.24 -11.78 -43.14
C GLN B 329 23.45 -10.54 -43.67
N GLY B 330 23.19 -9.57 -42.79
CA GLY B 330 22.36 -8.44 -43.14
C GLY B 330 20.85 -8.73 -43.19
N ASN B 331 20.40 -9.74 -42.47
CA ASN B 331 18.96 -9.88 -42.31
C ASN B 331 18.59 -9.05 -41.11
N ARG B 332 17.35 -8.56 -41.04
CA ARG B 332 16.89 -7.89 -39.80
C ARG B 332 16.83 -8.87 -38.62
N ASN B 333 17.40 -8.44 -37.52
CA ASN B 333 17.34 -9.16 -36.28
C ASN B 333 15.94 -8.99 -35.69
N ASP B 334 15.31 -10.11 -35.34
CA ASP B 334 13.99 -10.10 -34.71
C ASP B 334 14.14 -10.55 -33.23
N VAL B 335 14.09 -9.62 -32.26
CA VAL B 335 14.21 -10.04 -30.83
C VAL B 335 13.10 -9.48 -29.96
N SER B 336 12.83 -10.12 -28.81
CA SER B 336 11.99 -9.55 -27.73
C SER B 336 12.38 -8.18 -27.26
N ARG B 337 11.39 -7.48 -26.69
CA ARG B 337 11.62 -6.21 -25.99
C ARG B 337 12.62 -6.40 -24.85
N SER B 338 12.53 -7.54 -24.17
CA SER B 338 13.38 -7.90 -23.05
C SER B 338 14.85 -8.13 -23.39
N PHE B 339 15.21 -8.20 -24.69
CA PHE B 339 16.58 -8.50 -25.06
C PHE B 339 17.52 -7.38 -24.68
N ASN B 340 18.72 -7.72 -24.19
CA ASN B 340 19.72 -6.77 -23.67
C ASN B 340 21.17 -7.13 -24.04
N ASN B 341 21.72 -6.45 -25.05
CA ASN B 341 23.04 -6.80 -25.64
C ASN B 341 24.19 -6.75 -24.70
N GLY B 342 23.99 -6.14 -23.52
CA GLY B 342 25.07 -5.92 -22.53
C GLY B 342 25.42 -7.13 -21.69
N ALA B 343 26.62 -7.18 -21.13
CA ALA B 343 27.06 -8.31 -20.29
C ALA B 343 26.54 -8.12 -18.90
N LYS B 344 26.42 -9.22 -18.15
CA LYS B 344 25.95 -9.20 -16.75
C LYS B 344 26.68 -8.16 -15.83
N TRP B 345 27.98 -8.01 -16.12
CA TRP B 345 28.88 -7.23 -15.32
C TRP B 345 29.06 -5.82 -15.90
N SER B 346 28.51 -5.56 -17.08
CA SER B 346 28.61 -4.25 -17.71
C SER B 346 27.86 -3.15 -16.95
N SER B 347 28.54 -2.03 -16.72
CA SER B 347 28.05 -1.00 -15.83
C SER B 347 28.58 0.33 -16.32
N TRP B 348 27.71 1.27 -16.71
CA TRP B 348 28.13 2.67 -16.85
C TRP B 348 27.72 3.50 -15.61
N GLU B 349 28.42 3.29 -14.51
CA GLU B 349 28.24 4.04 -13.28
C GLU B 349 28.52 5.54 -13.47
N GLN B 350 27.59 6.42 -13.06
CA GLN B 350 27.72 7.87 -13.18
C GLN B 350 27.36 8.59 -11.89
N TYR B 351 28.25 9.44 -11.38
CA TYR B 351 28.00 10.19 -10.14
C TYR B 351 28.17 11.69 -10.24
N THR B 352 27.29 12.45 -9.58
CA THR B 352 27.39 13.91 -9.53
C THR B 352 27.48 14.34 -8.07
N ARG B 353 28.13 15.47 -7.79
CA ARG B 353 28.12 15.99 -6.43
C ARG B 353 28.57 17.45 -6.38
N THR B 354 27.88 18.28 -5.59
CA THR B 354 28.11 19.74 -5.61
C THR B 354 28.21 20.33 -4.17
N VAL B 355 29.09 21.33 -4.00
CA VAL B 355 29.09 22.19 -2.82
C VAL B 355 29.02 23.60 -3.35
N PHE B 356 28.09 24.40 -2.83
CA PHE B 356 27.91 25.82 -3.25
C PHE B 356 27.68 26.84 -2.12
N ALA B 357 27.76 28.12 -2.47
CA ALA B 357 27.56 29.23 -1.53
C ALA B 357 26.91 30.45 -2.20
N ASN B 358 25.87 30.96 -1.55
CA ASN B 358 25.13 32.10 -2.02
C ASN B 358 25.19 33.10 -0.91
N LEU B 359 25.48 34.35 -1.25
CA LEU B 359 25.26 35.44 -0.32
C LEU B 359 24.50 36.42 -1.18
N GLU B 360 23.34 36.90 -0.73
CA GLU B 360 22.67 37.94 -1.50
C GLU B 360 22.31 39.08 -0.61
N HIS B 361 22.15 40.25 -1.22
CA HIS B 361 21.99 41.49 -0.45
C HIS B 361 20.97 42.46 -1.07
N ASN B 362 20.10 42.99 -0.23
CA ASN B 362 19.21 44.05 -0.62
C ASN B 362 19.85 45.42 -0.33
N PHE B 363 19.96 46.27 -1.34
CA PHE B 363 20.45 47.63 -1.13
C PHE B 363 19.31 48.59 -0.76
N ALA B 364 19.62 49.55 0.13
CA ALA B 364 18.60 50.46 0.68
C ALA B 364 18.09 51.44 -0.40
N ASN B 365 17.48 50.90 -1.45
CA ASN B 365 17.49 51.52 -2.75
C ASN B 365 16.68 50.74 -3.78
N GLY B 366 16.41 49.47 -3.49
CA GLY B 366 15.60 48.66 -4.39
C GLY B 366 16.39 47.70 -5.28
N TRP B 367 17.73 47.77 -5.25
CA TRP B 367 18.60 46.84 -6.00
C TRP B 367 18.95 45.57 -5.23
N VAL B 368 19.16 44.44 -5.92
CA VAL B 368 19.77 43.30 -5.24
C VAL B 368 21.07 42.83 -5.91
N GLY B 369 22.04 42.43 -5.10
CA GLY B 369 23.25 41.81 -5.59
C GLY B 369 23.36 40.39 -5.06
N LYS B 370 23.64 39.43 -5.93
CA LYS B 370 23.78 38.03 -5.50
C LYS B 370 25.16 37.48 -5.89
N VAL B 371 25.77 36.68 -5.00
CA VAL B 371 27.02 35.95 -5.31
C VAL B 371 26.78 34.46 -5.21
N GLN B 372 27.11 33.73 -6.27
CA GLN B 372 27.07 32.26 -6.32
C GLN B 372 28.49 31.63 -6.48
N LEU B 373 28.80 30.66 -5.62
CA LEU B 373 30.04 29.88 -5.68
C LEU B 373 29.88 28.35 -5.78
N ASP B 374 30.23 27.77 -6.94
CA ASP B 374 30.04 26.33 -7.17
C ASP B 374 31.33 25.53 -7.25
N HIS B 375 31.26 24.35 -6.68
CA HIS B 375 32.26 23.34 -6.90
C HIS B 375 31.57 22.06 -7.35
N LYS B 376 31.70 21.65 -8.63
CA LYS B 376 30.98 20.46 -9.11
C LYS B 376 31.83 19.24 -9.33
N ILE B 377 31.22 18.06 -9.29
CA ILE B 377 31.93 16.83 -9.61
C ILE B 377 31.03 15.98 -10.48
N ASN B 378 31.51 15.62 -11.67
CA ASN B 378 30.77 14.74 -12.57
C ASN B 378 31.72 13.59 -12.86
N GLY B 379 31.55 12.45 -12.22
CA GLY B 379 32.45 11.31 -12.44
C GLY B 379 31.72 10.10 -13.04
N TYR B 380 32.48 9.13 -13.54
CA TYR B 380 31.91 7.92 -14.09
C TYR B 380 32.84 6.72 -13.84
N HIS B 381 32.30 5.51 -13.86
CA HIS B 381 33.10 4.28 -13.67
C HIS B 381 32.49 3.21 -14.56
N ALA B 382 33.14 2.93 -15.68
CA ALA B 382 32.43 2.28 -16.78
C ALA B 382 33.14 1.09 -17.38
N PRO B 383 33.09 -0.02 -16.68
CA PRO B 383 33.51 -1.20 -17.42
C PRO B 383 32.30 -1.67 -18.25
N LEU B 384 32.43 -1.49 -19.55
CA LEU B 384 31.36 -1.75 -20.45
C LEU B 384 31.71 -2.98 -21.23
N GLY B 385 30.72 -3.82 -21.48
CA GLY B 385 30.87 -5.04 -22.31
C GLY B 385 29.52 -5.40 -22.92
N ALA B 386 29.45 -5.57 -24.24
CA ALA B 386 28.15 -5.74 -24.89
C ALA B 386 28.35 -6.37 -26.25
N ILE B 387 27.28 -6.93 -26.82
CA ILE B 387 27.42 -7.57 -28.12
C ILE B 387 27.26 -6.47 -29.12
N MET B 388 28.31 -6.19 -29.89
CA MET B 388 28.13 -5.33 -31.06
C MET B 388 28.81 -5.79 -32.31
N GLY B 389 28.34 -5.18 -33.40
CA GLY B 389 28.65 -5.58 -34.75
C GLY B 389 27.52 -6.40 -35.29
N ASP B 390 27.74 -6.93 -36.47
CA ASP B 390 26.72 -7.72 -37.14
C ASP B 390 26.60 -9.13 -36.56
N TRP B 391 25.65 -9.34 -35.66
CA TRP B 391 25.44 -10.69 -35.08
C TRP B 391 23.97 -11.10 -34.99
N PRO B 392 23.68 -12.39 -34.85
CA PRO B 392 24.55 -13.56 -34.79
C PRO B 392 25.22 -13.90 -36.09
N ALA B 393 26.09 -14.92 -36.01
CA ALA B 393 26.47 -15.70 -37.16
C ALA B 393 25.37 -16.71 -37.46
N PRO B 394 25.49 -17.44 -38.59
CA PRO B 394 24.46 -18.47 -38.86
C PRO B 394 24.38 -19.62 -37.79
N ASP B 395 25.45 -19.74 -37.01
CA ASP B 395 25.56 -20.78 -35.95
C ASP B 395 25.26 -20.19 -34.56
N ASN B 396 24.49 -19.09 -34.51
CA ASN B 396 24.02 -18.53 -33.24
C ASN B 396 25.11 -18.01 -32.26
N SER B 397 26.33 -17.84 -32.75
CA SER B 397 27.45 -17.30 -32.00
C SER B 397 27.56 -15.84 -32.37
N ALA B 398 28.31 -15.09 -31.57
CA ALA B 398 28.35 -13.63 -31.62
C ALA B 398 29.56 -13.12 -30.84
N LYS B 399 29.90 -11.84 -30.98
CA LYS B 399 31.08 -11.32 -30.30
C LYS B 399 30.83 -10.07 -29.47
N ILE B 400 31.60 -9.98 -28.36
CA ILE B 400 31.51 -8.94 -27.33
C ILE B 400 32.63 -7.97 -27.62
N VAL B 401 32.32 -6.68 -27.49
CA VAL B 401 33.29 -5.61 -27.50
C VAL B 401 33.21 -4.97 -26.10
N ALA B 402 34.40 -4.81 -25.51
CA ALA B 402 34.65 -4.46 -24.11
C ALA B 402 35.78 -3.43 -23.93
N GLN B 403 35.48 -2.31 -23.25
CA GLN B 403 36.42 -1.23 -22.91
C GLN B 403 35.96 -0.61 -21.61
N LYS B 404 36.90 -0.17 -20.78
CA LYS B 404 36.58 0.36 -19.47
C LYS B 404 36.95 1.82 -19.47
N TYR B 405 36.02 2.68 -19.08
CA TYR B 405 36.31 4.09 -19.03
C TYR B 405 36.12 4.51 -17.60
N THR B 406 37.14 5.08 -16.98
CA THR B 406 36.96 5.75 -15.68
C THR B 406 37.47 7.17 -15.83
N GLY B 407 36.91 8.11 -15.06
CA GLY B 407 37.33 9.51 -15.05
C GLY B 407 36.48 10.41 -14.15
N GLU B 408 37.03 11.58 -13.81
CA GLU B 408 36.31 12.53 -13.00
C GLU B 408 36.47 13.93 -13.64
N THR B 409 35.42 14.75 -13.63
CA THR B 409 35.53 16.16 -13.99
C THR B 409 35.18 17.08 -12.81
N LYS B 410 36.14 17.89 -12.35
CA LYS B 410 35.90 18.93 -11.31
C LYS B 410 35.73 20.29 -11.96
N SER B 411 34.78 21.10 -11.48
CA SER B 411 34.36 22.41 -12.08
C SER B 411 34.12 23.45 -11.01
N ASN B 412 34.77 24.62 -11.11
CA ASN B 412 34.55 25.69 -10.15
C ASN B 412 33.86 26.87 -10.79
N SER B 413 32.94 27.51 -10.10
CA SER B 413 32.19 28.56 -10.76
C SER B 413 31.91 29.76 -9.92
N LEU B 414 32.14 30.94 -10.49
CA LEU B 414 31.81 32.19 -9.84
C LEU B 414 30.76 32.88 -10.70
N ASP B 415 29.88 33.64 -10.06
CA ASP B 415 28.84 34.41 -10.77
C ASP B 415 28.31 35.52 -9.88
N ILE B 416 28.49 36.78 -10.28
CA ILE B 416 27.85 37.88 -9.56
C ILE B 416 26.82 38.51 -10.47
N TYR B 417 25.76 39.04 -9.87
CA TYR B 417 24.97 40.01 -10.59
C TYR B 417 24.37 41.06 -9.71
N LEU B 418 24.20 42.26 -10.25
CA LEU B 418 23.34 43.25 -9.69
C LEU B 418 22.17 43.48 -10.66
N THR B 419 20.97 43.53 -10.11
CA THR B 419 19.74 43.87 -10.82
C THR B 419 18.83 44.79 -9.98
N GLY B 420 18.22 45.79 -10.64
CA GLY B 420 17.34 46.80 -10.01
C GLY B 420 16.85 47.86 -10.98
N PRO B 421 16.04 48.82 -10.50
CA PRO B 421 15.45 49.83 -11.39
C PRO B 421 16.31 51.10 -11.58
N PHE B 422 16.02 51.87 -12.65
CA PHE B 422 16.54 53.21 -12.90
C PHE B 422 15.51 54.00 -13.68
N GLN B 423 15.60 55.34 -13.66
CA GLN B 423 14.66 56.18 -14.41
C GLN B 423 15.33 56.81 -15.63
N PHE B 424 14.69 56.76 -16.81
CA PHE B 424 15.30 57.39 -18.01
C PHE B 424 14.55 58.63 -18.55
N LEU B 425 13.50 58.44 -19.33
CA LEU B 425 12.73 59.59 -19.80
C LEU B 425 11.44 59.74 -18.97
N GLY B 426 11.62 60.01 -17.67
CA GLY B 426 10.51 60.06 -16.69
C GLY B 426 9.72 58.78 -16.43
N ARG B 427 10.35 57.62 -16.64
CA ARG B 427 9.70 56.30 -16.43
C ARG B 427 10.69 55.31 -15.83
N GLU B 428 10.19 54.39 -14.99
CA GLU B 428 11.02 53.37 -14.29
C GLU B 428 11.17 52.07 -15.11
N HIS B 429 12.42 51.66 -15.32
CA HIS B 429 12.77 50.48 -16.11
C HIS B 429 13.54 49.56 -15.22
N GLU B 430 14.22 48.56 -15.81
CA GLU B 430 15.10 47.69 -15.01
C GLU B 430 16.33 47.05 -15.70
N LEU B 431 17.41 46.92 -14.93
CA LEU B 431 18.69 46.40 -15.40
C LEU B 431 19.17 45.09 -14.74
N VAL B 432 19.97 44.32 -15.47
CA VAL B 432 20.83 43.33 -14.86
C VAL B 432 22.20 43.53 -15.41
N VAL B 433 23.20 43.69 -14.55
CA VAL B 433 24.57 43.42 -14.97
C VAL B 433 25.13 42.17 -14.24
N GLY B 434 25.79 41.28 -14.99
CA GLY B 434 26.41 40.10 -14.41
C GLY B 434 27.74 39.76 -15.04
N THR B 435 28.60 39.11 -14.27
CA THR B 435 29.83 38.50 -14.78
C THR B 435 29.98 37.07 -14.24
N SER B 436 30.55 36.18 -15.04
CA SER B 436 30.77 34.81 -14.58
C SER B 436 32.06 34.20 -15.10
N ALA B 437 32.55 33.24 -14.31
CA ALA B 437 33.75 32.47 -14.62
C ALA B 437 33.53 31.01 -14.29
N SER B 438 34.18 30.14 -15.04
CA SER B 438 33.90 28.73 -15.04
C SER B 438 35.21 28.02 -15.45
N PHE B 439 35.83 27.27 -14.54
CA PHE B 439 37.02 26.47 -14.83
C PHE B 439 36.68 25.04 -14.61
N SER B 440 36.77 24.22 -15.64
CA SER B 440 36.62 22.83 -15.36
C SER B 440 37.69 21.99 -16.00
N HIS B 441 37.97 20.87 -15.31
CA HIS B 441 39.12 20.00 -15.52
C HIS B 441 38.67 18.51 -15.53
N TRP B 442 38.54 17.89 -16.72
CA TRP B 442 38.25 16.47 -16.91
C TRP B 442 39.53 15.64 -16.99
N GLU B 443 39.73 14.66 -16.12
CA GLU B 443 40.85 13.68 -16.22
C GLU B 443 40.29 12.26 -16.34
N GLY B 444 40.75 11.47 -17.31
CA GLY B 444 40.16 10.15 -17.55
C GLY B 444 41.19 9.07 -17.84
N LYS B 445 40.85 7.82 -17.56
CA LYS B 445 41.64 6.68 -18.02
C LYS B 445 40.72 5.81 -18.93
N SER B 446 41.27 5.24 -20.01
CA SER B 446 40.52 4.24 -20.78
C SER B 446 41.31 2.96 -20.83
N TYR B 447 40.62 1.83 -20.92
CA TYR B 447 41.27 0.53 -21.06
C TYR B 447 40.71 -0.14 -22.31
N TRP B 448 41.58 -0.52 -23.27
CA TRP B 448 41.12 -1.29 -24.42
C TRP B 448 42.03 -2.34 -25.01
N ASN B 449 43.20 -2.58 -24.39
CA ASN B 449 44.00 -3.76 -24.75
C ASN B 449 43.90 -4.80 -23.65
N LEU B 450 43.01 -5.76 -23.82
CA LEU B 450 42.79 -6.69 -22.72
C LEU B 450 43.66 -7.95 -22.84
N ARG B 451 44.01 -8.51 -21.69
CA ARG B 451 44.86 -9.69 -21.62
C ARG B 451 44.10 -10.93 -22.07
N ASN B 452 44.57 -11.54 -23.16
CA ASN B 452 43.82 -12.56 -23.92
C ASN B 452 42.54 -13.01 -23.25
N TYR B 453 41.45 -12.46 -23.79
CA TYR B 453 40.10 -12.59 -23.30
C TYR B 453 39.33 -13.38 -24.35
N ASP B 454 38.46 -14.30 -23.91
CA ASP B 454 37.55 -14.96 -24.86
C ASP B 454 36.30 -14.11 -24.96
N ASN B 455 36.08 -13.56 -26.14
CA ASN B 455 35.03 -12.55 -26.30
C ASN B 455 33.88 -13.04 -27.16
N THR B 456 33.78 -14.36 -27.29
CA THR B 456 32.81 -15.02 -28.14
C THR B 456 31.85 -15.75 -27.23
N THR B 457 30.56 -15.70 -27.58
CA THR B 457 29.53 -16.47 -26.88
C THR B 457 28.85 -17.46 -27.84
N ASP B 458 28.38 -18.58 -27.28
CA ASP B 458 27.83 -19.73 -28.04
C ASP B 458 26.32 -19.68 -28.35
N ASP B 459 25.63 -18.64 -27.88
CA ASP B 459 24.19 -18.64 -27.96
C ASP B 459 23.69 -17.22 -27.97
N PHE B 460 23.28 -16.76 -29.14
CA PHE B 460 22.73 -15.41 -29.24
C PHE B 460 21.25 -15.39 -28.87
N ILE B 461 20.41 -16.18 -29.55
CA ILE B 461 18.96 -16.21 -29.23
C ILE B 461 18.65 -16.21 -27.71
N ASN B 462 19.50 -16.87 -26.91
CA ASN B 462 19.29 -17.08 -25.45
C ASN B 462 20.25 -16.32 -24.51
N TRP B 463 20.83 -15.22 -25.02
CA TRP B 463 21.73 -14.34 -24.29
C TRP B 463 21.08 -13.83 -23.03
N ASP B 464 21.67 -14.28 -21.94
CA ASP B 464 21.34 -13.98 -20.56
C ASP B 464 22.30 -12.89 -20.05
N GLY B 465 23.13 -12.37 -20.97
CA GLY B 465 24.31 -11.60 -20.65
C GLY B 465 25.48 -12.34 -20.00
N ASP B 466 25.56 -13.67 -20.13
CA ASP B 466 26.49 -14.41 -19.30
C ASP B 466 27.87 -14.65 -19.93
N ILE B 467 28.83 -13.77 -19.68
CA ILE B 467 30.18 -13.97 -20.23
C ILE B 467 31.25 -13.44 -19.28
N GLY B 468 32.44 -14.03 -19.34
CA GLY B 468 33.57 -13.60 -18.52
C GLY B 468 33.80 -12.09 -18.42
N LYS B 469 34.10 -11.64 -17.20
CA LYS B 469 34.74 -10.34 -16.99
C LYS B 469 36.18 -10.42 -17.56
N PRO B 470 36.61 -9.40 -18.33
CA PRO B 470 37.99 -9.50 -18.79
C PRO B 470 38.92 -8.84 -17.81
N ASP B 471 40.20 -9.20 -17.93
CA ASP B 471 41.31 -8.57 -17.24
C ASP B 471 41.63 -7.40 -18.16
N TRP B 472 41.52 -6.17 -17.65
CA TRP B 472 41.57 -4.96 -18.50
C TRP B 472 43.00 -4.52 -18.89
N GLY B 473 44.00 -4.94 -18.12
CA GLY B 473 45.38 -4.56 -18.38
C GLY B 473 45.72 -3.21 -17.76
N THR B 474 46.79 -2.58 -18.28
CA THR B 474 47.17 -1.20 -17.95
C THR B 474 46.30 -0.29 -18.77
N PRO B 475 46.04 0.96 -18.30
CA PRO B 475 45.32 1.97 -19.10
C PRO B 475 45.95 2.24 -20.45
N SER B 476 45.10 2.52 -21.44
CA SER B 476 45.53 2.75 -22.81
C SER B 476 45.45 4.21 -23.19
N GLN B 477 44.84 5.00 -22.32
CA GLN B 477 44.61 6.42 -22.59
C GLN B 477 44.63 7.12 -21.27
N TYR B 478 45.10 8.37 -21.26
CA TYR B 478 44.99 9.25 -20.07
C TYR B 478 44.55 10.57 -20.62
N ILE B 479 43.37 11.03 -20.22
CA ILE B 479 42.81 12.27 -20.69
C ILE B 479 43.16 13.35 -19.67
N ASP B 480 43.44 14.55 -20.17
CA ASP B 480 43.62 15.75 -19.35
C ASP B 480 43.20 16.87 -20.30
N ASP B 481 42.01 17.44 -20.04
CA ASP B 481 41.36 18.44 -20.88
C ASP B 481 40.83 19.45 -19.91
N LYS B 482 40.98 20.72 -20.24
CA LYS B 482 40.49 21.83 -19.42
C LYS B 482 39.53 22.74 -20.24
N THR B 483 38.35 23.06 -19.69
CA THR B 483 37.50 24.07 -20.32
C THR B 483 37.35 25.26 -19.37
N ARG B 484 37.88 26.43 -19.75
CA ARG B 484 37.63 27.68 -19.02
C ARG B 484 36.76 28.65 -19.82
N GLN B 485 35.72 29.16 -19.14
CA GLN B 485 34.77 30.13 -19.73
C GLN B 485 34.41 31.33 -18.87
N LEU B 486 34.68 32.51 -19.41
CA LEU B 486 34.24 33.78 -18.85
C LEU B 486 32.88 34.21 -19.44
N GLY B 487 32.17 35.13 -18.76
CA GLY B 487 31.03 35.84 -19.36
C GLY B 487 30.68 37.17 -18.73
N SER B 488 30.23 38.12 -19.51
CA SER B 488 29.73 39.35 -18.92
C SER B 488 28.47 39.71 -19.70
N TYR B 489 27.42 40.11 -18.98
CA TYR B 489 26.11 40.37 -19.60
C TYR B 489 25.38 41.50 -18.92
N MET B 490 24.79 42.40 -19.73
CA MET B 490 23.88 43.45 -19.28
C MET B 490 22.56 43.16 -20.02
N THR B 491 21.43 43.31 -19.32
CA THR B 491 20.12 43.19 -19.97
C THR B 491 19.18 44.25 -19.42
N ALA B 492 18.67 45.10 -20.29
CA ALA B 492 17.74 46.07 -19.81
C ALA B 492 16.38 45.71 -20.34
N ARG B 493 15.36 46.04 -19.54
CA ARG B 493 13.98 46.04 -19.97
C ARG B 493 13.41 47.44 -19.77
N PHE B 494 13.34 48.18 -20.88
CA PHE B 494 12.78 49.52 -20.91
C PHE B 494 11.29 49.38 -20.97
N ASN B 495 10.64 50.06 -20.03
CA ASN B 495 9.23 50.34 -20.06
C ASN B 495 8.97 51.57 -20.95
N VAL B 496 8.54 51.36 -22.20
CA VAL B 496 8.40 52.46 -23.17
C VAL B 496 7.03 53.16 -23.15
N THR B 497 5.95 52.48 -23.56
CA THR B 497 4.53 52.84 -23.25
C THR B 497 4.11 52.01 -22.02
N ASP B 498 2.83 52.07 -21.65
CA ASP B 498 2.28 51.22 -20.58
C ASP B 498 1.90 49.82 -21.13
N ASP B 499 2.10 49.65 -22.44
CA ASP B 499 1.85 48.44 -23.22
C ASP B 499 3.14 47.86 -23.85
N LEU B 500 4.18 48.68 -23.94
CA LEU B 500 5.35 48.32 -24.75
C LEU B 500 6.59 48.27 -23.87
N ASN B 501 7.30 47.15 -23.96
CA ASN B 501 8.52 46.91 -23.20
C ASN B 501 9.62 46.51 -24.17
N LEU B 502 10.69 47.30 -24.26
CA LEU B 502 11.84 46.95 -25.12
C LEU B 502 12.90 46.21 -24.28
N PHE B 503 13.44 45.09 -24.79
CA PHE B 503 14.54 44.34 -24.17
C PHE B 503 15.82 44.46 -24.97
N LEU B 504 16.79 45.19 -24.46
CA LEU B 504 18.12 45.23 -25.07
C LEU B 504 19.12 44.68 -24.08
N GLY B 505 19.78 43.60 -24.49
CA GLY B 505 20.73 42.90 -23.65
C GLY B 505 21.84 42.29 -24.45
N GLY B 506 22.68 41.47 -23.82
CA GLY B 506 23.76 40.81 -24.56
C GLY B 506 24.92 40.36 -23.70
N ARG B 507 25.75 39.47 -24.22
CA ARG B 507 26.80 38.84 -23.39
C ARG B 507 28.08 38.70 -24.19
N VAL B 508 29.22 39.17 -23.65
CA VAL B 508 30.54 38.92 -24.29
C VAL B 508 31.23 37.66 -23.73
N VAL B 509 31.93 36.92 -24.58
CA VAL B 509 32.32 35.61 -24.15
C VAL B 509 33.76 35.32 -24.43
N ASP B 510 34.42 34.74 -23.44
CA ASP B 510 35.73 34.18 -23.67
C ASP B 510 35.61 32.68 -23.42
N TYR B 511 36.03 31.88 -24.40
CA TYR B 511 36.06 30.40 -24.32
C TYR B 511 37.45 29.87 -24.64
N ARG B 512 37.93 28.94 -23.82
CA ARG B 512 39.30 28.35 -23.93
C ARG B 512 39.21 26.86 -23.57
N VAL B 513 39.64 25.99 -24.48
CA VAL B 513 39.88 24.58 -24.11
C VAL B 513 41.29 24.14 -24.47
N THR B 514 42.03 23.76 -23.43
CA THR B 514 43.35 23.18 -23.58
C THR B 514 43.34 21.69 -23.18
N GLY B 515 44.13 20.89 -23.87
CA GLY B 515 44.33 19.48 -23.56
C GLY B 515 45.37 18.89 -24.49
N LEU B 516 44.96 17.85 -25.21
CA LEU B 516 45.83 17.09 -26.08
C LEU B 516 45.82 17.71 -27.44
N ASN B 517 44.69 18.29 -27.80
CA ASN B 517 44.59 18.88 -29.10
C ASN B 517 45.06 20.32 -29.14
N PRO B 518 45.40 20.79 -30.35
CA PRO B 518 45.51 22.22 -30.60
C PRO B 518 44.47 22.93 -29.73
N THR B 519 44.93 23.98 -29.05
CA THR B 519 44.08 24.84 -28.22
C THR B 519 42.95 25.46 -29.03
N ILE B 520 41.72 25.36 -28.52
CA ILE B 520 40.58 26.11 -29.07
C ILE B 520 40.31 27.38 -28.24
N ARG B 521 40.28 28.55 -28.89
CA ARG B 521 40.20 29.84 -28.17
C ARG B 521 39.27 30.84 -28.85
N GLU B 522 38.14 31.21 -28.23
CA GLU B 522 37.37 32.40 -28.71
C GLU B 522 37.36 33.54 -27.70
N SER B 523 37.67 34.73 -28.19
CA SER B 523 37.65 35.93 -27.39
C SER B 523 36.65 36.94 -27.88
N GLY B 524 35.96 37.55 -26.92
CA GLY B 524 35.19 38.77 -27.14
C GLY B 524 33.98 38.68 -28.04
N ARG B 525 33.52 37.46 -28.31
CA ARG B 525 32.35 37.19 -29.18
C ARG B 525 31.10 37.75 -28.53
N PHE B 526 30.31 38.51 -29.29
CA PHE B 526 29.09 39.10 -28.75
C PHE B 526 27.87 38.22 -29.03
N ILE B 527 27.03 38.02 -28.00
CA ILE B 527 25.74 37.31 -28.15
C ILE B 527 24.61 38.31 -27.87
N PRO B 528 23.92 38.79 -28.93
CA PRO B 528 22.90 39.83 -28.86
C PRO B 528 21.56 39.32 -28.39
N TYR B 529 20.87 40.14 -27.62
CA TYR B 529 19.49 39.87 -27.20
C TYR B 529 18.60 41.06 -27.56
N VAL B 530 17.64 40.81 -28.45
CA VAL B 530 16.66 41.84 -28.72
C VAL B 530 15.29 41.16 -28.68
N GLY B 531 14.37 41.82 -27.99
CA GLY B 531 13.01 41.34 -27.87
C GLY B 531 12.19 42.52 -27.49
N ALA B 532 10.86 42.37 -27.56
CA ALA B 532 9.88 43.37 -27.12
C ALA B 532 8.52 42.67 -26.86
N VAL B 533 7.71 43.28 -26.01
CA VAL B 533 6.39 42.72 -25.70
C VAL B 533 5.35 43.83 -25.51
N TYR B 534 4.30 43.72 -26.32
CA TYR B 534 3.21 44.71 -26.49
C TYR B 534 1.88 44.14 -25.94
N ASP B 535 1.30 44.77 -24.91
CA ASP B 535 0.02 44.34 -24.33
C ASP B 535 -1.15 44.70 -25.29
N LEU B 536 -2.19 43.88 -25.35
CA LEU B 536 -3.33 44.22 -26.21
C LEU B 536 -4.53 44.63 -25.36
N ASN B 537 -4.93 43.73 -24.47
CA ASN B 537 -5.93 44.01 -23.43
C ASN B 537 -5.37 43.45 -22.13
N ASP B 538 -6.23 43.27 -21.10
CA ASP B 538 -5.85 42.66 -19.79
C ASP B 538 -5.46 41.18 -19.91
N THR B 539 -5.86 40.52 -20.99
CA THR B 539 -5.61 39.10 -21.24
C THR B 539 -4.32 38.79 -22.04
N TYR B 540 -4.17 39.39 -23.22
CA TYR B 540 -3.17 38.96 -24.22
C TYR B 540 -2.03 39.99 -24.47
N SER B 541 -0.85 39.50 -24.87
CA SER B 541 0.25 40.34 -25.41
C SER B 541 0.90 39.68 -26.61
N VAL B 542 1.21 40.45 -27.66
CA VAL B 542 2.12 39.97 -28.70
C VAL B 542 3.52 40.24 -28.24
N TYR B 543 4.44 39.32 -28.57
CA TYR B 543 5.86 39.51 -28.35
C TYR B 543 6.69 39.00 -29.56
N ALA B 544 7.92 39.49 -29.68
CA ALA B 544 8.85 39.06 -30.72
C ALA B 544 10.27 39.13 -30.16
N SER B 545 11.18 38.30 -30.68
CA SER B 545 12.59 38.29 -30.24
C SER B 545 13.58 37.75 -31.28
N TYR B 546 14.81 38.23 -31.18
CA TYR B 546 15.97 37.69 -31.88
C TYR B 546 16.97 37.23 -30.83
N THR B 547 17.18 35.92 -30.71
CA THR B 547 18.16 35.37 -29.79
C THR B 547 19.28 34.62 -30.52
N ASP B 548 20.43 34.51 -29.87
CA ASP B 548 21.61 33.85 -30.47
C ASP B 548 22.22 32.83 -29.49
N ILE B 549 22.89 31.79 -29.99
CA ILE B 549 23.87 31.07 -29.18
C ILE B 549 25.01 30.57 -30.06
N PHE B 550 26.16 30.21 -29.49
CA PHE B 550 27.26 29.58 -30.26
C PHE B 550 28.00 28.52 -29.47
N MET B 551 28.80 27.70 -30.15
CA MET B 551 29.55 26.63 -29.48
C MET B 551 30.83 26.35 -30.24
N PRO B 552 31.98 26.47 -29.59
CA PRO B 552 33.19 26.19 -30.35
C PRO B 552 33.29 24.74 -30.83
N GLN B 553 33.69 24.55 -32.07
CA GLN B 553 33.63 23.21 -32.66
C GLN B 553 34.35 22.10 -31.86
N ASP B 554 33.86 20.84 -31.91
CA ASP B 554 34.64 19.71 -31.36
C ASP B 554 35.90 19.57 -32.13
N SER B 555 36.79 18.78 -31.61
CA SER B 555 38.16 18.95 -31.95
C SER B 555 38.44 18.56 -33.41
N TRP B 556 37.79 17.46 -33.85
CA TRP B 556 38.04 16.78 -35.15
C TRP B 556 37.49 17.46 -36.43
N TYR B 557 36.46 18.27 -36.25
CA TYR B 557 35.83 19.03 -37.31
C TYR B 557 36.68 20.16 -37.92
N ARG B 558 37.55 19.83 -38.88
CA ARG B 558 38.46 20.82 -39.48
C ARG B 558 38.32 20.86 -41.00
N ASP B 559 38.57 22.01 -41.63
CA ASP B 559 38.46 22.17 -43.08
C ASP B 559 39.64 21.57 -43.86
N SER B 560 39.66 21.74 -45.21
CA SER B 560 40.81 21.42 -46.09
C SER B 560 42.13 21.90 -45.49
N SER B 561 42.13 23.14 -45.00
CA SER B 561 43.39 23.79 -44.62
C SER B 561 43.82 23.32 -43.27
N ASN B 562 43.13 22.32 -42.75
CA ASN B 562 43.39 21.76 -41.43
C ASN B 562 43.12 22.77 -40.30
N LYS B 563 42.44 23.88 -40.61
CA LYS B 563 42.05 24.85 -39.57
C LYS B 563 40.68 24.52 -38.98
N LEU B 564 40.53 24.68 -37.66
CA LEU B 564 39.23 24.38 -37.02
C LEU B 564 38.04 25.06 -37.74
N LEU B 565 36.83 24.54 -37.53
CA LEU B 565 35.66 25.15 -38.14
C LEU B 565 35.21 26.26 -37.24
N GLU B 566 34.84 27.37 -37.86
CA GLU B 566 34.20 28.47 -37.16
C GLU B 566 33.07 27.88 -36.25
N PRO B 567 32.89 28.41 -35.01
CA PRO B 567 31.91 27.79 -34.08
C PRO B 567 30.46 27.60 -34.61
N ASP B 568 29.91 26.38 -34.44
CA ASP B 568 28.49 25.99 -34.68
C ASP B 568 27.57 26.87 -33.80
N GLU B 569 26.65 27.56 -34.46
CA GLU B 569 26.13 28.88 -34.04
C GLU B 569 24.75 29.08 -34.72
N GLY B 570 23.77 29.60 -34.01
CA GLY B 570 22.53 29.95 -34.69
C GLY B 570 21.69 31.04 -34.09
N GLN B 571 20.78 31.58 -34.89
CA GLN B 571 19.83 32.59 -34.39
C GLN B 571 18.37 32.08 -34.35
N ASN B 572 17.66 32.46 -33.29
CA ASN B 572 16.23 32.16 -33.15
C ASN B 572 15.35 33.42 -33.44
N TYR B 573 14.36 33.27 -34.33
CA TYR B 573 13.45 34.40 -34.67
C TYR B 573 12.04 33.93 -34.39
N GLU B 574 11.36 34.63 -33.48
CA GLU B 574 10.06 34.21 -33.00
C GLU B 574 9.07 35.36 -32.84
N ILE B 575 7.90 35.23 -33.45
CA ILE B 575 6.81 36.11 -33.12
C ILE B 575 5.76 35.20 -32.47
N GLY B 576 4.96 35.77 -31.58
CA GLY B 576 3.96 35.01 -30.82
C GLY B 576 2.98 35.82 -29.98
N ILE B 577 1.97 35.10 -29.47
CA ILE B 577 0.94 35.70 -28.66
C ILE B 577 0.83 34.84 -27.39
N LYS B 578 0.66 35.47 -26.25
CA LYS B 578 0.47 34.73 -24.99
C LYS B 578 -0.75 35.20 -24.18
N GLY B 579 -1.56 34.23 -23.74
CA GLY B 579 -2.68 34.48 -22.78
C GLY B 579 -2.45 34.22 -21.28
N GLU B 580 -3.16 34.97 -20.47
CA GLU B 580 -3.11 34.87 -19.02
C GLU B 580 -4.51 35.10 -18.44
N TYR B 581 -4.91 34.22 -17.57
CA TYR B 581 -6.28 34.22 -17.15
C TYR B 581 -6.36 33.94 -15.65
N LEU B 582 -7.41 34.48 -15.01
CA LEU B 582 -7.69 34.25 -13.58
C LEU B 582 -6.44 34.52 -12.78
N ASP B 583 -6.00 35.79 -12.81
CA ASP B 583 -4.86 36.33 -12.04
C ASP B 583 -3.56 35.60 -12.22
N GLY B 584 -3.47 34.73 -13.20
CA GLY B 584 -2.20 34.06 -13.47
C GLY B 584 -2.15 32.59 -13.13
N ARG B 585 -3.31 32.07 -12.74
CA ARG B 585 -3.54 30.66 -12.53
C ARG B 585 -3.64 29.88 -13.86
N LEU B 586 -4.02 30.54 -14.96
CA LEU B 586 -3.99 29.84 -16.26
C LEU B 586 -3.26 30.58 -17.38
N ASN B 587 -2.48 29.86 -18.19
CA ASN B 587 -1.62 30.49 -19.20
C ASN B 587 -1.79 29.86 -20.58
N THR B 588 -1.89 30.65 -21.64
CA THR B 588 -1.77 30.10 -22.98
C THR B 588 -0.68 30.77 -23.83
N SER B 589 -0.29 30.08 -24.92
CA SER B 589 0.75 30.58 -25.82
C SER B 589 0.64 29.96 -27.19
N LEU B 590 1.04 30.72 -28.21
CA LEU B 590 1.08 30.26 -29.61
C LEU B 590 2.25 30.99 -30.29
N ALA B 591 3.24 30.24 -30.76
CA ALA B 591 4.43 30.87 -31.41
C ALA B 591 4.74 30.35 -32.80
N TYR B 592 5.15 31.24 -33.70
CA TYR B 592 5.91 30.82 -34.89
C TYR B 592 7.41 31.09 -34.57
N PHE B 593 8.30 30.13 -34.90
CA PHE B 593 9.74 30.31 -34.75
C PHE B 593 10.54 29.78 -35.95
N GLU B 594 11.76 30.27 -36.06
CA GLU B 594 12.62 29.87 -37.16
C GLU B 594 14.03 29.94 -36.64
N ILE B 595 14.75 28.82 -36.70
CA ILE B 595 16.18 28.81 -36.33
C ILE B 595 17.11 28.78 -37.53
N HIS B 596 18.03 29.72 -37.58
CA HIS B 596 19.03 29.79 -38.64
C HIS B 596 20.41 29.51 -38.07
N GLU B 597 20.80 28.24 -38.17
CA GLU B 597 22.15 27.75 -37.89
C GLU B 597 23.20 28.02 -38.99
N GLU B 598 24.43 28.32 -38.58
CA GLU B 598 25.61 28.37 -39.52
C GLU B 598 26.86 27.61 -38.97
N ASN B 599 27.78 27.23 -39.86
CA ASN B 599 28.87 26.32 -39.53
C ASN B 599 28.43 24.96 -38.96
N ARG B 600 27.33 24.40 -39.44
CA ARG B 600 26.99 23.06 -39.05
C ARG B 600 27.93 22.20 -39.84
N ALA B 601 28.67 21.36 -39.15
CA ALA B 601 29.70 20.53 -39.76
C ALA B 601 29.14 19.40 -40.58
N GLU B 602 29.34 19.42 -41.92
CA GLU B 602 29.09 18.23 -42.76
C GLU B 602 30.45 17.76 -43.32
N GLU B 603 30.53 16.54 -43.86
CA GLU B 603 31.79 15.97 -44.31
C GLU B 603 32.56 16.77 -45.37
N ASP B 604 31.99 17.04 -46.54
CA ASP B 604 32.88 17.55 -47.65
C ASP B 604 33.43 16.39 -48.46
N ALA B 605 32.54 15.82 -49.27
CA ALA B 605 32.82 14.59 -49.94
C ALA B 605 33.69 14.80 -51.17
N LEU B 606 33.66 16.03 -51.72
CA LEU B 606 34.50 16.34 -52.89
C LEU B 606 35.96 16.49 -52.47
N TYR B 607 36.22 17.17 -51.34
CA TYR B 607 37.58 17.17 -50.87
C TYR B 607 37.98 15.71 -50.60
N ASN B 608 37.21 15.07 -49.74
CA ASN B 608 37.56 13.75 -49.33
C ASN B 608 37.81 12.71 -50.47
N SER B 609 37.21 12.89 -51.65
CA SER B 609 37.27 11.84 -52.68
C SER B 609 38.62 11.78 -53.36
N LYS B 610 39.30 12.92 -53.43
CA LYS B 610 40.76 12.96 -53.62
C LYS B 610 41.39 14.20 -53.02
N PRO B 611 41.83 14.09 -51.76
CA PRO B 611 42.46 15.16 -50.97
C PRO B 611 43.77 15.61 -51.57
N THR B 612 44.16 16.86 -51.27
CA THR B 612 45.44 17.44 -51.71
C THR B 612 46.33 17.86 -50.54
N ASN B 613 45.78 18.00 -49.36
CA ASN B 613 46.60 18.36 -48.21
C ASN B 613 46.80 17.16 -47.27
N PRO B 614 48.04 16.65 -47.16
CA PRO B 614 48.31 15.50 -46.27
C PRO B 614 48.06 15.74 -44.79
N ALA B 615 47.89 16.98 -44.35
CA ALA B 615 47.72 17.19 -42.92
C ALA B 615 46.36 16.66 -42.53
N ILE B 616 45.46 16.51 -43.50
CA ILE B 616 44.10 16.02 -43.28
C ILE B 616 43.55 15.32 -44.52
N THR B 617 43.13 14.06 -44.32
CA THR B 617 42.70 13.18 -45.39
C THR B 617 41.19 13.08 -45.33
N TYR B 618 40.64 13.55 -44.23
CA TYR B 618 39.24 13.52 -44.08
C TYR B 618 38.77 14.82 -43.40
N ALA B 619 38.26 15.75 -44.22
CA ALA B 619 37.90 17.08 -43.76
C ALA B 619 36.41 17.30 -43.72
N TYR B 620 36.00 18.42 -43.15
CA TYR B 620 34.62 18.79 -42.98
C TYR B 620 34.50 20.19 -43.51
N LYS B 621 33.28 20.61 -43.80
CA LYS B 621 32.95 22.01 -44.11
C LYS B 621 31.75 22.41 -43.26
N GLY B 622 31.59 23.71 -43.07
CA GLY B 622 30.41 24.31 -42.44
C GLY B 622 29.34 24.82 -43.41
N ILE B 623 28.14 24.22 -43.31
CA ILE B 623 26.94 24.61 -44.06
C ILE B 623 25.90 25.24 -43.13
N LYS B 624 25.06 26.09 -43.73
CA LYS B 624 23.87 26.69 -43.09
C LYS B 624 22.78 25.62 -42.87
N ALA B 625 21.91 25.79 -41.90
CA ALA B 625 20.71 24.93 -41.77
C ALA B 625 19.56 25.73 -41.16
N LYS B 626 18.33 25.35 -41.43
CA LYS B 626 17.22 26.14 -40.97
C LYS B 626 16.15 25.25 -40.29
N THR B 627 15.61 25.72 -39.16
CA THR B 627 14.38 25.14 -38.64
C THR B 627 13.25 26.13 -38.84
N LYS B 628 12.24 25.73 -39.62
CA LYS B 628 10.92 26.43 -39.63
C LYS B 628 9.85 25.60 -38.81
N GLY B 629 9.14 26.25 -37.88
CA GLY B 629 8.13 25.57 -37.04
C GLY B 629 7.19 26.45 -36.23
N TYR B 630 6.26 25.83 -35.52
CA TYR B 630 5.31 26.57 -34.65
C TYR B 630 4.88 25.76 -33.42
N GLU B 631 4.38 26.46 -32.42
CA GLU B 631 4.11 25.82 -31.15
C GLU B 631 2.94 26.47 -30.40
N ALA B 632 1.95 25.64 -30.06
CA ALA B 632 0.79 26.05 -29.20
C ALA B 632 0.87 25.38 -27.80
N GLU B 633 0.74 26.14 -26.71
CA GLU B 633 0.69 25.46 -25.40
C GLU B 633 -0.12 26.08 -24.27
N ILE B 634 -0.61 25.24 -23.38
CA ILE B 634 -1.56 25.66 -22.33
C ILE B 634 -1.22 25.04 -20.97
N SER B 635 -1.29 25.87 -19.93
CA SER B 635 -0.98 25.39 -18.58
C SER B 635 -1.80 26.07 -17.52
N GLY B 636 -2.23 25.26 -16.56
CA GLY B 636 -2.81 25.79 -15.33
C GLY B 636 -4.22 25.34 -15.08
N GLU B 637 -4.99 26.24 -14.45
CA GLU B 637 -6.38 25.97 -13.97
C GLU B 637 -7.48 26.04 -15.03
N LEU B 638 -8.15 24.92 -15.24
CA LEU B 638 -9.16 24.79 -16.28
C LEU B 638 -10.54 24.95 -15.64
N ALA B 639 -10.65 24.59 -14.36
CA ALA B 639 -11.84 24.85 -13.58
C ALA B 639 -11.35 24.67 -12.14
N PRO B 640 -12.19 24.99 -11.11
CA PRO B 640 -11.68 24.93 -9.71
C PRO B 640 -10.73 23.78 -9.25
N GLY B 641 -10.99 22.51 -9.54
CA GLY B 641 -9.96 21.53 -9.14
C GLY B 641 -9.24 20.77 -10.26
N TRP B 642 -9.15 21.39 -11.43
CA TRP B 642 -8.86 20.66 -12.65
C TRP B 642 -7.68 21.32 -13.32
N GLN B 643 -6.54 20.61 -13.37
CA GLN B 643 -5.29 21.12 -13.94
C GLN B 643 -4.92 20.45 -15.26
N VAL B 644 -4.29 21.20 -16.17
CA VAL B 644 -3.65 20.69 -17.40
C VAL B 644 -2.25 21.22 -17.64
N GLN B 645 -1.41 20.38 -18.24
CA GLN B 645 -0.36 20.88 -19.08
C GLN B 645 -0.44 20.20 -20.44
N ALA B 646 -0.83 20.97 -21.47
CA ALA B 646 -0.86 20.49 -22.87
C ALA B 646 -0.06 21.40 -23.80
N GLY B 647 0.33 20.85 -24.95
CA GLY B 647 0.97 21.66 -26.00
C GLY B 647 1.09 20.90 -27.30
N TYR B 648 1.38 21.63 -28.36
CA TYR B 648 1.59 21.04 -29.69
C TYR B 648 2.73 21.78 -30.41
N THR B 649 3.58 21.04 -31.09
CA THR B 649 4.76 21.62 -31.73
C THR B 649 4.94 20.98 -33.08
N HIS B 650 5.08 21.81 -34.11
CA HIS B 650 5.43 21.33 -35.44
C HIS B 650 6.90 21.73 -35.73
N LYS B 651 7.72 20.89 -36.37
CA LYS B 651 9.03 21.37 -36.84
C LYS B 651 9.49 20.69 -38.13
N ILE B 652 10.25 21.39 -38.95
CA ILE B 652 11.06 20.74 -39.97
C ILE B 652 12.43 21.45 -39.96
N ILE B 653 13.53 20.69 -39.80
CA ILE B 653 14.86 21.31 -39.99
C ILE B 653 15.62 20.79 -41.25
N ARG B 654 15.96 21.72 -42.13
CA ARG B 654 16.60 21.31 -43.40
C ARG B 654 18.00 21.85 -43.64
N ASP B 655 18.72 21.16 -44.51
CA ASP B 655 20.02 21.61 -45.03
C ASP B 655 20.01 22.85 -45.89
N ASP B 656 21.15 23.53 -45.86
CA ASP B 656 21.75 24.20 -47.01
C ASP B 656 21.08 23.69 -48.34
N SER B 657 21.21 22.38 -48.59
CA SER B 657 20.82 21.76 -49.85
C SER B 657 19.34 21.36 -49.89
N GLY B 658 18.64 21.56 -48.79
CA GLY B 658 17.22 21.29 -48.73
C GLY B 658 16.93 19.96 -48.10
N LYS B 659 17.98 19.18 -47.77
CA LYS B 659 17.79 17.83 -47.26
C LYS B 659 17.32 17.86 -45.78
N LYS B 660 16.39 16.97 -45.43
CA LYS B 660 15.91 16.82 -44.06
C LYS B 660 16.98 16.25 -43.10
N VAL B 661 16.85 16.70 -41.85
CA VAL B 661 17.89 16.51 -40.83
C VAL B 661 17.18 16.28 -39.47
N SER B 662 17.83 15.66 -38.50
CA SER B 662 17.13 15.14 -37.29
C SER B 662 15.81 14.40 -37.55
N THR B 663 15.82 13.50 -38.51
CA THR B 663 14.56 12.95 -38.99
C THR B 663 13.87 12.01 -37.99
N TRP B 664 14.64 11.52 -36.99
CA TRP B 664 14.19 10.68 -35.87
C TRP B 664 13.38 11.49 -34.85
N GLU B 665 13.61 12.80 -34.82
CA GLU B 665 12.76 13.70 -34.06
C GLU B 665 11.55 13.99 -34.95
N PRO B 666 10.31 13.75 -34.45
CA PRO B 666 9.09 13.83 -35.24
C PRO B 666 8.74 15.22 -35.73
N GLN B 667 8.10 15.34 -36.89
CA GLN B 667 7.71 16.64 -37.42
C GLN B 667 6.53 17.28 -36.66
N ASP B 668 5.69 16.44 -36.07
CA ASP B 668 4.57 16.91 -35.24
C ASP B 668 4.52 16.16 -33.92
N GLN B 669 4.24 16.88 -32.83
CA GLN B 669 4.00 16.26 -31.51
C GLN B 669 2.91 16.95 -30.68
N LEU B 670 2.25 16.14 -29.85
CA LEU B 670 1.13 16.52 -28.99
C LEU B 670 1.38 15.91 -27.62
N SER B 671 1.23 16.74 -26.59
CA SER B 671 1.22 16.37 -25.16
C SER B 671 -0.02 16.91 -24.44
N LEU B 672 -0.73 16.06 -23.70
CA LEU B 672 -1.80 16.54 -22.81
C LEU B 672 -1.72 15.77 -21.48
N TYR B 673 -1.53 16.50 -20.39
CA TYR B 673 -1.64 15.91 -19.07
C TYR B 673 -2.66 16.66 -18.24
N THR B 674 -3.61 15.93 -17.66
CA THR B 674 -4.63 16.55 -16.82
C THR B 674 -4.88 15.81 -15.50
N SER B 675 -5.35 16.51 -14.49
CA SER B 675 -5.73 15.85 -13.24
C SER B 675 -6.91 16.58 -12.61
N TYR B 676 -7.69 15.91 -11.75
CA TYR B 676 -8.93 16.50 -11.19
C TYR B 676 -9.22 16.10 -9.74
N LYS B 677 -9.29 17.10 -8.86
CA LYS B 677 -9.62 16.90 -7.45
C LYS B 677 -11.10 16.99 -7.20
N PHE B 678 -11.76 15.86 -6.90
CA PHE B 678 -13.22 15.89 -6.73
C PHE B 678 -13.74 16.75 -5.54
N LYS B 679 -15.04 17.03 -5.55
CA LYS B 679 -15.64 17.92 -4.56
C LYS B 679 -16.65 17.13 -3.71
N GLY B 680 -17.06 17.70 -2.57
CA GLY B 680 -17.91 17.02 -1.57
C GLY B 680 -17.50 15.62 -1.08
N ALA B 681 -18.43 14.67 -1.23
CA ALA B 681 -18.22 13.30 -0.77
C ALA B 681 -16.91 12.63 -1.30
N LEU B 682 -16.59 12.84 -2.56
CA LEU B 682 -15.44 12.19 -3.09
C LEU B 682 -14.19 13.09 -3.06
N ASP B 683 -14.07 13.99 -2.09
CA ASP B 683 -13.06 15.09 -2.16
C ASP B 683 -11.63 14.69 -1.77
N LYS B 684 -11.53 13.43 -1.38
CA LYS B 684 -10.28 12.81 -1.00
C LYS B 684 -9.63 12.07 -2.22
N LEU B 685 -10.42 11.97 -3.29
CA LEU B 685 -10.01 11.34 -4.54
C LEU B 685 -9.47 12.39 -5.51
N THR B 686 -8.30 12.10 -6.09
CA THR B 686 -7.78 12.87 -7.19
C THR B 686 -7.59 11.92 -8.38
N VAL B 687 -8.27 12.20 -9.50
CA VAL B 687 -8.16 11.33 -10.73
C VAL B 687 -7.35 12.05 -11.81
N GLY B 688 -6.53 11.35 -12.57
CA GLY B 688 -5.94 12.02 -13.71
C GLY B 688 -5.37 11.13 -14.78
N GLY B 689 -5.02 11.70 -15.93
CA GLY B 689 -4.31 10.91 -16.94
C GLY B 689 -3.60 11.80 -17.93
N GLY B 690 -3.25 11.22 -19.07
CA GLY B 690 -2.61 12.00 -20.10
C GLY B 690 -2.17 11.15 -21.26
N ALA B 691 -2.04 11.81 -22.39
CA ALA B 691 -1.56 11.12 -23.54
C ALA B 691 -0.46 11.93 -24.23
N ARG B 692 0.41 11.22 -24.94
CA ARG B 692 1.31 11.82 -25.92
C ARG B 692 1.15 11.11 -27.26
N TRP B 693 1.19 11.84 -28.36
CA TRP B 693 1.16 11.20 -29.63
C TRP B 693 2.29 11.84 -30.32
N GLN B 694 2.85 11.13 -31.31
CA GLN B 694 3.77 11.76 -32.28
C GLN B 694 3.62 11.17 -33.72
N GLY B 695 4.11 11.94 -34.68
CA GLY B 695 4.09 11.53 -36.07
C GLY B 695 5.19 10.57 -36.52
N LYS B 696 5.23 10.36 -37.83
CA LYS B 696 6.33 9.62 -38.44
C LYS B 696 7.69 10.24 -38.04
N SER B 697 8.52 9.37 -37.45
CA SER B 697 9.96 9.62 -37.46
C SER B 697 10.66 8.46 -38.16
N TRP B 698 11.90 8.67 -38.59
CA TRP B 698 12.70 7.66 -39.26
C TRP B 698 14.22 7.95 -39.23
N GLN B 699 14.98 6.89 -39.53
CA GLN B 699 16.43 6.98 -39.57
C GLN B 699 16.89 6.21 -40.76
N MET B 700 17.95 6.73 -41.35
CA MET B 700 18.48 6.18 -42.51
C MET B 700 19.70 5.34 -41.98
N VAL B 701 19.64 4.01 -42.07
CA VAL B 701 20.72 3.11 -41.55
C VAL B 701 21.43 2.25 -42.60
N TYR B 702 22.68 1.91 -42.32
CA TYR B 702 23.51 1.22 -43.30
C TYR B 702 23.67 -0.21 -42.90
N ASN B 703 23.12 -1.09 -43.71
CA ASN B 703 23.30 -2.50 -43.61
C ASN B 703 24.64 -2.83 -44.23
N ASN B 704 25.67 -3.09 -43.41
CA ASN B 704 27.07 -3.29 -43.87
C ASN B 704 27.29 -4.60 -44.66
N PRO B 705 26.76 -5.76 -44.19
CA PRO B 705 26.98 -6.95 -44.99
C PRO B 705 26.30 -6.88 -46.36
N ARG B 706 25.10 -6.31 -46.47
CA ARG B 706 24.45 -6.16 -47.83
C ARG B 706 24.78 -4.87 -48.61
N SER B 707 25.60 -4.01 -48.01
CA SER B 707 26.12 -2.80 -48.60
C SER B 707 25.05 -1.93 -49.18
N ARG B 708 24.18 -1.43 -48.32
CA ARG B 708 23.07 -0.68 -48.81
C ARG B 708 22.42 0.09 -47.69
N TRP B 709 21.84 1.23 -48.05
CA TRP B 709 21.00 1.95 -47.10
C TRP B 709 19.59 1.34 -46.90
N GLU B 710 19.05 1.51 -45.72
CA GLU B 710 17.69 1.15 -45.48
C GLU B 710 17.00 2.28 -44.69
N LYS B 711 15.78 2.64 -45.09
CA LYS B 711 14.92 3.51 -44.25
C LYS B 711 14.28 2.67 -43.15
N PHE B 712 14.42 3.10 -41.90
CA PHE B 712 13.77 2.45 -40.79
C PHE B 712 12.77 3.40 -40.21
N SER B 713 11.51 3.01 -40.19
CA SER B 713 10.48 3.92 -39.70
C SER B 713 9.88 3.47 -38.37
N GLN B 714 9.42 4.48 -37.60
CA GLN B 714 8.50 4.36 -36.46
C GLN B 714 7.23 5.11 -36.88
N GLU B 715 6.17 4.36 -37.12
CA GLU B 715 4.87 4.93 -37.47
C GLU B 715 4.40 5.84 -36.33
N ASP B 716 3.54 6.83 -36.65
CA ASP B 716 2.85 7.63 -35.61
C ASP B 716 2.26 6.75 -34.45
N TYR B 717 2.44 7.17 -33.18
CA TYR B 717 1.91 6.33 -32.08
C TYR B 717 1.42 7.10 -30.84
N TRP B 718 0.37 6.57 -30.19
CA TRP B 718 -0.07 7.14 -28.89
C TRP B 718 0.64 6.50 -27.64
N LEU B 719 0.94 7.30 -26.63
CA LEU B 719 1.19 6.76 -25.30
C LEU B 719 0.17 7.31 -24.30
N VAL B 720 -0.64 6.46 -23.65
CA VAL B 720 -1.57 6.97 -22.66
C VAL B 720 -1.05 6.64 -21.29
N ASP B 721 -1.31 7.48 -20.28
CA ASP B 721 -1.21 7.03 -18.87
C ASP B 721 -2.27 7.59 -17.96
N LEU B 722 -2.43 6.99 -16.78
CA LEU B 722 -3.56 7.29 -15.87
C LEU B 722 -2.99 7.31 -14.51
N MET B 723 -3.73 7.81 -13.54
CA MET B 723 -3.14 8.17 -12.27
C MET B 723 -4.28 8.31 -11.29
N ALA B 724 -4.09 8.00 -10.02
CA ALA B 724 -5.17 8.27 -9.05
C ALA B 724 -4.58 8.29 -7.65
N ARG B 725 -5.10 9.18 -6.80
CA ARG B 725 -4.58 9.39 -5.44
C ARG B 725 -5.70 9.51 -4.43
N TYR B 726 -5.55 8.89 -3.28
CA TYR B 726 -6.61 9.03 -2.31
C TYR B 726 -6.04 9.39 -0.96
N GLN B 727 -6.58 10.46 -0.42
CA GLN B 727 -6.12 10.97 0.83
C GLN B 727 -6.84 10.25 1.96
N ILE B 728 -6.35 9.05 2.29
CA ILE B 728 -6.94 8.18 3.32
C ILE B 728 -7.06 8.94 4.60
N THR B 729 -5.93 9.49 5.03
CA THR B 729 -5.81 10.21 6.27
C THR B 729 -5.41 11.59 5.92
N ASP B 730 -5.45 12.48 6.90
CA ASP B 730 -4.90 13.83 6.76
C ASP B 730 -3.38 13.80 6.37
N LYS B 731 -2.68 12.74 6.78
CA LYS B 731 -1.23 12.63 6.73
C LYS B 731 -0.80 11.52 5.82
N LEU B 732 -1.72 10.65 5.45
CA LEU B 732 -1.36 9.51 4.65
C LEU B 732 -2.21 9.41 3.44
N SER B 733 -1.55 9.43 2.30
CA SER B 733 -2.20 9.18 1.03
C SER B 733 -1.63 7.93 0.34
N ALA B 734 -2.38 7.41 -0.62
CA ALA B 734 -1.87 6.35 -1.49
C ALA B 734 -2.12 6.67 -2.96
N SER B 735 -1.12 6.50 -3.80
CA SER B 735 -1.30 6.67 -5.24
C SER B 735 -1.00 5.39 -6.07
N VAL B 736 -1.38 5.42 -7.34
CA VAL B 736 -1.07 4.38 -8.30
C VAL B 736 -0.95 5.04 -9.68
N ASN B 737 0.10 4.67 -10.40
CA ASN B 737 0.30 5.18 -11.74
C ASN B 737 0.37 4.07 -12.72
N VAL B 738 -0.44 4.14 -13.77
CA VAL B 738 -0.21 3.24 -14.88
C VAL B 738 0.28 4.03 -16.10
N ASN B 739 1.45 3.65 -16.62
CA ASN B 739 2.10 4.26 -17.76
C ASN B 739 2.12 3.33 -18.98
N ASN B 740 1.94 3.90 -20.18
CA ASN B 740 1.77 3.09 -21.40
C ASN B 740 0.61 2.09 -21.24
N VAL B 741 -0.57 2.61 -20.91
CA VAL B 741 -1.75 1.79 -20.59
C VAL B 741 -2.13 0.81 -21.69
N PHE B 742 -2.01 1.21 -22.95
CA PHE B 742 -2.30 0.28 -24.05
C PHE B 742 -1.11 -0.56 -24.49
N ASP B 743 -0.15 -0.82 -23.60
CA ASP B 743 1.06 -1.62 -23.92
C ASP B 743 1.63 -1.41 -25.36
N LYS B 744 1.59 -0.18 -25.85
CA LYS B 744 2.15 0.11 -27.15
C LYS B 744 3.61 -0.30 -27.24
N THR B 745 4.01 -1.08 -28.24
CA THR B 745 5.43 -1.41 -28.39
C THR B 745 6.03 -0.43 -29.46
N TYR B 746 7.19 0.18 -29.17
CA TYR B 746 7.69 1.28 -30.01
C TYR B 746 9.18 1.52 -29.79
N TYR B 747 9.83 2.23 -30.69
CA TYR B 747 11.25 2.39 -30.54
C TYR B 747 11.68 3.78 -30.07
N THR B 748 12.61 3.78 -29.15
CA THR B 748 13.18 5.03 -28.73
C THR B 748 14.58 5.25 -29.38
N ASN B 749 15.11 4.23 -30.07
CA ASN B 749 16.29 4.43 -30.88
C ASN B 749 16.31 3.44 -32.02
N ILE B 750 16.58 3.95 -33.21
CA ILE B 750 16.99 3.11 -34.33
C ILE B 750 18.11 3.83 -35.05
N GLY B 751 19.22 3.15 -35.27
CA GLY B 751 20.24 3.76 -36.11
C GLY B 751 21.52 4.08 -35.36
N PHE B 752 21.42 4.40 -34.09
CA PHE B 752 22.61 4.75 -33.35
C PHE B 752 23.61 3.60 -33.42
N TYR B 753 24.69 3.75 -34.19
CA TYR B 753 25.66 2.68 -34.38
C TYR B 753 24.97 1.39 -34.72
N THR B 754 24.05 1.56 -35.67
CA THR B 754 23.33 0.49 -36.26
C THR B 754 22.66 -0.37 -35.22
N SER B 755 21.81 0.21 -34.38
CA SER B 755 21.20 -0.52 -33.28
C SER B 755 19.81 0.03 -32.93
N ALA B 756 19.12 -0.63 -32.00
CA ALA B 756 17.84 -0.11 -31.62
C ALA B 756 17.52 -0.29 -30.14
N SER B 757 16.62 0.51 -29.62
CA SER B 757 16.16 0.28 -28.28
C SER B 757 14.65 0.43 -28.17
N TYR B 758 14.06 -0.32 -27.24
CA TYR B 758 12.61 -0.31 -27.01
C TYR B 758 12.11 0.72 -25.96
N GLY B 759 10.93 1.30 -26.16
CA GLY B 759 10.25 2.07 -25.13
C GLY B 759 9.66 1.18 -24.03
N ASP B 760 9.45 1.72 -22.84
CA ASP B 760 8.90 0.93 -21.74
C ASP B 760 7.56 0.31 -22.07
N PRO B 761 7.40 -0.99 -21.79
CA PRO B 761 6.11 -1.66 -21.89
C PRO B 761 5.20 -1.06 -20.87
N ARG B 762 3.92 -1.45 -20.85
CA ARG B 762 3.00 -0.95 -19.84
C ARG B 762 3.64 -1.13 -18.46
N ASN B 763 3.58 -0.14 -17.56
CA ASN B 763 4.02 -0.39 -16.17
C ASN B 763 3.28 0.38 -15.06
N LEU B 764 3.19 -0.18 -13.85
CA LEU B 764 2.55 0.51 -12.74
C LEU B 764 3.58 0.96 -11.75
N MET B 765 3.25 2.04 -11.03
CA MET B 765 3.97 2.43 -9.84
C MET B 765 3.00 2.70 -8.68
N PHE B 766 3.16 1.91 -7.61
CA PHE B 766 2.35 2.12 -6.37
C PHE B 766 3.07 3.01 -5.34
N SER B 767 2.35 3.92 -4.71
CA SER B 767 2.96 4.91 -3.83
C SER B 767 2.20 5.05 -2.53
N THR B 768 2.93 5.42 -1.47
CA THR B 768 2.34 5.80 -0.19
C THR B 768 3.13 6.94 0.31
N ARG B 769 2.47 8.07 0.54
CA ARG B 769 3.15 9.24 1.06
C ARG B 769 2.63 9.61 2.44
N TRP B 770 3.57 9.79 3.37
CA TRP B 770 3.32 10.26 4.72
C TRP B 770 3.83 11.70 4.87
N ASP B 771 2.92 12.61 5.24
CA ASP B 771 3.26 14.02 5.49
C ASP B 771 3.26 14.32 6.97
N PHE B 772 4.38 14.78 7.49
CA PHE B 772 4.39 15.38 8.83
C PHE B 772 4.42 16.91 8.74
#